data_4PCT
#
_entry.id   4PCT
#
_cell.length_a   56.610
_cell.length_b   188.830
_cell.length_c   97.720
_cell.angle_alpha   90.000
_cell.angle_beta   94.300
_cell.angle_gamma   90.000
#
_symmetry.space_group_name_H-M   'P 1 21 1'
#
loop_
_entity.id
_entity.type
_entity.pdbx_description
1 polymer Alpha-L-fucosidase
2 non-polymer 'SULFATE ION'
3 non-polymer IMIDAZOLE
4 non-polymer (2S,3S,4R,5S)-2-ethynyl-5-methylpyrrolidine-3,4-diol
5 water water
#
_entity_poly.entity_id   1
_entity_poly.type   'polypeptide(L)'
_entity_poly.pdbx_seq_one_letter_code
;EIPLKYGATNEGKRQDPAMQKFRDNRLGAFIHWGLYAIPGGEWNGKVYGGAAEWLKSWAKVPADEWLKLMDQWNPTKFDA
KKWAKMAKEMGTKYVKITTKHHEGFCLWPSKYTKYTVANTPYKRDILGELVKAYNDEGIDVHFYFSVMDWSNPDYRYDIK
SKEDSIAFSRFLEFTDNQLKELATRYPTVKDFWFDGTWDASVKKNGWWTAHAEQMLKELVPGVAINSRLRADDKGKRHFD
SNGRLMGDYESGYERRLPDPVKDLKVTQWDWEACMTIPENQWGYHKDWSLSYVKTPIEVIDRIVHAVSMGGNMVVNFGPQ
ADGDFRPEEKAMATAIGKWMNRYGKAVYACDYAGFEKQDWGYYTRGKNDEVYMVVFNQPYSERLIVKTPKGITVEKATLL
TTGEDITVVETTRNEYNVSVPKKNPGEPYVIQLKVRAAK
;
_entity_poly.pdbx_strand_id   A,B,C,D
#
loop_
_chem_comp.id
_chem_comp.type
_chem_comp.name
_chem_comp.formula
H76 non-polymer (2S,3S,4R,5S)-2-ethynyl-5-methylpyrrolidine-3,4-diol 'C7 H11 N O2'
IMD non-polymer IMIDAZOLE 'C3 H5 N2 1'
SO4 non-polymer 'SULFATE ION' 'O4 S -2'
#
# COMPACT_ATOMS: atom_id res chain seq x y z
N GLU A 1 -68.27 -41.95 13.97
CA GLU A 1 -67.46 -40.73 13.64
C GLU A 1 -68.02 -39.53 14.41
N ILE A 2 -67.21 -38.93 15.26
CA ILE A 2 -67.56 -37.65 15.91
C ILE A 2 -67.16 -36.54 14.93
N PRO A 3 -67.99 -35.46 14.78
CA PRO A 3 -67.57 -34.38 13.87
C PRO A 3 -66.56 -33.48 14.57
N LEU A 4 -65.49 -33.11 13.87
CA LEU A 4 -64.40 -32.36 14.49
C LEU A 4 -63.88 -31.33 13.49
N LYS A 5 -63.73 -30.09 13.95
CA LYS A 5 -63.17 -29.01 13.12
C LYS A 5 -61.66 -28.88 13.29
N TYR A 6 -61.13 -29.35 14.42
CA TYR A 6 -59.72 -29.14 14.76
C TYR A 6 -59.02 -30.46 15.06
N GLY A 7 -59.49 -31.51 14.41
CA GLY A 7 -58.91 -32.81 14.56
C GLY A 7 -57.83 -33.02 13.53
N ALA A 8 -57.57 -34.27 13.20
CA ALA A 8 -56.46 -34.62 12.33
C ALA A 8 -56.61 -34.04 10.93
N THR A 9 -55.45 -33.73 10.34
CA THR A 9 -55.30 -33.06 9.05
C THR A 9 -54.85 -34.14 8.04
N ASN A 10 -53.60 -34.63 8.21
CA ASN A 10 -53.01 -35.78 7.47
C ASN A 10 -53.89 -36.99 7.27
N GLU A 11 -53.69 -37.70 6.16
CA GLU A 11 -54.23 -39.05 6.01
C GLU A 11 -53.32 -40.06 6.70
N GLY A 12 -52.37 -40.64 5.98
CA GLY A 12 -51.46 -41.62 6.60
C GLY A 12 -50.14 -40.92 6.87
N LYS A 13 -49.05 -41.60 6.52
CA LYS A 13 -47.71 -41.01 6.63
C LYS A 13 -47.49 -40.04 5.49
N ARG A 14 -46.96 -38.83 5.78
CA ARG A 14 -46.48 -37.92 4.73
C ARG A 14 -45.37 -38.60 3.95
N GLN A 15 -45.41 -38.48 2.63
CA GLN A 15 -44.38 -39.05 1.81
C GLN A 15 -43.66 -38.02 0.91
N ASP A 16 -43.85 -36.74 1.21
CA ASP A 16 -43.09 -35.73 0.52
C ASP A 16 -41.61 -35.86 0.89
N PRO A 17 -40.72 -35.35 0.03
CA PRO A 17 -39.31 -35.45 0.31
C PRO A 17 -38.92 -34.91 1.67
N ALA A 18 -39.59 -33.87 2.18
CA ALA A 18 -39.17 -33.25 3.45
C ALA A 18 -39.42 -34.19 4.63
N MET A 19 -40.56 -34.89 4.61
CA MET A 19 -40.85 -35.90 5.62
C MET A 19 -39.95 -37.13 5.46
N GLN A 20 -39.66 -37.53 4.23
CA GLN A 20 -38.75 -38.65 3.99
C GLN A 20 -37.38 -38.38 4.58
N LYS A 21 -36.98 -37.12 4.53
CA LYS A 21 -35.72 -36.70 5.06
C LYS A 21 -35.74 -36.74 6.59
N PHE A 22 -36.81 -36.18 7.17
CA PHE A 22 -37.01 -36.16 8.61
C PHE A 22 -36.85 -37.61 9.13
N ARG A 23 -37.53 -38.50 8.43
CA ARG A 23 -37.56 -39.93 8.73
C ARG A 23 -36.17 -40.60 8.56
N ASP A 24 -35.57 -40.44 7.39
CA ASP A 24 -34.29 -41.11 7.05
C ASP A 24 -33.13 -40.67 7.90
N ASN A 25 -33.16 -39.43 8.36
CA ASN A 25 -32.24 -38.97 9.34
C ASN A 25 -32.08 -39.97 10.53
N ARG A 26 -33.20 -40.36 11.13
CA ARG A 26 -33.31 -41.36 12.26
C ARG A 26 -32.68 -40.95 13.56
N LEU A 27 -31.43 -40.50 13.56
CA LEU A 27 -30.75 -40.17 14.78
C LEU A 27 -30.52 -38.67 14.98
N GLY A 28 -30.94 -38.14 16.11
CA GLY A 28 -30.79 -36.75 16.41
C GLY A 28 -30.18 -36.52 17.75
N ALA A 29 -29.77 -35.29 18.02
CA ALA A 29 -29.42 -34.85 19.38
C ALA A 29 -30.39 -33.77 19.85
N PHE A 30 -30.55 -33.65 21.17
CA PHE A 30 -31.38 -32.64 21.78
C PHE A 30 -30.42 -31.76 22.57
N ILE A 31 -30.67 -30.46 22.52
CA ILE A 31 -29.92 -29.50 23.30
C ILE A 31 -30.90 -28.75 24.18
N HIS A 32 -30.67 -28.83 25.48
CA HIS A 32 -31.40 -28.07 26.48
C HIS A 32 -30.44 -27.10 27.07
N TRP A 33 -30.59 -25.85 26.68
CA TRP A 33 -29.74 -24.78 27.22
C TRP A 33 -30.61 -23.56 27.52
N GLY A 34 -30.38 -23.01 28.71
CA GLY A 34 -31.18 -21.95 29.26
C GLY A 34 -30.56 -21.50 30.57
N LEU A 35 -31.24 -20.60 31.27
CA LEU A 35 -30.69 -20.00 32.49
C LEU A 35 -30.48 -21.01 33.59
N TYR A 36 -31.27 -22.08 33.54
CA TYR A 36 -31.12 -23.23 34.48
C TYR A 36 -29.72 -23.81 34.52
N ALA A 37 -28.93 -23.62 33.46
CA ALA A 37 -27.56 -24.12 33.43
C ALA A 37 -26.66 -23.45 34.45
N ILE A 38 -27.01 -22.24 34.86
CA ILE A 38 -26.16 -21.45 35.77
C ILE A 38 -26.20 -22.02 37.17
N PRO A 39 -27.38 -22.06 37.82
CA PRO A 39 -27.41 -22.77 39.13
C PRO A 39 -27.13 -24.32 39.10
N GLY A 40 -27.39 -24.98 37.95
CA GLY A 40 -27.06 -26.40 37.79
C GLY A 40 -27.72 -27.32 38.79
N GLY A 41 -28.97 -27.02 39.12
CA GLY A 41 -29.72 -27.80 40.10
C GLY A 41 -29.62 -27.36 41.55
N GLU A 42 -28.81 -26.33 41.84
CA GLU A 42 -28.61 -25.86 43.20
C GLU A 42 -29.17 -24.50 43.40
N TRP A 43 -29.97 -24.35 44.44
CA TRP A 43 -30.50 -23.04 44.83
C TRP A 43 -30.30 -22.77 46.34
N ASN A 44 -29.63 -21.66 46.64
CA ASN A 44 -29.44 -21.24 48.04
C ASN A 44 -28.72 -22.28 48.87
N GLY A 45 -27.64 -22.84 48.34
CA GLY A 45 -26.92 -23.90 49.01
C GLY A 45 -27.61 -25.26 49.05
N LYS A 46 -28.80 -25.40 48.47
CA LYS A 46 -29.49 -26.68 48.46
C LYS A 46 -29.56 -27.30 47.05
N VAL A 47 -29.07 -28.53 46.94
CA VAL A 47 -29.05 -29.27 45.68
C VAL A 47 -30.35 -30.01 45.55
N TYR A 48 -31.08 -29.78 44.47
CA TYR A 48 -32.33 -30.46 44.26
C TYR A 48 -32.14 -31.61 43.24
N GLY A 49 -32.73 -32.77 43.57
CA GLY A 49 -32.64 -33.98 42.76
C GLY A 49 -33.51 -33.99 41.51
N GLY A 50 -34.59 -33.23 41.50
CA GLY A 50 -35.43 -33.12 40.30
C GLY A 50 -34.68 -32.56 39.09
N ALA A 51 -35.32 -32.64 37.93
CA ALA A 51 -34.75 -32.15 36.69
C ALA A 51 -34.27 -30.68 36.83
N ALA A 52 -32.98 -30.42 36.53
CA ALA A 52 -32.40 -29.09 36.73
C ALA A 52 -33.13 -27.95 36.02
N GLU A 53 -33.72 -28.24 34.87
CA GLU A 53 -34.45 -27.21 34.13
C GLU A 53 -35.76 -26.80 34.76
N TRP A 54 -36.18 -27.56 35.76
CA TRP A 54 -37.38 -27.25 36.53
C TRP A 54 -37.01 -26.67 37.90
N LEU A 55 -35.74 -26.28 38.11
CA LEU A 55 -35.30 -25.78 39.43
C LEU A 55 -36.11 -24.61 39.95
N LYS A 56 -36.62 -23.76 39.05
CA LYS A 56 -37.45 -22.65 39.48
C LYS A 56 -38.63 -23.20 40.28
N SER A 57 -39.16 -24.32 39.81
CA SER A 57 -40.29 -24.95 40.47
C SER A 57 -39.87 -25.60 41.76
N TRP A 58 -38.82 -26.41 41.73
CA TRP A 58 -38.42 -27.14 42.92
C TRP A 58 -38.07 -26.21 44.07
N ALA A 59 -37.37 -25.12 43.78
CA ALA A 59 -36.96 -24.20 44.82
C ALA A 59 -37.95 -23.04 45.03
N LYS A 60 -39.10 -23.07 44.37
CA LYS A 60 -40.15 -22.07 44.57
C LYS A 60 -39.62 -20.63 44.33
N VAL A 61 -38.79 -20.46 43.30
CA VAL A 61 -38.15 -19.16 43.02
C VAL A 61 -39.11 -18.29 42.21
N PRO A 62 -39.37 -17.04 42.69
CA PRO A 62 -40.24 -16.15 41.89
C PRO A 62 -39.60 -15.69 40.56
N ALA A 63 -40.44 -15.43 39.56
CA ALA A 63 -39.99 -15.14 38.20
C ALA A 63 -38.92 -14.03 38.13
N ASP A 64 -39.16 -12.90 38.81
CA ASP A 64 -38.24 -11.79 38.77
C ASP A 64 -36.89 -12.25 39.24
N GLU A 65 -36.84 -13.01 40.34
CA GLU A 65 -35.57 -13.43 40.92
C GLU A 65 -34.90 -14.48 40.02
N TRP A 66 -35.70 -15.38 39.42
CA TRP A 66 -35.18 -16.40 38.50
C TRP A 66 -34.54 -15.76 37.26
N LEU A 67 -35.27 -14.86 36.63
CA LEU A 67 -34.82 -14.23 35.40
C LEU A 67 -33.62 -13.26 35.56
N LYS A 68 -33.35 -12.84 36.80
CA LYS A 68 -32.09 -12.15 37.19
C LYS A 68 -30.82 -12.94 36.85
N LEU A 69 -30.97 -14.24 36.63
CA LEU A 69 -29.85 -15.07 36.17
C LEU A 69 -29.28 -14.60 34.82
N MET A 70 -30.12 -13.96 34.00
CA MET A 70 -29.67 -13.27 32.78
C MET A 70 -28.42 -12.43 32.97
N ASP A 71 -28.27 -11.85 34.14
CA ASP A 71 -27.11 -11.00 34.43
C ASP A 71 -25.84 -11.79 34.54
N GLN A 72 -25.94 -13.09 34.77
CA GLN A 72 -24.74 -13.94 34.76
C GLN A 72 -24.59 -14.73 33.48
N TRP A 73 -25.48 -14.55 32.52
CA TRP A 73 -25.42 -15.32 31.28
C TRP A 73 -24.31 -14.82 30.39
N ASN A 74 -23.20 -15.53 30.42
CA ASN A 74 -22.04 -15.13 29.68
C ASN A 74 -21.15 -16.34 29.34
N PRO A 75 -21.59 -17.16 28.39
CA PRO A 75 -20.91 -18.42 28.04
C PRO A 75 -19.68 -18.17 27.18
N THR A 76 -18.58 -17.83 27.83
CA THR A 76 -17.41 -17.42 27.11
C THR A 76 -16.77 -18.55 26.32
N LYS A 77 -16.99 -19.82 26.71
CA LYS A 77 -16.46 -20.95 25.93
C LYS A 77 -17.37 -21.36 24.77
N PHE A 78 -18.52 -20.71 24.62
CA PHE A 78 -19.42 -21.12 23.54
C PHE A 78 -18.84 -20.98 22.14
N ASP A 79 -19.04 -21.97 21.29
CA ASP A 79 -18.51 -21.89 19.93
C ASP A 79 -19.33 -22.78 19.02
N ALA A 80 -20.25 -22.16 18.29
CA ALA A 80 -21.21 -22.90 17.50
C ALA A 80 -20.57 -23.92 16.59
N LYS A 81 -19.42 -23.58 16.03
CA LYS A 81 -18.71 -24.49 15.13
C LYS A 81 -18.24 -25.76 15.83
N LYS A 82 -17.76 -25.63 17.05
CA LYS A 82 -17.35 -26.83 17.81
C LYS A 82 -18.56 -27.75 18.08
N TRP A 83 -19.64 -27.13 18.52
CA TRP A 83 -20.88 -27.85 18.78
C TRP A 83 -21.27 -28.65 17.57
N ALA A 84 -21.22 -28.04 16.40
CA ALA A 84 -21.69 -28.72 15.18
C ALA A 84 -20.77 -29.89 14.80
N LYS A 85 -19.48 -29.71 15.07
CA LYS A 85 -18.50 -30.74 14.79
C LYS A 85 -18.78 -31.91 15.72
N MET A 86 -19.05 -31.61 16.98
CA MET A 86 -19.39 -32.67 17.93
C MET A 86 -20.60 -33.52 17.44
N ALA A 87 -21.66 -32.85 17.01
CA ALA A 87 -22.83 -33.53 16.47
C ALA A 87 -22.52 -34.34 15.24
N LYS A 88 -21.67 -33.79 14.39
CA LYS A 88 -21.20 -34.52 13.20
C LYS A 88 -20.44 -35.80 13.57
N GLU A 89 -19.50 -35.70 14.49
CA GLU A 89 -18.69 -36.82 14.98
C GLU A 89 -19.54 -37.88 15.70
N MET A 90 -20.61 -37.46 16.36
CA MET A 90 -21.57 -38.41 16.95
C MET A 90 -22.39 -39.20 15.91
N GLY A 91 -22.49 -38.69 14.70
CA GLY A 91 -23.31 -39.32 13.67
C GLY A 91 -24.76 -38.85 13.66
N THR A 92 -25.07 -37.77 14.37
CA THR A 92 -26.43 -37.23 14.35
C THR A 92 -26.70 -36.49 13.04
N LYS A 93 -27.85 -36.74 12.44
CA LYS A 93 -28.28 -36.07 11.23
C LYS A 93 -29.13 -34.83 11.47
N TYR A 94 -29.53 -34.59 12.72
CA TYR A 94 -30.27 -33.39 13.09
C TYR A 94 -30.11 -33.07 14.52
N VAL A 95 -30.45 -31.85 14.87
CA VAL A 95 -30.39 -31.37 16.22
C VAL A 95 -31.65 -30.58 16.58
N LYS A 96 -32.20 -30.85 17.76
CA LYS A 96 -33.40 -30.15 18.25
C LYS A 96 -32.95 -29.24 19.37
N ILE A 97 -33.27 -27.96 19.25
CA ILE A 97 -32.77 -26.96 20.20
C ILE A 97 -33.88 -26.26 20.99
N THR A 98 -33.68 -26.10 22.29
CA THR A 98 -34.60 -25.35 23.11
C THR A 98 -34.49 -23.86 22.77
N THR A 99 -35.41 -23.35 21.95
CA THR A 99 -35.47 -21.91 21.66
C THR A 99 -35.91 -21.10 22.88
N LYS A 100 -36.84 -21.70 23.62
CA LYS A 100 -37.36 -21.13 24.84
C LYS A 100 -37.91 -22.30 25.65
N HIS A 101 -37.46 -22.48 26.90
CA HIS A 101 -38.05 -23.50 27.79
C HIS A 101 -39.16 -22.87 28.66
N HIS A 102 -39.61 -23.57 29.70
CA HIS A 102 -40.73 -23.11 30.50
C HIS A 102 -40.40 -21.77 31.18
N GLU A 103 -39.14 -21.61 31.57
CA GLU A 103 -38.63 -20.39 32.19
C GLU A 103 -38.90 -19.13 31.35
N GLY A 104 -39.00 -19.28 30.02
CA GLY A 104 -39.36 -18.17 29.13
C GLY A 104 -38.18 -17.40 28.53
N PHE A 105 -36.96 -17.70 28.94
CA PHE A 105 -35.74 -17.07 28.42
C PHE A 105 -35.48 -17.56 27.01
N CYS A 106 -35.40 -16.63 26.06
CA CYS A 106 -35.29 -16.94 24.64
C CYS A 106 -33.83 -16.95 24.17
N LEU A 107 -33.44 -17.95 23.38
CA LEU A 107 -32.05 -18.05 22.89
C LEU A 107 -31.83 -17.25 21.62
N TRP A 108 -32.86 -16.55 21.17
CA TRP A 108 -32.78 -15.62 20.05
C TRP A 108 -33.30 -14.28 20.56
N PRO A 109 -32.86 -13.17 19.94
CA PRO A 109 -33.26 -11.85 20.45
C PRO A 109 -34.71 -11.46 20.07
N SER A 110 -35.69 -12.05 20.72
CA SER A 110 -37.07 -11.81 20.34
C SER A 110 -37.42 -10.35 20.56
N LYS A 111 -38.23 -9.82 19.66
CA LYS A 111 -38.76 -8.46 19.78
C LYS A 111 -39.93 -8.41 20.76
N TYR A 112 -40.45 -9.57 21.18
CA TYR A 112 -41.69 -9.59 21.95
C TYR A 112 -41.57 -9.83 23.43
N THR A 113 -40.35 -9.78 23.95
CA THR A 113 -40.14 -9.82 25.40
C THR A 113 -38.76 -9.34 25.66
N LYS A 114 -38.50 -8.88 26.89
CA LYS A 114 -37.15 -8.50 27.28
C LYS A 114 -36.29 -9.68 27.77
N TYR A 115 -36.90 -10.84 28.01
CA TYR A 115 -36.14 -11.97 28.56
C TYR A 115 -35.51 -12.78 27.43
N THR A 116 -34.44 -12.23 26.85
CA THR A 116 -33.74 -12.85 25.74
C THR A 116 -32.24 -12.70 25.87
N VAL A 117 -31.52 -13.41 25.02
CA VAL A 117 -30.05 -13.33 24.98
C VAL A 117 -29.50 -11.93 24.73
N ALA A 118 -30.31 -11.08 24.09
CA ALA A 118 -29.90 -9.71 23.80
C ALA A 118 -29.65 -8.92 25.09
N ASN A 119 -30.43 -9.17 26.13
CA ASN A 119 -30.25 -8.43 27.36
C ASN A 119 -29.37 -9.13 28.35
N THR A 120 -28.33 -9.78 27.86
CA THR A 120 -27.38 -10.46 28.73
C THR A 120 -26.04 -9.89 28.37
N PRO A 121 -25.05 -10.05 29.27
CA PRO A 121 -23.69 -9.63 28.94
C PRO A 121 -23.19 -10.22 27.63
N TYR A 122 -23.61 -11.45 27.31
CA TYR A 122 -23.16 -12.12 26.10
C TYR A 122 -23.76 -11.51 24.84
N LYS A 123 -25.00 -11.03 24.95
CA LYS A 123 -25.62 -10.22 23.92
C LYS A 123 -25.99 -11.03 22.66
N ARG A 124 -25.19 -12.01 22.28
CA ARG A 124 -25.28 -12.57 20.92
C ARG A 124 -26.43 -13.54 20.65
N ASP A 125 -26.86 -13.61 19.39
CA ASP A 125 -27.91 -14.48 18.91
C ASP A 125 -27.41 -15.97 18.80
N ILE A 126 -27.42 -16.64 19.96
CA ILE A 126 -26.98 -18.02 20.10
C ILE A 126 -27.68 -18.91 19.09
N LEU A 127 -29.00 -18.79 18.99
CA LEU A 127 -29.75 -19.65 18.12
C LEU A 127 -29.34 -19.49 16.65
N GLY A 128 -29.17 -18.26 16.19
CA GLY A 128 -28.72 -18.01 14.82
C GLY A 128 -27.33 -18.56 14.59
N GLU A 129 -26.45 -18.39 15.56
CA GLU A 129 -25.10 -18.94 15.42
C GLU A 129 -25.20 -20.47 15.24
N LEU A 130 -26.02 -21.12 16.07
CA LEU A 130 -26.18 -22.57 15.95
C LEU A 130 -26.79 -22.98 14.64
N VAL A 131 -27.84 -22.31 14.20
CA VAL A 131 -28.51 -22.70 12.95
C VAL A 131 -27.53 -22.73 11.77
N LYS A 132 -26.70 -21.68 11.71
CA LYS A 132 -25.71 -21.61 10.65
C LYS A 132 -24.67 -22.71 10.79
N ALA A 133 -24.13 -22.87 11.98
CA ALA A 133 -23.07 -23.86 12.21
C ALA A 133 -23.52 -25.29 11.90
N TYR A 134 -24.72 -25.63 12.33
CA TYR A 134 -25.24 -26.97 12.06
C TYR A 134 -25.53 -27.15 10.59
N ASN A 135 -26.24 -26.19 9.98
CA ASN A 135 -26.53 -26.28 8.55
C ASN A 135 -25.27 -26.39 7.69
N ASP A 136 -24.25 -25.62 8.03
CA ASP A 136 -22.92 -25.76 7.40
C ASP A 136 -22.40 -27.21 7.43
N GLU A 137 -22.68 -27.96 8.49
CA GLU A 137 -22.25 -29.34 8.54
C GLU A 137 -23.19 -30.29 7.83
N GLY A 138 -24.24 -29.77 7.21
CA GLY A 138 -25.26 -30.62 6.59
C GLY A 138 -26.20 -31.30 7.59
N ILE A 139 -26.40 -30.67 8.75
CA ILE A 139 -27.22 -31.17 9.82
C ILE A 139 -28.50 -30.30 9.89
N ASP A 140 -29.67 -30.93 9.78
CA ASP A 140 -30.94 -30.20 9.91
C ASP A 140 -31.12 -29.70 11.31
N VAL A 141 -31.84 -28.58 11.43
CA VAL A 141 -32.14 -28.01 12.74
C VAL A 141 -33.66 -27.98 12.99
N HIS A 142 -34.06 -28.39 14.21
CA HIS A 142 -35.47 -28.47 14.68
C HIS A 142 -35.59 -27.61 15.92
N PHE A 143 -36.75 -26.99 16.09
CA PHE A 143 -36.90 -26.02 17.19
C PHE A 143 -37.86 -26.55 18.24
N TYR A 144 -37.33 -26.75 19.43
CA TYR A 144 -38.16 -26.99 20.61
C TYR A 144 -38.72 -25.64 21.02
N PHE A 145 -40.00 -25.65 21.39
CA PHE A 145 -40.70 -24.45 21.88
C PHE A 145 -41.69 -24.79 23.00
N SER A 146 -41.48 -24.22 24.19
CA SER A 146 -42.38 -24.41 25.29
C SER A 146 -43.52 -23.41 25.22
N VAL A 147 -44.74 -23.89 25.02
CA VAL A 147 -45.91 -23.01 25.05
C VAL A 147 -46.07 -22.41 26.45
N MET A 148 -46.09 -23.24 27.46
CA MET A 148 -46.10 -22.79 28.85
C MET A 148 -44.90 -21.87 29.09
N ASP A 149 -45.17 -20.72 29.72
CA ASP A 149 -44.19 -19.67 29.86
C ASP A 149 -44.37 -19.02 31.21
N TRP A 150 -43.40 -19.29 32.09
CA TRP A 150 -43.38 -18.79 33.45
C TRP A 150 -42.89 -17.34 33.59
N SER A 151 -42.46 -16.74 32.48
CA SER A 151 -41.95 -15.36 32.49
C SER A 151 -43.04 -14.35 32.11
N ASN A 152 -44.11 -14.81 31.49
CA ASN A 152 -45.19 -13.94 31.03
C ASN A 152 -46.43 -14.06 31.94
N PRO A 153 -46.82 -12.96 32.63
CA PRO A 153 -47.97 -13.05 33.53
C PRO A 153 -49.37 -13.17 32.88
N ASP A 154 -49.51 -13.02 31.56
CA ASP A 154 -50.76 -13.38 30.89
C ASP A 154 -50.94 -14.90 30.72
N TYR A 155 -49.92 -15.70 31.06
CA TYR A 155 -50.10 -17.15 31.02
C TYR A 155 -51.16 -17.58 32.04
N ARG A 156 -51.99 -18.57 31.66
CA ARG A 156 -52.93 -19.21 32.57
C ARG A 156 -52.88 -20.76 32.50
N TYR A 157 -52.98 -21.38 33.67
CA TYR A 157 -53.05 -22.83 33.79
C TYR A 157 -54.44 -23.35 33.45
N ASP A 158 -55.45 -22.54 33.73
CA ASP A 158 -56.81 -22.86 33.35
C ASP A 158 -57.60 -21.57 33.17
N ILE A 159 -58.79 -21.71 32.59
CA ILE A 159 -59.67 -20.59 32.30
C ILE A 159 -60.88 -20.68 33.23
N LYS A 160 -60.79 -20.01 34.38
CA LYS A 160 -61.85 -20.00 35.37
C LYS A 160 -62.68 -18.68 35.38
N SER A 161 -62.38 -17.71 34.49
CA SER A 161 -63.12 -16.41 34.40
C SER A 161 -62.97 -15.74 33.01
N LYS A 162 -63.80 -14.74 32.71
CA LYS A 162 -63.63 -13.93 31.47
C LYS A 162 -62.29 -13.18 31.57
N GLU A 163 -61.87 -12.84 32.78
CA GLU A 163 -60.57 -12.21 33.04
C GLU A 163 -59.39 -13.10 32.59
N ASP A 164 -59.45 -14.37 32.98
CA ASP A 164 -58.49 -15.38 32.52
C ASP A 164 -58.54 -15.51 31.00
N SER A 165 -59.74 -15.52 30.44
CA SER A 165 -59.87 -15.68 29.01
C SER A 165 -59.24 -14.51 28.26
N ILE A 166 -59.38 -13.31 28.82
CA ILE A 166 -58.87 -12.10 28.20
C ILE A 166 -57.32 -12.18 28.21
N ALA A 167 -56.75 -12.44 29.38
CA ALA A 167 -55.28 -12.56 29.57
C ALA A 167 -54.68 -13.60 28.62
N PHE A 168 -55.29 -14.79 28.64
CA PHE A 168 -54.80 -15.91 27.85
C PHE A 168 -54.92 -15.66 26.34
N SER A 169 -55.96 -14.93 25.92
CA SER A 169 -56.11 -14.58 24.51
C SER A 169 -54.90 -13.72 24.06
N ARG A 170 -54.45 -12.80 24.92
CA ARG A 170 -53.22 -11.98 24.71
C ARG A 170 -51.94 -12.83 24.68
N PHE A 171 -51.86 -13.76 25.63
CA PHE A 171 -50.80 -14.75 25.64
C PHE A 171 -50.69 -15.58 24.32
N LEU A 172 -51.79 -16.07 23.77
CA LEU A 172 -51.75 -16.80 22.49
C LEU A 172 -51.31 -15.93 21.30
N GLU A 173 -51.56 -14.62 21.34
CA GLU A 173 -51.11 -13.73 20.25
C GLU A 173 -49.60 -13.54 20.37
N PHE A 174 -49.14 -13.28 21.59
CA PHE A 174 -47.72 -13.23 21.94
C PHE A 174 -46.96 -14.46 21.48
N THR A 175 -47.58 -15.61 21.67
CA THR A 175 -47.00 -16.86 21.27
C THR A 175 -46.92 -16.92 19.74
N ASP A 176 -48.03 -16.66 19.04
CA ASP A 176 -48.03 -16.67 17.59
C ASP A 176 -46.93 -15.77 17.02
N ASN A 177 -46.70 -14.64 17.70
CA ASN A 177 -45.69 -13.67 17.25
C ASN A 177 -44.29 -14.21 17.36
N GLN A 178 -43.97 -14.83 18.50
CA GLN A 178 -42.68 -15.48 18.70
C GLN A 178 -42.48 -16.56 17.64
N LEU A 179 -43.52 -17.34 17.38
CA LEU A 179 -43.41 -18.42 16.41
C LEU A 179 -43.14 -17.93 14.98
N LYS A 180 -43.90 -16.92 14.55
CA LYS A 180 -43.72 -16.30 13.24
C LYS A 180 -42.31 -15.72 13.12
N GLU A 181 -41.88 -15.06 14.20
CA GLU A 181 -40.54 -14.51 14.30
C GLU A 181 -39.47 -15.58 14.06
N LEU A 182 -39.59 -16.70 14.75
CA LEU A 182 -38.66 -17.83 14.58
C LEU A 182 -38.68 -18.36 13.16
N ALA A 183 -39.86 -18.53 12.60
CA ALA A 183 -40.00 -19.11 11.27
C ALA A 183 -39.39 -18.24 10.17
N THR A 184 -39.42 -16.92 10.37
CA THR A 184 -38.98 -15.98 9.34
C THR A 184 -37.54 -15.56 9.57
N ARG A 185 -37.11 -15.45 10.82
CA ARG A 185 -35.70 -15.22 11.09
C ARG A 185 -34.82 -16.39 10.68
N TYR A 186 -35.34 -17.62 10.81
CA TYR A 186 -34.49 -18.80 10.62
C TYR A 186 -35.18 -19.77 9.70
N PRO A 187 -35.36 -19.39 8.45
CA PRO A 187 -36.17 -20.16 7.51
C PRO A 187 -35.68 -21.54 7.07
N THR A 188 -34.47 -21.94 7.46
CA THR A 188 -34.03 -23.33 7.21
C THR A 188 -34.58 -24.37 8.23
N VAL A 189 -35.22 -23.87 9.28
CA VAL A 189 -35.85 -24.74 10.30
C VAL A 189 -36.68 -25.83 9.63
N LYS A 190 -36.58 -27.06 10.12
CA LYS A 190 -37.29 -28.19 9.50
C LYS A 190 -38.44 -28.77 10.33
N ASP A 191 -38.59 -28.31 11.57
CA ASP A 191 -39.51 -28.92 12.48
C ASP A 191 -39.69 -27.99 13.65
N PHE A 192 -40.92 -27.96 14.18
CA PHE A 192 -41.19 -27.34 15.47
C PHE A 192 -41.71 -28.43 16.40
N TRP A 193 -41.07 -28.53 17.57
CA TRP A 193 -41.44 -29.55 18.55
C TRP A 193 -41.98 -28.80 19.75
N PHE A 194 -43.30 -28.79 19.87
CA PHE A 194 -43.96 -28.13 20.99
C PHE A 194 -43.92 -28.97 22.28
N ASP A 195 -43.72 -28.29 23.40
CA ASP A 195 -43.74 -28.87 24.71
C ASP A 195 -44.57 -27.94 25.61
N GLY A 196 -44.92 -28.41 26.80
CA GLY A 196 -45.66 -27.60 27.77
C GLY A 196 -47.04 -27.18 27.27
N THR A 197 -47.73 -28.11 26.59
CA THR A 197 -49.05 -27.90 26.03
C THR A 197 -50.12 -28.70 26.78
N TRP A 198 -49.80 -29.14 27.99
CA TRP A 198 -50.65 -30.08 28.71
C TRP A 198 -51.68 -29.40 29.62
N ASP A 199 -51.50 -28.13 29.94
CA ASP A 199 -52.43 -27.42 30.82
C ASP A 199 -53.84 -27.32 30.23
N ALA A 200 -54.84 -27.22 31.12
CA ALA A 200 -56.27 -27.14 30.74
C ALA A 200 -56.57 -25.92 29.89
N SER A 201 -55.85 -24.83 30.15
CA SER A 201 -55.93 -23.64 29.27
C SER A 201 -55.70 -23.99 27.80
N VAL A 202 -54.68 -24.79 27.53
CA VAL A 202 -54.40 -25.19 26.15
C VAL A 202 -55.43 -26.21 25.64
N LYS A 203 -55.73 -27.20 26.49
CA LYS A 203 -56.67 -28.27 26.14
C LYS A 203 -58.04 -27.69 25.71
N LYS A 204 -58.43 -26.60 26.36
CA LYS A 204 -59.70 -25.92 26.00
C LYS A 204 -59.61 -25.08 24.73
N ASN A 205 -58.42 -24.95 24.14
CA ASN A 205 -58.24 -24.08 23.00
C ASN A 205 -57.66 -24.76 21.80
N GLY A 206 -58.26 -25.89 21.45
CA GLY A 206 -57.77 -26.74 20.38
C GLY A 206 -57.61 -26.01 19.07
N TRP A 207 -58.58 -25.17 18.76
CA TRP A 207 -58.57 -24.34 17.55
C TRP A 207 -57.19 -23.64 17.39
N TRP A 208 -56.63 -23.13 18.48
CA TRP A 208 -55.36 -22.43 18.43
C TRP A 208 -54.22 -23.37 18.00
N THR A 209 -54.26 -24.61 18.51
CA THR A 209 -53.24 -25.60 18.21
C THR A 209 -53.26 -25.91 16.72
N ALA A 210 -54.45 -26.10 16.13
CA ALA A 210 -54.59 -26.39 14.70
C ALA A 210 -54.14 -25.20 13.89
N HIS A 211 -54.42 -24.01 14.43
CA HIS A 211 -54.06 -22.76 13.78
C HIS A 211 -52.53 -22.61 13.72
N ALA A 212 -51.88 -22.90 14.84
CA ALA A 212 -50.42 -22.81 14.94
C ALA A 212 -49.76 -23.74 13.91
N GLU A 213 -50.33 -24.93 13.74
CA GLU A 213 -49.81 -25.88 12.78
C GLU A 213 -49.92 -25.33 11.35
N GLN A 214 -51.11 -24.88 10.97
CA GLN A 214 -51.41 -24.29 9.63
C GLN A 214 -50.52 -23.05 9.39
N MET A 215 -50.46 -22.16 10.38
CA MET A 215 -49.68 -20.95 10.30
C MET A 215 -48.23 -21.27 9.94
N LEU A 216 -47.62 -22.19 10.70
CA LEU A 216 -46.19 -22.51 10.47
C LEU A 216 -45.93 -23.22 9.16
N LYS A 217 -46.86 -24.07 8.73
CA LYS A 217 -46.69 -24.75 7.44
C LYS A 217 -46.79 -23.83 6.21
N GLU A 218 -47.59 -22.76 6.33
CA GLU A 218 -47.63 -21.70 5.33
C GLU A 218 -46.31 -20.95 5.27
N LEU A 219 -45.74 -20.63 6.43
CA LEU A 219 -44.49 -19.92 6.49
C LEU A 219 -43.27 -20.75 6.10
N VAL A 220 -43.26 -22.05 6.38
CA VAL A 220 -42.07 -22.89 6.14
C VAL A 220 -42.47 -24.13 5.39
N PRO A 221 -42.26 -24.14 4.08
CA PRO A 221 -42.64 -25.28 3.25
C PRO A 221 -42.00 -26.57 3.71
N GLY A 222 -42.81 -27.59 3.96
CA GLY A 222 -42.32 -28.94 4.31
C GLY A 222 -41.99 -29.12 5.77
N VAL A 223 -42.21 -28.09 6.57
CA VAL A 223 -41.89 -28.16 7.99
C VAL A 223 -42.74 -29.26 8.60
N ALA A 224 -42.18 -29.90 9.64
CA ALA A 224 -42.83 -30.95 10.40
C ALA A 224 -43.25 -30.38 11.73
N ILE A 225 -44.35 -30.92 12.26
CA ILE A 225 -44.94 -30.41 13.49
C ILE A 225 -45.34 -31.61 14.38
N ASN A 226 -44.91 -31.61 15.65
CA ASN A 226 -45.14 -32.77 16.49
C ASN A 226 -46.59 -32.87 16.95
N SER A 227 -47.00 -34.09 17.31
CA SER A 227 -48.34 -34.35 17.80
C SER A 227 -48.61 -33.63 19.12
N ARG A 228 -47.57 -33.41 19.91
CA ARG A 228 -47.71 -32.86 21.28
C ARG A 228 -48.37 -31.47 21.31
N LEU A 229 -48.25 -30.75 20.21
CA LEU A 229 -48.88 -29.44 20.10
C LEU A 229 -50.39 -29.56 20.22
N ARG A 230 -50.91 -30.62 19.63
CA ARG A 230 -52.26 -30.62 19.15
C ARG A 230 -53.28 -31.15 20.15
N ALA A 231 -54.38 -30.39 20.25
CA ALA A 231 -55.64 -30.79 20.90
C ALA A 231 -56.81 -30.58 19.93
N ASP A 232 -57.82 -31.43 20.02
CA ASP A 232 -59.00 -31.26 19.16
C ASP A 232 -60.07 -30.42 19.88
N ASP A 233 -61.21 -30.28 19.19
CA ASP A 233 -62.41 -29.60 19.70
C ASP A 233 -62.75 -29.99 21.14
N LYS A 234 -62.54 -31.26 21.49
CA LYS A 234 -62.93 -31.79 22.81
C LYS A 234 -61.81 -31.76 23.84
N GLY A 235 -60.61 -31.34 23.47
CA GLY A 235 -59.49 -31.37 24.39
C GLY A 235 -58.75 -32.70 24.44
N LYS A 236 -59.06 -33.64 23.53
CA LYS A 236 -58.26 -34.85 23.33
C LYS A 236 -56.89 -34.45 22.68
N ARG A 237 -55.78 -34.85 23.29
CA ARG A 237 -54.42 -34.48 22.85
C ARG A 237 -53.71 -35.58 22.04
N HIS A 238 -52.78 -35.21 21.17
CA HIS A 238 -52.00 -36.15 20.33
C HIS A 238 -52.82 -36.85 19.22
N PHE A 239 -53.77 -37.68 19.66
CA PHE A 239 -54.69 -38.31 18.75
C PHE A 239 -56.04 -37.72 19.08
N ASP A 240 -56.81 -37.46 18.04
CA ASP A 240 -58.08 -36.78 18.21
C ASP A 240 -59.18 -37.74 18.73
N SER A 241 -60.39 -37.21 18.87
CA SER A 241 -61.55 -37.99 19.34
C SER A 241 -61.93 -39.18 18.46
N ASN A 242 -61.59 -39.14 17.17
CA ASN A 242 -61.74 -40.31 16.30
C ASN A 242 -60.47 -41.15 16.22
N GLY A 243 -59.57 -40.98 17.19
CA GLY A 243 -58.35 -41.76 17.23
C GLY A 243 -57.34 -41.48 16.13
N ARG A 244 -57.49 -40.39 15.39
CA ARG A 244 -56.56 -40.09 14.34
C ARG A 244 -55.41 -39.24 14.88
N LEU A 245 -54.20 -39.55 14.41
CA LEU A 245 -52.99 -38.80 14.81
C LEU A 245 -53.02 -37.36 14.29
N MET A 246 -52.85 -36.40 15.20
CA MET A 246 -52.69 -34.98 14.83
C MET A 246 -51.21 -34.60 14.74
N GLY A 247 -50.91 -33.58 13.94
CA GLY A 247 -49.53 -33.28 13.59
C GLY A 247 -48.95 -34.34 12.66
N ASP A 248 -47.65 -34.25 12.44
CA ASP A 248 -47.01 -35.07 11.40
C ASP A 248 -46.39 -36.33 11.92
N TYR A 249 -46.18 -36.39 13.23
CA TYR A 249 -45.54 -37.53 13.86
C TYR A 249 -45.87 -37.57 15.34
N GLU A 250 -45.89 -38.80 15.86
CA GLU A 250 -46.22 -39.02 17.26
C GLU A 250 -45.00 -38.75 18.11
N SER A 251 -45.21 -38.11 19.25
CA SER A 251 -44.14 -37.56 20.05
C SER A 251 -44.34 -37.76 21.53
N GLY A 252 -44.99 -38.85 21.93
CA GLY A 252 -45.15 -39.15 23.35
C GLY A 252 -44.09 -40.01 24.03
N TYR A 253 -43.19 -40.65 23.29
CA TYR A 253 -42.24 -41.57 23.92
C TYR A 253 -41.05 -40.81 24.41
N GLU A 254 -41.15 -40.37 25.65
CA GLU A 254 -40.15 -39.57 26.28
C GLU A 254 -39.59 -40.38 27.44
N ARG A 255 -38.30 -40.70 27.38
CA ARG A 255 -37.62 -41.54 28.36
C ARG A 255 -38.25 -42.94 28.46
N ARG A 256 -38.96 -43.39 27.41
CA ARG A 256 -39.47 -44.75 27.34
C ARG A 256 -39.83 -45.06 25.90
N LEU A 257 -40.05 -46.32 25.61
CA LEU A 257 -40.18 -46.80 24.23
C LEU A 257 -41.27 -47.84 24.10
N PRO A 258 -41.88 -47.95 22.93
CA PRO A 258 -42.91 -48.98 22.78
C PRO A 258 -42.35 -50.40 22.89
N ASP A 259 -43.19 -51.30 23.37
CA ASP A 259 -42.80 -52.68 23.52
C ASP A 259 -42.67 -53.33 22.13
N PRO A 260 -41.54 -54.02 21.88
CA PRO A 260 -41.30 -54.63 20.57
C PRO A 260 -42.25 -55.74 20.14
N VAL A 261 -42.98 -56.32 21.09
CA VAL A 261 -43.97 -57.33 20.78
C VAL A 261 -45.40 -56.77 20.82
N LYS A 262 -45.69 -55.94 21.82
CA LYS A 262 -47.08 -55.51 22.06
C LYS A 262 -47.53 -54.22 21.38
N ASP A 263 -46.57 -53.37 21.02
CA ASP A 263 -46.86 -52.06 20.51
C ASP A 263 -46.52 -51.87 19.06
N LEU A 264 -46.76 -52.91 18.26
CA LEU A 264 -46.55 -52.84 16.83
C LEU A 264 -47.44 -51.81 16.11
N LYS A 265 -48.49 -51.33 16.75
CA LYS A 265 -49.32 -50.33 16.13
C LYS A 265 -48.52 -49.09 15.72
N VAL A 266 -47.37 -48.83 16.35
CA VAL A 266 -46.63 -47.59 16.07
C VAL A 266 -45.98 -47.59 14.68
N THR A 267 -45.90 -48.73 14.04
CA THR A 267 -45.28 -48.79 12.74
C THR A 267 -46.18 -48.18 11.68
N GLN A 268 -47.42 -47.83 12.04
CA GLN A 268 -48.39 -47.24 11.10
C GLN A 268 -48.24 -45.76 10.95
N TRP A 269 -47.54 -45.10 11.85
CA TRP A 269 -47.31 -43.69 11.70
C TRP A 269 -45.85 -43.36 11.97
N ASP A 270 -45.45 -42.17 11.52
CA ASP A 270 -44.14 -41.65 11.87
C ASP A 270 -44.14 -41.31 13.33
N TRP A 271 -42.99 -41.48 13.97
CA TRP A 271 -42.85 -41.09 15.36
C TRP A 271 -41.40 -40.84 15.75
N GLU A 272 -41.23 -40.10 16.83
CA GLU A 272 -39.92 -39.78 17.33
C GLU A 272 -39.88 -39.85 18.85
N ALA A 273 -38.87 -40.56 19.32
CA ALA A 273 -38.62 -40.66 20.75
C ALA A 273 -37.50 -39.74 21.17
N CYS A 274 -37.45 -39.37 22.44
CA CYS A 274 -36.33 -38.67 23.00
C CYS A 274 -35.92 -39.29 24.32
N MET A 275 -34.69 -39.04 24.77
CA MET A 275 -34.20 -39.67 25.97
C MET A 275 -33.10 -38.86 26.60
N THR A 276 -32.87 -39.12 27.89
CA THR A 276 -31.83 -38.46 28.67
C THR A 276 -30.75 -39.47 28.98
N ILE A 277 -29.58 -38.98 29.34
CA ILE A 277 -28.49 -39.85 29.69
C ILE A 277 -28.60 -40.32 31.15
N PRO A 278 -28.76 -39.38 32.10
CA PRO A 278 -29.21 -39.79 33.40
C PRO A 278 -30.68 -40.09 33.37
N GLU A 279 -31.21 -40.44 34.53
CA GLU A 279 -32.59 -40.89 34.57
C GLU A 279 -33.58 -39.80 34.18
N ASN A 280 -33.40 -38.60 34.75
CA ASN A 280 -34.23 -37.47 34.35
C ASN A 280 -33.58 -36.13 34.60
N GLN A 281 -32.66 -35.78 33.70
CA GLN A 281 -32.05 -34.46 33.67
C GLN A 281 -31.93 -34.05 32.23
N TRP A 282 -32.56 -32.95 31.85
CA TRP A 282 -32.43 -32.45 30.49
C TRP A 282 -31.45 -31.28 30.49
N GLY A 283 -31.73 -30.27 31.31
CA GLY A 283 -30.80 -29.18 31.53
C GLY A 283 -29.63 -29.61 32.36
N TYR A 284 -28.55 -28.85 32.32
CA TYR A 284 -27.34 -29.15 33.06
C TYR A 284 -27.60 -29.23 34.57
N HIS A 285 -27.23 -30.37 35.15
CA HIS A 285 -27.21 -30.56 36.58
C HIS A 285 -25.81 -30.87 37.01
N LYS A 286 -25.34 -30.21 38.07
CA LYS A 286 -23.94 -30.31 38.47
C LYS A 286 -23.53 -31.66 39.05
N ASP A 287 -24.49 -32.44 39.52
CA ASP A 287 -24.19 -33.70 40.17
C ASP A 287 -24.97 -34.88 39.57
N TRP A 288 -24.32 -35.58 38.64
CA TRP A 288 -24.89 -36.76 38.00
C TRP A 288 -24.78 -38.06 38.83
N SER A 289 -24.12 -38.00 39.98
CA SER A 289 -24.08 -39.14 40.86
C SER A 289 -25.43 -39.35 41.58
N LEU A 290 -26.42 -38.49 41.38
CA LEU A 290 -27.67 -38.61 42.11
C LEU A 290 -28.70 -39.57 41.49
N SER A 291 -28.48 -39.98 40.25
CA SER A 291 -29.34 -41.02 39.60
C SER A 291 -28.48 -41.86 38.67
N TYR A 292 -29.06 -42.92 38.13
CA TYR A 292 -28.34 -43.80 37.23
C TYR A 292 -28.04 -43.09 35.93
N VAL A 293 -26.81 -43.25 35.48
CA VAL A 293 -26.34 -42.71 34.20
C VAL A 293 -26.12 -43.85 33.18
N LYS A 294 -26.77 -43.76 32.03
CA LYS A 294 -26.70 -44.81 31.04
C LYS A 294 -25.34 -44.90 30.40
N THR A 295 -24.94 -46.11 30.06
CA THR A 295 -23.72 -46.34 29.33
C THR A 295 -23.98 -46.20 27.86
N PRO A 296 -22.90 -46.09 27.06
CA PRO A 296 -23.10 -45.95 25.61
C PRO A 296 -23.92 -47.07 24.96
N ILE A 297 -23.62 -48.30 25.34
CA ILE A 297 -24.34 -49.41 24.76
C ILE A 297 -25.82 -49.37 25.13
N GLU A 298 -26.12 -48.97 26.36
CA GLU A 298 -27.53 -48.80 26.74
C GLU A 298 -28.23 -47.79 25.84
N VAL A 299 -27.51 -46.74 25.45
CA VAL A 299 -28.08 -45.68 24.61
C VAL A 299 -28.25 -46.17 23.19
N ILE A 300 -27.22 -46.82 22.70
CA ILE A 300 -27.25 -47.47 21.38
C ILE A 300 -28.39 -48.46 21.21
N ASP A 301 -28.60 -49.26 22.23
CA ASP A 301 -29.73 -50.18 22.27
C ASP A 301 -31.07 -49.47 22.05
N ARG A 302 -31.26 -48.37 22.74
CA ARG A 302 -32.50 -47.58 22.57
C ARG A 302 -32.63 -46.95 21.19
N ILE A 303 -31.52 -46.45 20.67
CA ILE A 303 -31.54 -45.92 19.31
C ILE A 303 -32.05 -46.98 18.32
N VAL A 304 -31.43 -48.18 18.33
CA VAL A 304 -31.77 -49.20 17.38
C VAL A 304 -33.16 -49.71 17.60
N HIS A 305 -33.54 -49.87 18.86
CA HIS A 305 -34.94 -50.22 19.23
C HIS A 305 -35.92 -49.31 18.47
N ALA A 306 -35.72 -48.00 18.58
CA ALA A 306 -36.63 -47.03 17.94
C ALA A 306 -36.74 -47.25 16.46
N VAL A 307 -35.58 -47.34 15.80
CA VAL A 307 -35.54 -47.52 14.36
C VAL A 307 -36.19 -48.84 13.95
N SER A 308 -35.95 -49.89 14.74
CA SER A 308 -36.52 -51.21 14.43
C SER A 308 -38.04 -51.16 14.40
N MET A 309 -38.61 -50.17 15.08
CA MET A 309 -40.08 -50.03 15.14
C MET A 309 -40.56 -48.83 14.35
N GLY A 310 -39.71 -48.35 13.45
CA GLY A 310 -40.10 -47.29 12.51
C GLY A 310 -40.10 -45.91 13.07
N GLY A 311 -39.28 -45.65 14.09
CA GLY A 311 -39.22 -44.32 14.69
C GLY A 311 -37.81 -43.75 14.81
N ASN A 312 -37.73 -42.46 15.10
CA ASN A 312 -36.47 -41.77 15.28
C ASN A 312 -36.14 -41.72 16.74
N MET A 313 -34.88 -41.45 17.05
CA MET A 313 -34.43 -41.27 18.42
C MET A 313 -33.54 -40.04 18.55
N VAL A 314 -33.78 -39.28 19.62
CA VAL A 314 -33.05 -38.06 19.88
C VAL A 314 -32.46 -38.16 21.26
N VAL A 315 -31.13 -38.12 21.33
CA VAL A 315 -30.40 -38.18 22.56
C VAL A 315 -30.07 -36.77 23.07
N ASN A 316 -30.40 -36.50 24.34
CA ASN A 316 -30.23 -35.18 24.91
C ASN A 316 -28.88 -34.86 25.54
N PHE A 317 -28.50 -33.58 25.41
CA PHE A 317 -27.32 -32.98 26.02
C PHE A 317 -27.72 -31.67 26.70
N GLY A 318 -27.16 -31.43 27.87
CA GLY A 318 -27.42 -30.23 28.68
C GLY A 318 -26.14 -29.45 28.91
N PRO A 319 -25.83 -28.53 27.97
CA PRO A 319 -24.53 -27.82 28.00
C PRO A 319 -24.33 -27.01 29.28
N GLN A 320 -23.07 -26.88 29.65
CA GLN A 320 -22.67 -26.12 30.82
C GLN A 320 -22.94 -24.60 30.63
N ALA A 321 -22.94 -23.90 31.76
CA ALA A 321 -23.19 -22.47 31.76
C ALA A 321 -22.13 -21.78 30.93
N ASP A 322 -20.90 -22.29 30.94
CA ASP A 322 -19.85 -21.67 30.17
C ASP A 322 -19.93 -21.91 28.63
N GLY A 323 -20.87 -22.73 28.14
CA GLY A 323 -20.99 -23.00 26.70
C GLY A 323 -20.15 -24.17 26.19
N ASP A 324 -19.54 -24.90 27.12
CA ASP A 324 -18.88 -26.16 26.82
C ASP A 324 -19.74 -27.37 27.30
N PHE A 325 -19.36 -28.57 26.86
CA PHE A 325 -20.04 -29.78 27.31
C PHE A 325 -19.21 -30.52 28.35
N ARG A 326 -19.88 -31.05 29.36
CA ARG A 326 -19.23 -31.83 30.39
C ARG A 326 -18.56 -33.08 29.81
N PRO A 327 -17.59 -33.64 30.53
CA PRO A 327 -16.80 -34.76 30.00
C PRO A 327 -17.64 -35.99 29.65
N GLU A 328 -18.63 -36.28 30.49
CA GLU A 328 -19.51 -37.45 30.27
C GLU A 328 -20.21 -37.36 28.93
N GLU A 329 -20.60 -36.14 28.55
CA GLU A 329 -21.34 -35.95 27.29
C GLU A 329 -20.42 -36.06 26.08
N LYS A 330 -19.21 -35.55 26.22
CA LYS A 330 -18.24 -35.71 25.17
C LYS A 330 -17.89 -37.19 24.94
N ALA A 331 -17.71 -37.92 26.01
CA ALA A 331 -17.43 -39.34 25.89
C ALA A 331 -18.58 -40.11 25.22
N MET A 332 -19.80 -39.76 25.62
CA MET A 332 -20.97 -40.39 25.05
C MET A 332 -21.04 -40.17 23.55
N ALA A 333 -20.93 -38.90 23.15
CA ALA A 333 -21.05 -38.59 21.73
C ALA A 333 -19.99 -39.29 20.91
N THR A 334 -18.78 -39.30 21.42
CA THR A 334 -17.69 -39.98 20.73
C THR A 334 -17.94 -41.47 20.59
N ALA A 335 -18.39 -42.10 21.68
CA ALA A 335 -18.67 -43.57 21.66
C ALA A 335 -19.80 -43.90 20.67
N ILE A 336 -20.88 -43.13 20.71
CA ILE A 336 -21.98 -43.36 19.78
C ILE A 336 -21.52 -43.20 18.36
N GLY A 337 -20.75 -42.15 18.14
CA GLY A 337 -20.10 -41.93 16.84
C GLY A 337 -19.24 -43.06 16.29
N LYS A 338 -18.41 -43.64 17.13
CA LYS A 338 -17.60 -44.78 16.67
C LYS A 338 -18.49 -45.93 16.22
N TRP A 339 -19.49 -46.24 17.01
CA TRP A 339 -20.36 -47.36 16.69
C TRP A 339 -21.17 -47.08 15.42
N MET A 340 -21.75 -45.89 15.31
CA MET A 340 -22.53 -45.54 14.11
C MET A 340 -21.68 -45.55 12.86
N ASN A 341 -20.42 -45.16 13.02
CA ASN A 341 -19.55 -45.14 11.86
C ASN A 341 -19.34 -46.54 11.32
N ARG A 342 -19.31 -47.50 12.22
CA ARG A 342 -19.15 -48.88 11.82
C ARG A 342 -20.48 -49.55 11.39
N TYR A 343 -21.57 -49.27 12.08
CA TYR A 343 -22.79 -50.06 11.90
C TYR A 343 -24.01 -49.26 11.41
N GLY A 344 -23.82 -47.96 11.15
CA GLY A 344 -24.90 -47.07 10.80
C GLY A 344 -25.68 -47.40 9.54
N LYS A 345 -25.17 -48.27 8.71
CA LYS A 345 -25.97 -48.74 7.54
C LYS A 345 -27.27 -49.41 7.99
N ALA A 346 -27.27 -49.96 9.22
CA ALA A 346 -28.46 -50.60 9.79
C ALA A 346 -29.40 -49.65 10.53
N VAL A 347 -29.03 -48.38 10.61
CA VAL A 347 -29.76 -47.35 11.30
C VAL A 347 -30.30 -46.29 10.34
N TYR A 348 -29.41 -45.60 9.63
CA TYR A 348 -29.80 -44.47 8.78
C TYR A 348 -30.66 -44.95 7.66
N ALA A 349 -31.75 -44.22 7.43
CA ALA A 349 -32.68 -44.59 6.36
C ALA A 349 -33.24 -46.01 6.47
N CYS A 350 -33.31 -46.56 7.69
CA CYS A 350 -33.86 -47.90 7.86
C CYS A 350 -35.22 -47.79 8.52
N ASP A 351 -35.92 -48.92 8.57
CA ASP A 351 -37.28 -48.96 9.06
C ASP A 351 -37.63 -50.36 9.65
N TYR A 352 -38.86 -50.48 10.15
CA TYR A 352 -39.46 -51.75 10.59
C TYR A 352 -39.34 -52.85 9.55
N ALA A 353 -38.93 -54.03 9.97
CA ALA A 353 -38.71 -55.10 9.02
C ALA A 353 -39.85 -56.07 8.89
N GLY A 354 -40.87 -56.00 9.75
CA GLY A 354 -41.97 -56.98 9.68
C GLY A 354 -41.67 -58.43 10.12
N PHE A 355 -40.55 -58.66 10.82
CA PHE A 355 -40.21 -59.97 11.35
C PHE A 355 -40.57 -60.03 12.84
N GLU A 356 -40.93 -61.21 13.28
CA GLU A 356 -41.18 -61.47 14.67
C GLU A 356 -39.90 -61.24 15.50
N LYS A 357 -40.04 -60.46 16.58
CA LYS A 357 -38.94 -60.09 17.50
C LYS A 357 -38.25 -61.33 18.12
N GLN A 358 -36.93 -61.35 18.14
CA GLN A 358 -36.17 -62.39 18.76
C GLN A 358 -35.30 -61.79 19.88
N ASP A 359 -34.83 -62.64 20.79
CA ASP A 359 -34.12 -62.19 22.03
C ASP A 359 -32.73 -61.63 21.82
N TRP A 360 -32.09 -61.94 20.70
CA TRP A 360 -30.69 -61.53 20.48
C TRP A 360 -30.56 -60.04 20.16
N GLY A 361 -31.67 -59.39 19.80
CA GLY A 361 -31.63 -57.99 19.43
C GLY A 361 -32.74 -57.62 18.48
N TYR A 362 -32.40 -56.78 17.50
CA TYR A 362 -33.41 -56.14 16.65
C TYR A 362 -33.13 -56.32 15.19
N TYR A 363 -34.19 -56.46 14.41
CA TYR A 363 -34.09 -56.35 12.99
C TYR A 363 -34.32 -54.91 12.54
N THR A 364 -33.62 -54.49 11.48
CA THR A 364 -34.02 -53.27 10.74
C THR A 364 -34.03 -53.58 9.25
N ARG A 365 -34.78 -52.79 8.49
CA ARG A 365 -34.92 -53.01 7.05
CA ARG A 365 -34.91 -53.00 7.06
C ARG A 365 -34.36 -51.82 6.27
N GLY A 366 -33.47 -52.11 5.33
CA GLY A 366 -32.88 -51.08 4.48
C GLY A 366 -33.81 -50.67 3.34
N LYS A 367 -33.37 -49.66 2.60
CA LYS A 367 -34.13 -49.14 1.46
C LYS A 367 -34.24 -50.10 0.27
N ASN A 368 -33.28 -50.99 0.13
CA ASN A 368 -33.35 -52.03 -0.90
C ASN A 368 -33.63 -53.43 -0.31
N ASP A 369 -34.53 -53.54 0.67
CA ASP A 369 -34.90 -54.82 1.28
C ASP A 369 -33.76 -55.60 1.94
N GLU A 370 -32.70 -54.90 2.32
CA GLU A 370 -31.71 -55.51 3.18
C GLU A 370 -32.39 -55.73 4.51
N VAL A 371 -32.12 -56.87 5.16
CA VAL A 371 -32.60 -57.09 6.52
C VAL A 371 -31.43 -57.26 7.44
N TYR A 372 -31.31 -56.34 8.37
CA TYR A 372 -30.14 -56.30 9.25
C TYR A 372 -30.49 -56.88 10.60
N MET A 373 -29.64 -57.78 11.10
CA MET A 373 -29.79 -58.33 12.44
C MET A 373 -28.80 -57.61 13.33
N VAL A 374 -29.29 -56.83 14.28
CA VAL A 374 -28.43 -56.10 15.18
C VAL A 374 -28.45 -56.85 16.49
N VAL A 375 -27.30 -57.44 16.82
CA VAL A 375 -27.17 -58.34 17.94
C VAL A 375 -26.62 -57.67 19.18
N PHE A 376 -27.45 -57.66 20.24
CA PHE A 376 -27.08 -57.07 21.56
C PHE A 376 -26.87 -58.12 22.67
N ASN A 377 -27.45 -59.31 22.47
CA ASN A 377 -27.40 -60.38 23.42
C ASN A 377 -26.92 -61.64 22.72
N GLN A 378 -25.71 -62.06 23.04
CA GLN A 378 -25.04 -63.15 22.35
C GLN A 378 -25.47 -64.51 22.93
N PRO A 379 -26.13 -65.35 22.11
CA PRO A 379 -26.58 -66.64 22.66
C PRO A 379 -25.45 -67.63 22.88
N TYR A 380 -25.43 -68.28 24.04
CA TYR A 380 -24.46 -69.35 24.29
C TYR A 380 -24.67 -70.51 23.31
N SER A 381 -25.87 -70.65 22.76
CA SER A 381 -26.14 -71.67 21.74
C SER A 381 -25.36 -71.46 20.48
N GLU A 382 -24.82 -70.26 20.32
CA GLU A 382 -24.09 -69.86 19.12
C GLU A 382 -24.96 -69.83 17.91
N ARG A 383 -26.28 -69.77 18.14
CA ARG A 383 -27.22 -69.77 17.06
C ARG A 383 -28.23 -68.66 17.24
N LEU A 384 -28.46 -67.90 16.17
CA LEU A 384 -29.32 -66.76 16.20
C LEU A 384 -30.59 -67.10 15.46
N ILE A 385 -31.68 -67.19 16.19
CA ILE A 385 -32.93 -67.66 15.64
C ILE A 385 -33.55 -66.61 14.76
N VAL A 386 -33.95 -67.03 13.55
CA VAL A 386 -34.62 -66.16 12.63
C VAL A 386 -35.86 -66.85 12.12
N LYS A 387 -37.00 -66.33 12.53
CA LYS A 387 -38.31 -66.81 12.06
C LYS A 387 -38.82 -65.82 11.00
N THR A 388 -39.06 -66.31 9.78
CA THR A 388 -39.42 -65.46 8.66
C THR A 388 -40.91 -65.35 8.49
N PRO A 389 -41.39 -64.24 7.94
CA PRO A 389 -42.81 -64.26 7.58
C PRO A 389 -43.11 -65.20 6.45
N LYS A 390 -44.41 -65.42 6.22
CA LYS A 390 -44.92 -66.32 5.17
C LYS A 390 -44.38 -65.90 3.83
N GLY A 391 -43.83 -66.85 3.10
CA GLY A 391 -43.31 -66.57 1.78
C GLY A 391 -41.88 -66.05 1.70
N ILE A 392 -41.25 -65.79 2.83
CA ILE A 392 -39.92 -65.19 2.81
C ILE A 392 -38.91 -66.27 3.12
N THR A 393 -37.87 -66.37 2.33
CA THR A 393 -36.75 -67.24 2.64
C THR A 393 -35.46 -66.38 2.84
N VAL A 394 -34.46 -66.99 3.45
CA VAL A 394 -33.20 -66.30 3.69
C VAL A 394 -32.19 -66.97 2.81
N GLU A 395 -31.58 -66.22 1.89
CA GLU A 395 -30.62 -66.80 0.92
C GLU A 395 -29.19 -66.67 1.33
N LYS A 396 -28.87 -65.67 2.13
CA LYS A 396 -27.50 -65.47 2.51
C LYS A 396 -27.48 -64.64 3.78
N ALA A 397 -26.41 -64.83 4.56
CA ALA A 397 -26.07 -63.97 5.67
C ALA A 397 -24.60 -63.58 5.60
N THR A 398 -24.34 -62.32 5.95
CA THR A 398 -23.02 -61.76 5.87
C THR A 398 -22.72 -60.84 7.08
N LEU A 399 -21.54 -60.99 7.67
CA LEU A 399 -21.10 -60.05 8.68
C LEU A 399 -20.80 -58.67 8.03
N LEU A 400 -21.47 -57.64 8.51
CA LEU A 400 -21.43 -56.35 7.88
C LEU A 400 -20.02 -55.79 7.84
N THR A 401 -19.30 -55.86 8.92
CA THR A 401 -17.99 -55.22 8.93
C THR A 401 -17.00 -55.90 7.97
N THR A 402 -16.93 -57.22 8.00
CA THR A 402 -15.90 -57.90 7.22
C THR A 402 -16.34 -58.44 5.88
N GLY A 403 -17.62 -58.60 5.62
CA GLY A 403 -18.08 -59.26 4.42
C GLY A 403 -18.05 -60.78 4.51
N GLU A 404 -17.57 -61.34 5.60
CA GLU A 404 -17.48 -62.80 5.68
C GLU A 404 -18.86 -63.48 5.68
N ASP A 405 -18.93 -64.65 5.07
CA ASP A 405 -20.16 -65.40 4.91
C ASP A 405 -20.47 -66.13 6.22
N ILE A 406 -21.76 -66.19 6.58
CA ILE A 406 -22.25 -66.71 7.86
C ILE A 406 -23.22 -67.86 7.54
N THR A 407 -23.00 -69.00 8.15
CA THR A 407 -23.84 -70.17 7.89
C THR A 407 -25.31 -69.96 8.32
N VAL A 408 -26.23 -70.34 7.45
CA VAL A 408 -27.66 -70.31 7.71
C VAL A 408 -28.19 -71.71 7.58
N VAL A 409 -28.84 -72.21 8.62
CA VAL A 409 -29.35 -73.55 8.66
C VAL A 409 -30.86 -73.49 8.85
N GLU A 410 -31.59 -74.17 7.98
CA GLU A 410 -33.04 -74.22 8.10
C GLU A 410 -33.42 -75.24 9.18
N THR A 411 -34.23 -74.82 10.14
CA THR A 411 -34.59 -75.72 11.26
C THR A 411 -36.02 -76.26 11.12
N THR A 412 -36.89 -75.46 10.55
CA THR A 412 -38.25 -75.83 10.30
C THR A 412 -38.74 -74.94 9.17
N ARG A 413 -40.00 -75.12 8.77
CA ARG A 413 -40.65 -74.25 7.82
C ARG A 413 -40.63 -72.87 8.46
N ASN A 414 -40.14 -71.90 7.74
CA ASN A 414 -40.10 -70.53 8.24
C ASN A 414 -39.17 -70.23 9.40
N GLU A 415 -38.20 -71.07 9.65
CA GLU A 415 -37.25 -70.74 10.68
C GLU A 415 -35.83 -71.22 10.39
N TYR A 416 -34.87 -70.41 10.78
CA TYR A 416 -33.47 -70.71 10.57
C TYR A 416 -32.64 -70.42 11.81
N ASN A 417 -31.48 -71.07 11.89
CA ASN A 417 -30.46 -70.72 12.84
C ASN A 417 -29.40 -70.02 12.01
N VAL A 418 -29.14 -68.74 12.31
CA VAL A 418 -28.01 -68.02 11.72
C VAL A 418 -26.85 -68.07 12.72
N SER A 419 -25.68 -68.56 12.29
CA SER A 419 -24.60 -68.78 13.23
C SER A 419 -24.08 -67.45 13.67
N VAL A 420 -23.50 -67.43 14.85
CA VAL A 420 -22.74 -66.28 15.27
C VAL A 420 -21.44 -66.29 14.46
N PRO A 421 -20.72 -65.16 14.42
CA PRO A 421 -19.42 -65.11 13.74
C PRO A 421 -18.41 -66.01 14.40
N LYS A 422 -17.47 -66.51 13.62
CA LYS A 422 -16.40 -67.37 14.14
C LYS A 422 -15.69 -66.68 15.28
N LYS A 423 -15.40 -65.40 15.11
CA LYS A 423 -14.76 -64.60 16.18
C LYS A 423 -15.78 -63.67 16.80
N ASN A 424 -15.90 -63.71 18.10
CA ASN A 424 -16.89 -62.88 18.78
C ASN A 424 -16.59 -61.40 18.60
N PRO A 425 -17.52 -60.63 18.04
CA PRO A 425 -17.13 -59.24 17.78
C PRO A 425 -16.86 -58.40 19.01
N GLY A 426 -17.29 -58.82 20.18
CA GLY A 426 -16.99 -58.10 21.41
C GLY A 426 -17.84 -56.84 21.60
N GLU A 427 -18.81 -56.59 20.74
CA GLU A 427 -19.68 -55.44 20.86
C GLU A 427 -20.95 -55.71 20.08
N PRO A 428 -22.00 -54.91 20.29
CA PRO A 428 -23.23 -55.18 19.50
C PRO A 428 -22.88 -55.11 18.01
N TYR A 429 -23.34 -56.06 17.22
CA TYR A 429 -22.85 -56.15 15.85
C TYR A 429 -23.97 -56.40 14.87
N VAL A 430 -23.64 -56.34 13.57
CA VAL A 430 -24.64 -56.53 12.54
C VAL A 430 -24.32 -57.63 11.57
N ILE A 431 -25.32 -58.45 11.31
CA ILE A 431 -25.30 -59.43 10.24
C ILE A 431 -26.37 -59.01 9.26
N GLN A 432 -25.99 -58.97 7.98
CA GLN A 432 -26.90 -58.57 6.94
C GLN A 432 -27.44 -59.80 6.23
N LEU A 433 -28.75 -59.84 6.03
CA LEU A 433 -29.40 -60.95 5.35
C LEU A 433 -29.86 -60.50 3.98
N LYS A 434 -29.74 -61.41 3.02
CA LYS A 434 -30.41 -61.34 1.75
C LYS A 434 -31.61 -62.27 1.85
N VAL A 435 -32.80 -61.72 1.61
CA VAL A 435 -34.04 -62.46 1.63
C VAL A 435 -34.74 -62.44 0.27
N ARG A 436 -35.62 -63.41 0.02
CA ARG A 436 -36.41 -63.52 -1.23
C ARG A 436 -37.88 -63.79 -0.89
N ALA A 437 -38.79 -63.09 -1.54
CA ALA A 437 -40.23 -63.38 -1.43
C ALA A 437 -40.66 -64.34 -2.56
N ALA A 438 -41.93 -64.74 -2.56
CA ALA A 438 -42.43 -65.70 -3.54
C ALA A 438 -43.25 -65.00 -4.62
N GLU B 1 -50.93 19.59 0.08
CA GLU B 1 -50.52 18.27 0.66
C GLU B 1 -51.28 17.18 -0.08
N ILE B 2 -50.57 16.32 -0.81
CA ILE B 2 -51.16 15.14 -1.49
C ILE B 2 -51.20 14.01 -0.47
N PRO B 3 -52.29 13.20 -0.44
CA PRO B 3 -52.33 12.14 0.58
C PRO B 3 -51.50 10.96 0.09
N LEU B 4 -50.71 10.35 0.97
CA LEU B 4 -49.87 9.20 0.57
C LEU B 4 -49.87 8.16 1.65
N LYS B 5 -49.97 6.90 1.24
CA LYS B 5 -49.80 5.79 2.14
C LYS B 5 -48.31 5.33 2.21
N TYR B 6 -47.52 5.57 1.15
CA TYR B 6 -46.17 4.98 1.03
C TYR B 6 -45.12 6.03 0.81
N GLY B 7 -45.35 7.19 1.37
CA GLY B 7 -44.42 8.27 1.28
C GLY B 7 -43.44 8.24 2.43
N ALA B 8 -42.87 9.40 2.77
CA ALA B 8 -41.82 9.48 3.79
C ALA B 8 -42.29 9.08 5.17
N THR B 9 -41.37 8.57 5.96
CA THR B 9 -41.63 8.18 7.33
C THR B 9 -40.91 9.16 8.25
N ASN B 10 -39.56 9.07 8.28
CA ASN B 10 -38.65 9.97 9.03
C ASN B 10 -39.05 11.45 8.99
N GLU B 11 -38.85 12.16 10.09
CA GLU B 11 -39.15 13.59 10.15
C GLU B 11 -37.93 14.32 9.64
N GLY B 12 -36.87 14.40 10.43
CA GLY B 12 -35.58 14.92 9.95
C GLY B 12 -34.51 13.82 9.91
N LYS B 13 -33.31 14.15 10.37
CA LYS B 13 -32.21 13.20 10.46
C LYS B 13 -32.39 12.26 11.63
N ARG B 14 -32.17 10.97 11.41
CA ARG B 14 -32.12 10.01 12.51
C ARG B 14 -30.97 10.38 13.41
N GLN B 15 -31.18 10.28 14.70
CA GLN B 15 -30.09 10.58 15.64
C GLN B 15 -29.82 9.43 16.62
N ASP B 16 -30.34 8.24 16.33
CA ASP B 16 -29.98 7.07 17.08
C ASP B 16 -28.49 6.76 16.89
N PRO B 17 -27.89 6.03 17.82
CA PRO B 17 -26.46 5.75 17.71
C PRO B 17 -26.06 5.05 16.42
N ALA B 18 -26.94 4.23 15.84
CA ALA B 18 -26.56 3.51 14.62
C ALA B 18 -26.40 4.47 13.44
N MET B 19 -27.30 5.45 13.32
CA MET B 19 -27.20 6.43 12.26
C MET B 19 -26.01 7.31 12.51
N GLN B 20 -25.77 7.68 13.77
CA GLN B 20 -24.63 8.53 14.10
C GLN B 20 -23.32 7.88 13.65
N LYS B 21 -23.27 6.57 13.76
CA LYS B 21 -22.11 5.77 13.38
C LYS B 21 -21.96 5.77 11.86
N PHE B 22 -23.09 5.51 11.18
CA PHE B 22 -23.13 5.52 9.69
C PHE B 22 -22.55 6.85 9.20
N ARG B 23 -23.02 7.92 9.83
CA ARG B 23 -22.61 9.28 9.54
C ARG B 23 -21.16 9.56 9.85
N ASP B 24 -20.76 9.30 11.09
CA ASP B 24 -19.39 9.60 11.53
C ASP B 24 -18.32 8.85 10.75
N ASN B 25 -18.64 7.65 10.29
CA ASN B 25 -17.74 6.89 9.46
C ASN B 25 -17.20 7.75 8.33
N ARG B 26 -18.11 8.46 7.64
CA ARG B 26 -17.79 9.37 6.52
C ARG B 26 -17.16 8.79 5.27
N LEU B 27 -16.10 8.02 5.42
CA LEU B 27 -15.40 7.47 4.26
C LEU B 27 -15.58 5.96 4.09
N GLY B 28 -16.02 5.56 2.91
CA GLY B 28 -16.26 4.16 2.61
C GLY B 28 -15.60 3.73 1.33
N ALA B 29 -15.52 2.42 1.13
CA ALA B 29 -15.18 1.87 -0.19
C ALA B 29 -16.34 1.13 -0.75
N PHE B 30 -16.40 1.06 -2.08
CA PHE B 30 -17.38 0.26 -2.78
C PHE B 30 -16.61 -0.91 -3.43
N ILE B 31 -17.19 -2.10 -3.40
CA ILE B 31 -16.69 -3.28 -4.11
C ILE B 31 -17.75 -3.72 -5.08
N HIS B 32 -17.40 -3.70 -6.37
CA HIS B 32 -18.23 -4.28 -7.44
C HIS B 32 -17.51 -5.53 -7.94
N TRP B 33 -17.99 -6.68 -7.53
CA TRP B 33 -17.42 -7.93 -7.98
C TRP B 33 -18.56 -8.87 -8.36
N GLY B 34 -18.38 -9.48 -9.53
CA GLY B 34 -19.37 -10.33 -10.15
C GLY B 34 -18.78 -10.99 -11.38
N LEU B 35 -19.63 -11.70 -12.16
CA LEU B 35 -19.16 -12.46 -13.32
C LEU B 35 -18.58 -11.59 -14.39
N TYR B 36 -19.03 -10.32 -14.43
CA TYR B 36 -18.47 -9.32 -15.33
C TYR B 36 -16.94 -9.17 -15.22
N ALA B 37 -16.35 -9.56 -14.09
CA ALA B 37 -14.88 -9.39 -13.89
C ALA B 37 -14.10 -10.33 -14.79
N ILE B 38 -14.74 -11.43 -15.21
CA ILE B 38 -14.09 -12.41 -16.06
C ILE B 38 -13.82 -11.87 -17.48
N PRO B 39 -14.86 -11.50 -18.23
CA PRO B 39 -14.54 -10.88 -19.52
C PRO B 39 -13.85 -9.48 -19.43
N GLY B 40 -14.07 -8.75 -18.34
CA GLY B 40 -13.37 -7.47 -18.14
C GLY B 40 -13.64 -6.45 -19.24
N GLY B 41 -14.87 -6.40 -19.71
CA GLY B 41 -15.23 -5.43 -20.76
C GLY B 41 -15.07 -5.89 -22.20
N GLU B 42 -14.56 -7.11 -22.39
CA GLU B 42 -14.37 -7.67 -23.71
C GLU B 42 -15.27 -8.84 -23.97
N TRP B 43 -15.94 -8.81 -25.11
CA TRP B 43 -16.76 -9.95 -25.53
C TRP B 43 -16.46 -10.31 -26.98
N ASN B 44 -16.07 -11.57 -27.19
CA ASN B 44 -15.86 -12.08 -28.55
C ASN B 44 -14.83 -11.27 -29.29
N GLY B 45 -13.72 -11.00 -28.63
CA GLY B 45 -12.65 -10.21 -29.25
C GLY B 45 -12.93 -8.73 -29.38
N LYS B 46 -14.09 -8.26 -28.97
CA LYS B 46 -14.37 -6.85 -29.02
C LYS B 46 -14.41 -6.21 -27.62
N VAL B 47 -13.65 -5.14 -27.43
CA VAL B 47 -13.58 -4.38 -26.20
C VAL B 47 -14.63 -3.27 -26.19
N TYR B 48 -15.51 -3.25 -25.21
CA TYR B 48 -16.55 -2.27 -25.18
C TYR B 48 -16.21 -1.20 -24.17
N GLY B 49 -16.44 0.05 -24.59
CA GLY B 49 -16.11 1.22 -23.77
C GLY B 49 -17.04 1.49 -22.62
N GLY B 50 -18.29 1.06 -22.70
CA GLY B 50 -19.23 1.25 -21.59
C GLY B 50 -18.78 0.56 -20.30
N ALA B 51 -19.46 0.88 -19.21
CA ALA B 51 -19.22 0.24 -17.91
C ALA B 51 -19.15 -1.31 -18.02
N ALA B 52 -18.01 -1.91 -17.61
CA ALA B 52 -17.83 -3.34 -17.74
C ALA B 52 -18.94 -4.20 -17.13
N GLU B 53 -19.52 -3.75 -16.03
CA GLU B 53 -20.55 -4.53 -15.34
C GLU B 53 -21.88 -4.58 -16.13
N TRP B 54 -21.96 -3.77 -17.18
CA TRP B 54 -23.09 -3.77 -18.08
C TRP B 54 -22.76 -4.47 -19.39
N LEU B 55 -21.65 -5.21 -19.46
CA LEU B 55 -21.22 -5.84 -20.72
C LEU B 55 -22.27 -6.75 -21.33
N LYS B 56 -23.07 -7.39 -20.49
CA LYS B 56 -24.14 -8.25 -21.00
C LYS B 56 -25.05 -7.43 -21.92
N SER B 57 -25.28 -6.20 -21.54
CA SER B 57 -26.08 -5.32 -22.33
C SER B 57 -25.34 -4.88 -23.59
N TRP B 58 -24.12 -4.37 -23.43
CA TRP B 58 -23.43 -3.78 -24.57
C TRP B 58 -23.24 -4.80 -25.66
N ALA B 59 -22.90 -6.02 -25.29
CA ALA B 59 -22.66 -7.06 -26.28
C ALA B 59 -23.92 -7.90 -26.60
N LYS B 60 -25.08 -7.52 -26.08
CA LYS B 60 -26.31 -8.22 -26.37
C LYS B 60 -26.22 -9.75 -26.04
N VAL B 61 -25.60 -10.11 -24.92
CA VAL B 61 -25.41 -11.51 -24.55
C VAL B 61 -26.67 -12.06 -23.83
N PRO B 62 -27.22 -13.20 -24.28
CA PRO B 62 -28.39 -13.76 -23.60
C PRO B 62 -28.02 -14.33 -22.22
N ALA B 63 -29.01 -14.31 -21.32
CA ALA B 63 -28.80 -14.68 -19.92
C ALA B 63 -28.12 -16.02 -19.74
N ASP B 64 -28.59 -17.05 -20.43
CA ASP B 64 -28.01 -18.38 -20.30
C ASP B 64 -26.56 -18.33 -20.61
N GLU B 65 -26.21 -17.66 -21.69
CA GLU B 65 -24.82 -17.65 -22.14
C GLU B 65 -23.98 -16.80 -21.20
N TRP B 66 -24.54 -15.68 -20.72
CA TRP B 66 -23.85 -14.83 -19.76
C TRP B 66 -23.54 -15.59 -18.46
N LEU B 67 -24.55 -16.27 -17.93
CA LEU B 67 -24.41 -16.94 -16.64
C LEU B 67 -23.50 -18.18 -16.67
N LYS B 68 -23.25 -18.71 -17.87
CA LYS B 68 -22.21 -19.72 -18.10
C LYS B 68 -20.81 -19.30 -17.64
N LEU B 69 -20.62 -18.02 -17.46
CA LEU B 69 -19.36 -17.53 -16.88
C LEU B 69 -19.08 -18.11 -15.50
N MET B 70 -20.15 -18.49 -14.78
CA MET B 70 -20.03 -19.22 -13.50
C MET B 70 -19.04 -20.38 -13.55
N ASP B 71 -18.93 -21.01 -14.71
CA ASP B 71 -18.04 -22.15 -14.89
C ASP B 71 -16.60 -21.73 -14.91
N GLN B 72 -16.31 -20.45 -15.15
CA GLN B 72 -14.94 -19.96 -14.98
C GLN B 72 -14.71 -19.18 -13.69
N TRP B 73 -15.71 -19.08 -12.80
CA TRP B 73 -15.55 -18.34 -11.57
C TRP B 73 -14.69 -19.11 -10.57
N ASN B 74 -13.43 -18.73 -10.47
CA ASN B 74 -12.50 -19.44 -9.59
C ASN B 74 -11.34 -18.51 -9.15
N PRO B 75 -11.64 -17.53 -8.28
CA PRO B 75 -10.69 -16.52 -7.82
C PRO B 75 -9.67 -17.07 -6.83
N THR B 76 -8.65 -17.75 -7.34
CA THR B 76 -7.73 -18.46 -6.48
C THR B 76 -6.88 -17.51 -5.63
N LYS B 77 -6.68 -16.28 -6.08
CA LYS B 77 -5.94 -15.33 -5.26
C LYS B 77 -6.82 -14.66 -4.18
N PHE B 78 -8.12 -14.93 -4.15
CA PHE B 78 -8.96 -14.24 -3.21
C PHE B 78 -8.56 -14.49 -1.76
N ASP B 79 -8.51 -13.45 -0.94
CA ASP B 79 -8.17 -13.64 0.47
C ASP B 79 -8.85 -12.52 1.26
N ALA B 80 -9.96 -12.85 1.89
CA ALA B 80 -10.77 -11.84 2.59
C ALA B 80 -9.97 -10.99 3.58
N LYS B 81 -9.01 -11.61 4.25
CA LYS B 81 -8.14 -10.89 5.21
C LYS B 81 -7.26 -9.85 4.56
N LYS B 82 -6.75 -10.11 3.37
CA LYS B 82 -5.95 -9.11 2.65
C LYS B 82 -6.81 -7.95 2.24
N TRP B 83 -7.96 -8.28 1.68
CA TRP B 83 -8.96 -7.23 1.32
C TRP B 83 -9.24 -6.31 2.50
N ALA B 84 -9.44 -6.87 3.67
CA ALA B 84 -9.81 -6.07 4.82
C ALA B 84 -8.67 -5.17 5.30
N LYS B 85 -7.46 -5.71 5.17
CA LYS B 85 -6.27 -4.98 5.53
C LYS B 85 -6.12 -3.81 4.57
N MET B 86 -6.36 -4.05 3.30
CA MET B 86 -6.30 -2.98 2.30
C MET B 86 -7.25 -1.82 2.63
N ALA B 87 -8.50 -2.14 2.92
CA ALA B 87 -9.47 -1.14 3.34
C ALA B 87 -9.05 -0.40 4.61
N LYS B 88 -8.45 -1.14 5.56
CA LYS B 88 -7.96 -0.55 6.81
C LYS B 88 -6.87 0.45 6.53
N GLU B 89 -5.92 0.05 5.71
CA GLU B 89 -4.83 0.91 5.33
C GLU B 89 -5.30 2.15 4.61
N MET B 90 -6.35 2.05 3.81
CA MET B 90 -6.87 3.18 3.09
C MET B 90 -7.50 4.20 4.03
N GLY B 91 -7.89 3.75 5.23
CA GLY B 91 -8.64 4.57 6.19
C GLY B 91 -10.15 4.52 6.07
N THR B 92 -10.68 3.55 5.31
CA THR B 92 -12.14 3.44 5.14
C THR B 92 -12.75 2.83 6.39
N LYS B 93 -13.86 3.40 6.85
CA LYS B 93 -14.56 2.93 8.03
C LYS B 93 -15.68 1.96 7.69
N TYR B 94 -16.00 1.83 6.42
CA TYR B 94 -17.00 0.89 5.98
C TYR B 94 -16.79 0.50 4.56
N VAL B 95 -17.39 -0.61 4.18
CA VAL B 95 -17.34 -1.09 2.83
C VAL B 95 -18.71 -1.53 2.35
N LYS B 96 -19.05 -1.18 1.12
CA LYS B 96 -20.35 -1.52 0.53
C LYS B 96 -20.07 -2.57 -0.54
N ILE B 97 -20.73 -3.73 -0.46
CA ILE B 97 -20.44 -4.83 -1.34
C ILE B 97 -21.61 -5.24 -2.21
N THR B 98 -21.34 -5.48 -3.47
CA THR B 98 -22.33 -6.00 -4.38
C THR B 98 -22.67 -7.44 -4.07
N THR B 99 -23.76 -7.66 -3.34
CA THR B 99 -24.23 -9.01 -3.04
C THR B 99 -24.76 -9.68 -4.31
N LYS B 100 -25.41 -8.87 -5.15
CA LYS B 100 -25.96 -9.31 -6.41
C LYS B 100 -26.07 -8.05 -7.28
N HIS B 101 -25.49 -8.06 -8.49
CA HIS B 101 -25.65 -6.93 -9.43
C HIS B 101 -26.79 -7.29 -10.43
N HIS B 102 -26.93 -6.52 -11.51
CA HIS B 102 -28.06 -6.67 -12.41
C HIS B 102 -28.06 -8.06 -13.02
N GLU B 103 -26.86 -8.58 -13.28
CA GLU B 103 -26.68 -9.88 -13.83
C GLU B 103 -27.39 -11.00 -13.02
N GLY B 104 -27.55 -10.81 -11.71
CA GLY B 104 -28.29 -11.75 -10.88
C GLY B 104 -27.44 -12.81 -10.17
N PHE B 105 -26.15 -12.86 -10.45
CA PHE B 105 -25.21 -13.76 -9.78
C PHE B 105 -24.98 -13.31 -8.34
N CYS B 106 -25.24 -14.19 -7.38
CA CYS B 106 -25.17 -13.89 -5.95
C CYS B 106 -23.83 -14.26 -5.33
N LEU B 107 -23.25 -13.38 -4.53
CA LEU B 107 -21.94 -13.66 -3.89
C LEU B 107 -22.08 -14.44 -2.58
N TRP B 108 -23.31 -14.83 -2.26
CA TRP B 108 -23.59 -15.73 -1.14
C TRP B 108 -24.43 -16.88 -1.67
N PRO B 109 -24.42 -18.01 -0.98
CA PRO B 109 -25.09 -19.19 -1.55
C PRO B 109 -26.58 -19.17 -1.32
N SER B 110 -27.30 -18.35 -2.09
CA SER B 110 -28.73 -18.21 -1.87
C SER B 110 -29.46 -19.53 -2.13
N LYS B 111 -30.49 -19.80 -1.31
CA LYS B 111 -31.37 -20.95 -1.48
C LYS B 111 -32.41 -20.67 -2.59
N TYR B 112 -32.53 -19.42 -3.05
CA TYR B 112 -33.62 -19.09 -3.97
C TYR B 112 -33.30 -18.96 -5.41
N THR B 113 -32.09 -19.32 -5.79
CA THR B 113 -31.71 -19.36 -7.21
C THR B 113 -30.50 -20.24 -7.33
N LYS B 114 -30.24 -20.76 -8.53
CA LYS B 114 -29.03 -21.53 -8.77
C LYS B 114 -27.83 -20.66 -9.17
N TYR B 115 -28.08 -19.39 -9.48
CA TYR B 115 -26.99 -18.54 -9.95
C TYR B 115 -26.27 -17.89 -8.75
N THR B 116 -25.45 -18.70 -8.07
CA THR B 116 -24.72 -18.28 -6.90
C THR B 116 -23.31 -18.86 -6.87
N VAL B 117 -22.50 -18.32 -5.97
CA VAL B 117 -21.12 -18.79 -5.76
C VAL B 117 -21.02 -20.27 -5.45
N ALA B 118 -22.09 -20.85 -4.91
CA ALA B 118 -22.06 -22.26 -4.58
C ALA B 118 -21.92 -23.12 -5.82
N ASN B 119 -22.52 -22.71 -6.92
CA ASN B 119 -22.44 -23.53 -8.13
C ASN B 119 -21.31 -23.10 -9.04
N THR B 120 -20.18 -22.77 -8.45
CA THR B 120 -19.00 -22.44 -9.23
C THR B 120 -17.92 -23.37 -8.75
N PRO B 121 -16.85 -23.54 -9.53
CA PRO B 121 -15.68 -24.25 -9.04
C PRO B 121 -15.16 -23.78 -7.69
N TYR B 122 -15.28 -22.49 -7.40
CA TYR B 122 -14.77 -21.95 -6.14
C TYR B 122 -15.63 -22.31 -4.96
N LYS B 123 -16.92 -22.45 -5.18
CA LYS B 123 -17.85 -23.00 -4.20
C LYS B 123 -18.11 -22.11 -2.96
N ARG B 124 -17.12 -21.38 -2.50
CA ARG B 124 -17.19 -20.76 -1.18
C ARG B 124 -18.04 -19.48 -1.05
N ASP B 125 -18.53 -19.25 0.16
CA ASP B 125 -19.37 -18.08 0.50
C ASP B 125 -18.51 -16.81 0.64
N ILE B 126 -18.24 -16.21 -0.49
CA ILE B 126 -17.41 -15.01 -0.59
C ILE B 126 -17.94 -13.94 0.35
N LEU B 127 -19.25 -13.69 0.31
CA LEU B 127 -19.82 -12.60 1.09
C LEU B 127 -19.63 -12.81 2.58
N GLY B 128 -19.82 -14.03 3.05
CA GLY B 128 -19.57 -14.35 4.46
C GLY B 128 -18.11 -14.20 4.84
N GLU B 129 -17.23 -14.61 3.95
CA GLU B 129 -15.80 -14.45 4.25
C GLU B 129 -15.49 -12.97 4.40
N LEU B 130 -16.01 -12.14 3.50
CA LEU B 130 -15.79 -10.72 3.58
C LEU B 130 -16.37 -10.10 4.82
N VAL B 131 -17.60 -10.47 5.17
CA VAL B 131 -18.25 -9.86 6.35
C VAL B 131 -17.43 -10.09 7.62
N LYS B 132 -16.94 -11.30 7.78
CA LYS B 132 -16.09 -11.59 8.93
C LYS B 132 -14.81 -10.80 8.89
N ALA B 133 -14.12 -10.86 7.76
CA ALA B 133 -12.80 -10.24 7.68
C ALA B 133 -12.87 -8.70 7.90
N TYR B 134 -13.87 -8.05 7.31
CA TYR B 134 -14.04 -6.59 7.52
C TYR B 134 -14.39 -6.31 8.96
N ASN B 135 -15.37 -7.05 9.49
CA ASN B 135 -15.77 -6.84 10.90
C ASN B 135 -14.59 -7.03 11.86
N ASP B 136 -13.79 -8.06 11.62
CA ASP B 136 -12.54 -8.28 12.41
C ASP B 136 -11.64 -7.06 12.44
N GLU B 137 -11.60 -6.30 11.35
CA GLU B 137 -10.83 -5.06 11.36
C GLU B 137 -11.60 -3.87 11.94
N GLY B 138 -12.81 -4.08 12.45
CA GLY B 138 -13.62 -2.97 12.97
C GLY B 138 -14.23 -2.10 11.86
N ILE B 139 -14.48 -2.68 10.69
CA ILE B 139 -15.03 -1.98 9.56
C ILE B 139 -16.45 -2.45 9.37
N ASP B 140 -17.41 -1.52 9.36
CA ASP B 140 -18.82 -1.87 9.07
C ASP B 140 -18.98 -2.36 7.66
N VAL B 141 -19.96 -3.22 7.47
CA VAL B 141 -20.30 -3.71 6.12
C VAL B 141 -21.72 -3.34 5.73
N HIS B 142 -21.87 -2.86 4.49
CA HIS B 142 -23.14 -2.45 3.88
C HIS B 142 -23.36 -3.34 2.65
N PHE B 143 -24.61 -3.64 2.34
CA PHE B 143 -24.93 -4.51 1.24
C PHE B 143 -25.60 -3.75 0.10
N TYR B 144 -24.91 -3.72 -1.04
CA TYR B 144 -25.51 -3.33 -2.28
C TYR B 144 -26.39 -4.47 -2.76
N PHE B 145 -27.56 -4.12 -3.30
CA PHE B 145 -28.50 -5.09 -3.81
C PHE B 145 -29.27 -4.54 -5.03
N SER B 146 -29.13 -5.18 -6.17
CA SER B 146 -29.83 -4.77 -7.35
C SER B 146 -31.21 -5.42 -7.37
N VAL B 147 -32.24 -4.61 -7.34
CA VAL B 147 -33.58 -5.12 -7.51
C VAL B 147 -33.77 -5.71 -8.88
N MET B 148 -33.50 -4.93 -9.90
CA MET B 148 -33.47 -5.42 -11.27
C MET B 148 -32.56 -6.66 -11.36
N ASP B 149 -33.08 -7.71 -12.00
CA ASP B 149 -32.39 -9.01 -12.06
C ASP B 149 -32.62 -9.63 -13.43
N TRP B 150 -31.56 -9.66 -14.20
CA TRP B 150 -31.56 -10.16 -15.57
C TRP B 150 -31.55 -11.69 -15.65
N SER B 151 -31.40 -12.36 -14.49
CA SER B 151 -31.29 -13.81 -14.46
C SER B 151 -32.65 -14.47 -14.21
N ASN B 152 -33.60 -13.70 -13.73
CA ASN B 152 -34.90 -14.22 -13.37
C ASN B 152 -35.98 -13.79 -14.37
N PRO B 153 -36.64 -14.74 -15.06
CA PRO B 153 -37.61 -14.33 -16.09
C PRO B 153 -38.94 -13.75 -15.58
N ASP B 154 -39.22 -13.81 -14.29
CA ASP B 154 -40.39 -13.15 -13.75
C ASP B 154 -40.13 -11.68 -13.59
N TYR B 155 -38.90 -11.23 -13.82
CA TYR B 155 -38.67 -9.77 -13.79
C TYR B 155 -39.45 -9.09 -14.90
N ARG B 156 -39.97 -7.90 -14.62
CA ARG B 156 -40.61 -7.06 -15.64
C ARG B 156 -40.12 -5.61 -15.58
N TYR B 157 -39.95 -5.02 -16.76
CA TYR B 157 -39.56 -3.59 -16.91
C TYR B 157 -40.75 -2.67 -16.72
N ASP B 158 -41.92 -3.17 -17.11
CA ASP B 158 -43.15 -2.47 -16.88
C ASP B 158 -44.30 -3.47 -16.76
N ILE B 159 -45.44 -2.97 -16.30
CA ILE B 159 -46.64 -3.77 -16.09
C ILE B 159 -47.67 -3.37 -17.14
N LYS B 160 -47.68 -4.08 -18.26
CA LYS B 160 -48.58 -3.82 -19.38
C LYS B 160 -49.79 -4.80 -19.41
N SER B 161 -49.87 -5.78 -18.50
CA SER B 161 -50.95 -6.80 -18.47
C SER B 161 -51.14 -7.42 -17.07
N LYS B 162 -52.25 -8.11 -16.85
CA LYS B 162 -52.46 -8.89 -15.61
C LYS B 162 -51.37 -9.97 -15.55
N GLU B 163 -50.96 -10.47 -16.71
CA GLU B 163 -49.93 -11.47 -16.75
C GLU B 163 -48.59 -10.96 -16.18
N ASP B 164 -48.23 -9.76 -16.61
CA ASP B 164 -47.06 -9.07 -16.10
C ASP B 164 -47.21 -8.88 -14.59
N SER B 165 -48.39 -8.52 -14.15
CA SER B 165 -48.61 -8.25 -12.76
C SER B 165 -48.42 -9.53 -11.93
N ILE B 166 -48.83 -10.65 -12.50
CA ILE B 166 -48.72 -11.91 -11.80
C ILE B 166 -47.24 -12.33 -11.68
N ALA B 167 -46.52 -12.31 -12.80
CA ALA B 167 -45.08 -12.63 -12.85
C ALA B 167 -44.31 -11.78 -11.85
N PHE B 168 -44.57 -10.48 -11.92
CA PHE B 168 -43.82 -9.54 -11.11
C PHE B 168 -44.11 -9.70 -9.65
N SER B 169 -45.33 -10.09 -9.33
CA SER B 169 -45.69 -10.34 -7.96
C SER B 169 -44.86 -11.48 -7.37
N ARG B 170 -44.67 -12.54 -8.15
CA ARG B 170 -43.73 -13.63 -7.80
C ARG B 170 -42.27 -13.18 -7.65
N PHE B 171 -41.83 -12.35 -8.59
CA PHE B 171 -40.51 -11.73 -8.53
C PHE B 171 -40.30 -10.93 -7.23
N LEU B 172 -41.27 -10.14 -6.79
CA LEU B 172 -41.14 -9.42 -5.51
C LEU B 172 -41.04 -10.35 -4.30
N GLU B 173 -41.65 -11.53 -4.35
CA GLU B 173 -41.61 -12.47 -3.21
C GLU B 173 -40.20 -13.08 -3.18
N PHE B 174 -39.72 -13.49 -4.36
CA PHE B 174 -38.36 -13.95 -4.58
C PHE B 174 -37.33 -12.94 -4.04
N THR B 175 -37.59 -11.67 -4.29
CA THR B 175 -36.72 -10.61 -3.83
C THR B 175 -36.75 -10.51 -2.33
N ASP B 176 -37.95 -10.46 -1.75
CA ASP B 176 -38.11 -10.42 -0.28
C ASP B 176 -37.35 -11.57 0.39
N ASN B 177 -37.38 -12.75 -0.24
CA ASN B 177 -36.76 -13.93 0.31
C ASN B 177 -35.24 -13.80 0.34
N GLN B 178 -34.66 -13.31 -0.77
CA GLN B 178 -33.21 -13.07 -0.84
C GLN B 178 -32.81 -12.02 0.20
N LEU B 179 -33.61 -10.97 0.33
CA LEU B 179 -33.32 -9.98 1.33
C LEU B 179 -33.31 -10.53 2.76
N LYS B 180 -34.36 -11.28 3.11
CA LYS B 180 -34.52 -11.85 4.47
C LYS B 180 -33.36 -12.80 4.75
N GLU B 181 -33.01 -13.57 3.74
CA GLU B 181 -31.89 -14.45 3.77
C GLU B 181 -30.59 -13.70 4.13
N LEU B 182 -30.34 -12.59 3.44
CA LEU B 182 -29.15 -11.78 3.69
C LEU B 182 -29.14 -11.22 5.07
N ALA B 183 -30.27 -10.67 5.49
CA ALA B 183 -30.41 -10.04 6.81
C ALA B 183 -30.20 -10.99 7.97
N THR B 184 -30.56 -12.26 7.77
CA THR B 184 -30.47 -13.27 8.84
C THR B 184 -29.21 -14.10 8.79
N ARG B 185 -28.69 -14.38 7.60
CA ARG B 185 -27.37 -15.01 7.51
C ARG B 185 -26.26 -14.09 7.99
N TYR B 186 -26.40 -12.77 7.78
CA TYR B 186 -25.31 -11.85 8.06
C TYR B 186 -25.78 -10.66 8.89
N PRO B 187 -26.07 -10.90 10.16
CA PRO B 187 -26.81 -9.94 10.98
C PRO B 187 -26.01 -8.76 11.45
N THR B 188 -24.70 -8.74 11.18
CA THR B 188 -23.92 -7.51 11.45
C THR B 188 -24.05 -6.42 10.36
N VAL B 189 -24.74 -6.75 9.26
CA VAL B 189 -24.98 -5.77 8.19
C VAL B 189 -25.54 -4.47 8.74
N LYS B 190 -25.02 -3.32 8.27
CA LYS B 190 -25.46 -2.02 8.79
C LYS B 190 -26.30 -1.19 7.84
N ASP B 191 -26.43 -1.62 6.60
CA ASP B 191 -27.09 -0.82 5.58
C ASP B 191 -27.38 -1.68 4.41
N PHE B 192 -28.51 -1.40 3.75
CA PHE B 192 -28.84 -1.97 2.46
C PHE B 192 -28.94 -0.80 1.49
N TRP B 193 -28.19 -0.88 0.39
CA TRP B 193 -28.15 0.17 -0.63
C TRP B 193 -28.73 -0.44 -1.89
N PHE B 194 -29.96 -0.07 -2.15
CA PHE B 194 -30.68 -0.59 -3.31
C PHE B 194 -30.32 0.15 -4.57
N ASP B 195 -30.25 -0.61 -5.66
CA ASP B 195 -29.99 -0.08 -6.97
C ASP B 195 -30.96 -0.74 -7.93
N GLY B 196 -31.01 -0.24 -9.15
CA GLY B 196 -31.79 -0.89 -10.19
C GLY B 196 -33.27 -0.91 -9.82
N THR B 197 -33.74 0.22 -9.26
CA THR B 197 -35.12 0.41 -8.87
C THR B 197 -35.82 1.47 -9.73
N TRP B 198 -35.28 1.75 -10.90
CA TRP B 198 -35.75 2.88 -11.71
C TRP B 198 -36.84 2.50 -12.72
N ASP B 199 -36.99 1.23 -13.00
CA ASP B 199 -37.96 0.77 -13.97
C ASP B 199 -39.40 1.10 -13.51
N ALA B 200 -40.26 1.25 -14.51
CA ALA B 200 -41.69 1.58 -14.27
C ALA B 200 -42.40 0.50 -13.43
N SER B 201 -41.99 -0.76 -13.61
CA SER B 201 -42.51 -1.84 -12.74
C SER B 201 -42.35 -1.53 -11.24
N VAL B 202 -41.18 -1.04 -10.87
CA VAL B 202 -40.95 -0.70 -9.47
C VAL B 202 -41.67 0.57 -9.11
N LYS B 203 -41.61 1.57 -10.00
CA LYS B 203 -42.28 2.87 -9.76
C LYS B 203 -43.80 2.66 -9.45
N LYS B 204 -44.41 1.72 -10.15
CA LYS B 204 -45.83 1.44 -9.94
C LYS B 204 -46.12 0.60 -8.69
N ASN B 205 -45.08 0.21 -7.95
CA ASN B 205 -45.24 -0.66 -6.80
C ASN B 205 -44.57 -0.09 -5.59
N GLY B 206 -44.85 1.16 -5.33
CA GLY B 206 -44.27 1.88 -4.21
C GLY B 206 -44.47 1.18 -2.88
N TRP B 207 -45.67 0.64 -2.68
CA TRP B 207 -46.05 -0.09 -1.46
C TRP B 207 -44.96 -1.14 -1.14
N TRP B 208 -44.45 -1.81 -2.16
CA TRP B 208 -43.43 -2.83 -1.95
C TRP B 208 -42.12 -2.21 -1.40
N THR B 209 -41.78 -1.02 -1.90
CA THR B 209 -40.55 -0.35 -1.51
C THR B 209 -40.63 -0.01 -0.04
N ALA B 210 -41.77 0.53 0.39
CA ALA B 210 -41.99 0.91 1.81
C ALA B 210 -41.97 -0.35 2.66
N HIS B 211 -42.52 -1.44 2.12
CA HIS B 211 -42.60 -2.70 2.82
C HIS B 211 -41.16 -3.29 3.03
N ALA B 212 -40.34 -3.23 1.98
CA ALA B 212 -38.96 -3.73 2.04
C ALA B 212 -38.19 -2.98 3.11
N GLU B 213 -38.42 -1.67 3.21
CA GLU B 213 -37.76 -0.86 4.22
C GLU B 213 -38.17 -1.31 5.63
N GLN B 214 -39.49 -1.42 5.88
CA GLN B 214 -40.05 -1.90 7.17
C GLN B 214 -39.58 -3.32 7.51
N MET B 215 -39.70 -4.22 6.56
CA MET B 215 -39.27 -5.58 6.72
C MET B 215 -37.82 -5.66 7.23
N LEU B 216 -36.90 -4.98 6.56
CA LEU B 216 -35.48 -5.09 6.92
C LEU B 216 -35.18 -4.43 8.27
N LYS B 217 -35.89 -3.36 8.58
CA LYS B 217 -35.66 -2.67 9.86
C LYS B 217 -36.10 -3.49 11.06
N GLU B 218 -37.12 -4.32 10.84
CA GLU B 218 -37.54 -5.32 11.83
C GLU B 218 -36.54 -6.44 12.03
N LEU B 219 -35.95 -6.92 10.95
CA LEU B 219 -34.93 -7.96 11.02
C LEU B 219 -33.55 -7.48 11.51
N VAL B 220 -33.19 -6.24 11.24
CA VAL B 220 -31.88 -5.74 11.64
C VAL B 220 -32.05 -4.38 12.35
N PRO B 221 -32.01 -4.39 13.67
CA PRO B 221 -32.08 -3.13 14.42
C PRO B 221 -31.04 -2.09 14.02
N GLY B 222 -31.52 -0.90 13.69
CA GLY B 222 -30.66 0.24 13.41
C GLY B 222 -30.13 0.31 11.99
N VAL B 223 -30.54 -0.63 11.15
CA VAL B 223 -30.07 -0.73 9.80
C VAL B 223 -30.50 0.54 9.10
N ALA B 224 -29.66 0.97 8.15
CA ALA B 224 -29.93 2.13 7.33
C ALA B 224 -30.37 1.64 5.98
N ILE B 225 -31.22 2.44 5.33
CA ILE B 225 -31.78 2.07 4.03
C ILE B 225 -31.74 3.31 3.12
N ASN B 226 -31.18 3.16 1.90
CA ASN B 226 -31.02 4.30 1.01
C ASN B 226 -32.32 4.77 0.35
N SER B 227 -32.32 6.03 -0.07
CA SER B 227 -33.49 6.67 -0.68
C SER B 227 -33.79 6.03 -2.01
N ARG B 228 -32.77 5.49 -2.66
CA ARG B 228 -32.91 4.93 -4.02
C ARG B 228 -33.88 3.77 -4.11
N LEU B 229 -34.09 3.09 -3.00
CA LEU B 229 -35.10 2.04 -2.93
C LEU B 229 -36.51 2.57 -3.24
N ARG B 230 -36.78 3.76 -2.73
CA ARG B 230 -38.14 4.17 -2.38
C ARG B 230 -38.86 4.92 -3.48
N ALA B 231 -40.09 4.47 -3.71
CA ALA B 231 -41.08 5.16 -4.53
C ALA B 231 -42.36 5.31 -3.71
N ASP B 232 -43.09 6.37 -3.95
CA ASP B 232 -44.36 6.57 -3.26
C ASP B 232 -45.53 6.02 -4.11
N ASP B 233 -46.73 6.21 -3.59
CA ASP B 233 -47.99 5.83 -4.24
C ASP B 233 -48.04 6.21 -5.72
N LYS B 234 -47.47 7.37 -6.06
CA LYS B 234 -47.52 7.89 -7.44
C LYS B 234 -46.35 7.49 -8.31
N GLY B 235 -45.35 6.84 -7.76
CA GLY B 235 -44.14 6.58 -8.52
C GLY B 235 -43.06 7.64 -8.45
N LYS B 236 -43.22 8.68 -7.61
CA LYS B 236 -42.15 9.66 -7.34
C LYS B 236 -41.04 8.97 -6.52
N ARG B 237 -39.80 9.05 -7.00
CA ARG B 237 -38.66 8.32 -6.40
C ARG B 237 -37.78 9.19 -5.54
N HIS B 238 -37.11 8.60 -4.55
CA HIS B 238 -36.19 9.34 -3.63
C HIS B 238 -36.92 10.28 -2.65
N PHE B 239 -37.54 11.32 -3.20
CA PHE B 239 -38.34 12.25 -2.41
C PHE B 239 -39.76 12.03 -2.90
N ASP B 240 -40.69 12.00 -1.96
CA ASP B 240 -42.08 11.67 -2.30
C ASP B 240 -42.78 12.85 -3.01
N SER B 241 -44.06 12.65 -3.34
CA SER B 241 -44.88 13.69 -3.99
C SER B 241 -44.99 15.02 -3.20
N ASN B 242 -44.82 14.99 -1.88
CA ASN B 242 -44.79 16.21 -1.08
C ASN B 242 -43.39 16.66 -0.80
N GLY B 243 -42.44 16.18 -1.59
CA GLY B 243 -41.06 16.59 -1.46
C GLY B 243 -40.32 16.11 -0.22
N ARG B 244 -40.84 15.13 0.49
CA ARG B 244 -40.15 14.63 1.67
C ARG B 244 -39.22 13.46 1.33
N LEU B 245 -38.04 13.44 1.96
CA LEU B 245 -37.04 12.37 1.72
C LEU B 245 -37.53 11.01 2.25
N MET B 246 -37.55 9.99 1.38
CA MET B 246 -37.86 8.62 1.78
C MET B 246 -36.53 7.83 2.06
N GLY B 247 -36.61 6.83 2.92
CA GLY B 247 -35.39 6.16 3.43
C GLY B 247 -34.63 7.05 4.39
N ASP B 248 -33.45 6.59 4.78
CA ASP B 248 -32.74 7.21 5.87
C ASP B 248 -31.75 8.24 5.40
N TYR B 249 -31.38 8.18 4.11
CA TYR B 249 -30.36 9.08 3.56
C TYR B 249 -30.49 9.14 2.04
N GLU B 250 -30.13 10.31 1.50
CA GLU B 250 -30.24 10.58 0.09
C GLU B 250 -29.03 9.93 -0.61
N SER B 251 -29.29 9.32 -1.76
CA SER B 251 -28.33 8.49 -2.45
C SER B 251 -28.27 8.71 -3.95
N GLY B 252 -28.53 9.92 -4.43
CA GLY B 252 -28.51 10.20 -5.87
C GLY B 252 -27.20 10.76 -6.44
N TYR B 253 -26.27 11.19 -5.59
CA TYR B 253 -25.06 11.79 -6.10
C TYR B 253 -24.06 10.70 -6.45
N GLU B 254 -24.14 10.25 -7.70
CA GLU B 254 -23.36 9.14 -8.22
C GLU B 254 -22.47 9.69 -9.33
N ARG B 255 -21.15 9.67 -9.12
CA ARG B 255 -20.20 10.32 -9.99
C ARG B 255 -20.43 11.83 -10.17
N ARG B 256 -21.07 12.48 -9.21
CA ARG B 256 -21.16 13.97 -9.18
C ARG B 256 -21.55 14.39 -7.78
N LEU B 257 -21.41 15.70 -7.50
CA LEU B 257 -21.55 16.22 -6.17
C LEU B 257 -22.32 17.55 -6.16
N PRO B 258 -22.99 17.86 -5.07
CA PRO B 258 -23.68 19.14 -5.00
C PRO B 258 -22.75 20.35 -5.02
N ASP B 259 -23.26 21.45 -5.56
CA ASP B 259 -22.47 22.67 -5.63
C ASP B 259 -22.29 23.29 -4.25
N PRO B 260 -21.04 23.63 -3.86
CA PRO B 260 -20.79 24.17 -2.52
C PRO B 260 -21.46 25.51 -2.18
N VAL B 261 -21.92 26.22 -3.19
CA VAL B 261 -22.59 27.51 -3.00
C VAL B 261 -24.09 27.40 -3.23
N LYS B 262 -24.50 26.67 -4.25
CA LYS B 262 -25.90 26.62 -4.65
C LYS B 262 -26.75 25.51 -4.07
N ASP B 263 -26.12 24.44 -3.60
CA ASP B 263 -26.85 23.27 -3.16
C ASP B 263 -26.73 23.03 -1.68
N LEU B 264 -26.75 24.12 -0.91
CA LEU B 264 -26.70 24.00 0.55
C LEU B 264 -27.92 23.23 1.14
N LYS B 265 -28.97 23.06 0.38
CA LYS B 265 -30.11 22.33 0.88
C LYS B 265 -29.75 20.92 1.39
N VAL B 266 -28.65 20.35 0.90
CA VAL B 266 -28.33 18.97 1.24
C VAL B 266 -27.90 18.82 2.68
N THR B 267 -27.59 19.93 3.34
CA THR B 267 -27.09 19.85 4.70
C THR B 267 -28.23 19.52 5.65
N GLN B 268 -29.46 19.49 5.14
CA GLN B 268 -30.66 19.21 5.96
C GLN B 268 -30.93 17.76 6.14
N TRP B 269 -30.31 16.91 5.34
CA TRP B 269 -30.51 15.50 5.48
C TRP B 269 -29.21 14.77 5.35
N ASP B 270 -29.20 13.56 5.86
CA ASP B 270 -28.07 12.67 5.67
C ASP B 270 -28.01 12.27 4.22
N TRP B 271 -26.79 12.12 3.70
CA TRP B 271 -26.63 11.71 2.33
C TRP B 271 -25.29 11.06 2.12
N GLU B 272 -25.23 10.22 1.09
CA GLU B 272 -23.99 9.53 0.71
C GLU B 272 -23.77 9.58 -0.79
N ALA B 273 -22.59 10.06 -1.17
CA ALA B 273 -22.16 10.02 -2.55
C ALA B 273 -21.30 8.76 -2.84
N CYS B 274 -21.29 8.32 -4.09
CA CYS B 274 -20.35 7.29 -4.54
C CYS B 274 -19.66 7.75 -5.83
N MET B 275 -18.48 7.20 -6.10
CA MET B 275 -17.66 7.65 -7.26
C MET B 275 -16.78 6.52 -7.77
N THR B 276 -16.36 6.67 -9.00
CA THR B 276 -15.48 5.72 -9.69
C THR B 276 -14.15 6.36 -9.90
N ILE B 277 -13.13 5.55 -10.13
CA ILE B 277 -11.77 6.09 -10.35
C ILE B 277 -11.61 6.55 -11.79
N PRO B 278 -11.89 5.67 -12.76
CA PRO B 278 -12.12 6.17 -14.13
C PRO B 278 -13.44 6.91 -14.24
N GLU B 279 -13.74 7.36 -15.44
CA GLU B 279 -14.90 8.13 -15.62
C GLU B 279 -16.20 7.36 -15.32
N ASN B 280 -16.32 6.15 -15.84
CA ASN B 280 -17.48 5.30 -15.55
C ASN B 280 -17.23 3.81 -15.72
N GLN B 281 -16.54 3.24 -14.73
CA GLN B 281 -16.32 1.82 -14.64
C GLN B 281 -16.45 1.41 -13.19
N TRP B 282 -17.37 0.52 -12.88
CA TRP B 282 -17.54 0.05 -11.51
C TRP B 282 -16.96 -1.34 -11.40
N GLY B 283 -17.45 -2.25 -12.24
CA GLY B 283 -16.83 -3.57 -12.36
C GLY B 283 -15.48 -3.48 -13.06
N TYR B 284 -14.67 -4.51 -12.91
CA TYR B 284 -13.34 -4.60 -13.55
C TYR B 284 -13.43 -4.46 -15.05
N HIS B 285 -12.73 -3.47 -15.58
CA HIS B 285 -12.50 -3.32 -17.02
C HIS B 285 -11.01 -3.43 -17.29
N LYS B 286 -10.65 -4.24 -18.27
CA LYS B 286 -9.23 -4.55 -18.52
C LYS B 286 -8.42 -3.39 -19.10
N ASP B 287 -9.09 -2.38 -19.67
CA ASP B 287 -8.40 -1.26 -20.26
C ASP B 287 -8.85 0.13 -19.75
N TRP B 288 -8.11 0.63 -18.76
CA TRP B 288 -8.39 1.95 -18.17
C TRP B 288 -7.88 3.13 -18.99
N SER B 289 -7.16 2.86 -20.05
CA SER B 289 -6.71 3.93 -20.91
C SER B 289 -7.84 4.52 -21.75
N LEU B 290 -9.04 3.99 -21.69
CA LEU B 290 -10.10 4.44 -22.56
C LEU B 290 -10.80 5.69 -22.09
N SER B 291 -10.63 6.08 -20.85
CA SER B 291 -11.23 7.31 -20.32
C SER B 291 -10.27 7.88 -19.32
N TYR B 292 -10.59 9.08 -18.83
CA TYR B 292 -9.79 9.73 -17.80
C TYR B 292 -9.83 8.99 -16.45
N VAL B 293 -8.64 8.82 -15.88
CA VAL B 293 -8.46 8.18 -14.58
C VAL B 293 -8.02 9.18 -13.52
N LYS B 294 -8.76 9.27 -12.43
CA LYS B 294 -8.53 10.31 -11.46
C LYS B 294 -7.28 10.04 -10.67
N THR B 295 -6.62 11.11 -10.27
CA THR B 295 -5.44 11.00 -9.41
C THR B 295 -5.89 10.95 -7.98
N PRO B 296 -4.99 10.60 -7.08
CA PRO B 296 -5.36 10.57 -5.65
C PRO B 296 -5.86 11.90 -5.10
N ILE B 297 -5.20 12.98 -5.44
CA ILE B 297 -5.63 14.26 -4.93
C ILE B 297 -7.03 14.61 -5.46
N GLU B 298 -7.32 14.28 -6.71
CA GLU B 298 -8.65 14.52 -7.25
C GLU B 298 -9.70 13.75 -6.46
N VAL B 299 -9.35 12.55 -5.99
CA VAL B 299 -10.26 11.74 -5.22
C VAL B 299 -10.44 12.30 -3.84
N ILE B 300 -9.31 12.60 -3.20
CA ILE B 300 -9.28 13.26 -1.89
C ILE B 300 -10.08 14.57 -1.84
N ASP B 301 -9.97 15.37 -2.89
CA ASP B 301 -10.80 16.55 -3.04
C ASP B 301 -12.29 16.23 -2.96
N ARG B 302 -12.72 15.22 -3.69
CA ARG B 302 -14.15 14.85 -3.67
C ARG B 302 -14.59 14.34 -2.31
N ILE B 303 -13.74 13.56 -1.68
CA ILE B 303 -14.03 13.07 -0.31
C ILE B 303 -14.33 14.24 0.66
N VAL B 304 -13.42 15.21 0.69
CA VAL B 304 -13.54 16.33 1.58
C VAL B 304 -14.74 17.22 1.22
N HIS B 305 -14.93 17.43 -0.08
CA HIS B 305 -16.09 18.15 -0.62
C HIS B 305 -17.34 17.57 0.01
N ALA B 306 -17.50 16.25 -0.06
CA ALA B 306 -18.70 15.62 0.49
C ALA B 306 -18.90 15.91 1.98
N VAL B 307 -17.85 15.67 2.77
CA VAL B 307 -17.92 15.86 4.18
C VAL B 307 -18.22 17.33 4.52
N SER B 308 -17.63 18.25 3.75
CA SER B 308 -17.82 19.68 3.99
C SER B 308 -19.28 20.09 3.81
N MET B 309 -20.05 19.27 3.11
CA MET B 309 -21.45 19.50 2.91
C MET B 309 -22.32 18.51 3.60
N GLY B 310 -21.78 17.87 4.62
CA GLY B 310 -22.56 17.00 5.48
C GLY B 310 -22.89 15.64 4.92
N GLY B 311 -22.07 15.14 4.01
CA GLY B 311 -22.32 13.82 3.40
C GLY B 311 -21.13 12.88 3.46
N ASN B 312 -21.41 11.61 3.22
CA ASN B 312 -20.37 10.59 3.16
C ASN B 312 -19.87 10.43 1.74
N MET B 313 -18.68 9.84 1.57
CA MET B 313 -18.20 9.47 0.25
C MET B 313 -17.71 8.05 0.21
N VAL B 314 -18.11 7.32 -0.84
CA VAL B 314 -17.71 5.93 -1.07
C VAL B 314 -16.96 5.82 -2.38
N VAL B 315 -15.68 5.40 -2.29
CA VAL B 315 -14.80 5.23 -3.46
C VAL B 315 -14.80 3.79 -3.93
N ASN B 316 -15.09 3.59 -5.23
CA ASN B 316 -15.28 2.24 -5.77
C ASN B 316 -14.00 1.53 -6.27
N PHE B 317 -13.99 0.21 -6.06
CA PHE B 317 -12.98 -0.70 -6.52
C PHE B 317 -13.67 -1.85 -7.28
N GLY B 318 -13.08 -2.27 -8.39
CA GLY B 318 -13.57 -3.38 -9.21
C GLY B 318 -12.51 -4.46 -9.26
N PRO B 319 -12.53 -5.37 -8.26
CA PRO B 319 -11.53 -6.46 -8.20
C PRO B 319 -11.43 -7.35 -9.42
N GLN B 320 -10.22 -7.87 -9.66
CA GLN B 320 -9.96 -8.73 -10.78
C GLN B 320 -10.70 -10.11 -10.64
N ALA B 321 -10.79 -10.81 -11.75
CA ALA B 321 -11.40 -12.15 -11.76
C ALA B 321 -10.66 -13.08 -10.84
N ASP B 322 -9.35 -12.91 -10.72
CA ASP B 322 -8.57 -13.78 -9.82
C ASP B 322 -8.70 -13.48 -8.32
N GLY B 323 -9.40 -12.41 -7.95
CA GLY B 323 -9.61 -12.10 -6.51
C GLY B 323 -8.54 -11.18 -5.91
N ASP B 324 -7.66 -10.67 -6.78
CA ASP B 324 -6.73 -9.63 -6.40
C ASP B 324 -7.16 -8.26 -6.99
N PHE B 325 -6.50 -7.20 -6.53
CA PHE B 325 -6.75 -5.86 -7.06
C PHE B 325 -5.67 -5.44 -8.01
N ARG B 326 -6.06 -4.74 -9.06
CA ARG B 326 -5.13 -4.17 -10.02
C ARG B 326 -4.20 -3.15 -9.37
N PRO B 327 -3.05 -2.89 -10.00
CA PRO B 327 -2.03 -2.04 -9.37
C PRO B 327 -2.50 -0.63 -9.11
N GLU B 328 -3.28 -0.08 -10.06
CA GLU B 328 -3.81 1.29 -9.95
C GLU B 328 -4.65 1.45 -8.71
N GLU B 329 -5.42 0.40 -8.38
CA GLU B 329 -6.29 0.47 -7.19
C GLU B 329 -5.47 0.38 -5.92
N LYS B 330 -4.47 -0.48 -5.92
CA LYS B 330 -3.58 -0.60 -4.74
C LYS B 330 -2.84 0.73 -4.46
N ALA B 331 -2.37 1.37 -5.51
CA ALA B 331 -1.73 2.65 -5.34
C ALA B 331 -2.69 3.72 -4.80
N MET B 332 -3.92 3.73 -5.33
CA MET B 332 -4.95 4.66 -4.90
C MET B 332 -5.24 4.50 -3.42
N ALA B 333 -5.50 3.27 -3.00
CA ALA B 333 -5.83 3.04 -1.61
C ALA B 333 -4.68 3.45 -0.67
N THR B 334 -3.46 3.14 -1.06
CA THR B 334 -2.32 3.49 -0.27
C THR B 334 -2.20 5.01 -0.15
N ALA B 335 -2.33 5.72 -1.27
CA ALA B 335 -2.18 7.15 -1.29
C ALA B 335 -3.26 7.82 -0.44
N ILE B 336 -4.49 7.39 -0.60
CA ILE B 336 -5.58 7.96 0.22
C ILE B 336 -5.29 7.68 1.68
N GLY B 337 -4.90 6.45 1.98
CA GLY B 337 -4.54 6.07 3.35
C GLY B 337 -3.46 6.90 4.00
N LYS B 338 -2.43 7.24 3.25
CA LYS B 338 -1.36 8.05 3.81
C LYS B 338 -1.89 9.44 4.15
N TRP B 339 -2.73 9.99 3.28
CA TRP B 339 -3.30 11.34 3.52
C TRP B 339 -4.28 11.35 4.68
N MET B 340 -5.19 10.38 4.72
CA MET B 340 -6.12 10.26 5.83
C MET B 340 -5.43 10.01 7.15
N ASN B 341 -4.34 9.27 7.14
CA ASN B 341 -3.65 9.04 8.38
C ASN B 341 -3.09 10.35 8.92
N ARG B 342 -2.71 11.23 8.02
CA ARG B 342 -2.17 12.51 8.45
C ARG B 342 -3.28 13.54 8.74
N TYR B 343 -4.33 13.55 7.94
CA TYR B 343 -5.32 14.67 7.99
C TYR B 343 -6.77 14.27 8.34
N GLY B 344 -6.98 12.99 8.61
CA GLY B 344 -8.32 12.47 8.82
C GLY B 344 -9.09 13.03 9.99
N LYS B 345 -8.42 13.72 10.88
CA LYS B 345 -9.17 14.44 11.95
C LYS B 345 -10.19 15.45 11.38
N ALA B 346 -9.90 15.94 10.18
CA ALA B 346 -10.82 16.87 9.51
C ALA B 346 -11.90 16.23 8.68
N VAL B 347 -11.90 14.90 8.65
CA VAL B 347 -12.85 14.10 7.84
C VAL B 347 -13.75 13.28 8.74
N TYR B 348 -13.15 12.39 9.53
CA TYR B 348 -13.94 11.46 10.36
C TYR B 348 -14.77 12.23 11.34
N ALA B 349 -16.03 11.89 11.44
CA ALA B 349 -16.93 12.50 12.41
C ALA B 349 -17.06 14.01 12.25
N CYS B 350 -16.81 14.52 11.06
CA CYS B 350 -16.92 15.94 10.80
C CYS B 350 -18.18 16.19 10.00
N ASP B 351 -18.52 17.47 9.87
CA ASP B 351 -19.78 17.85 9.22
C ASP B 351 -19.69 19.29 8.66
N TYR B 352 -20.78 19.75 8.04
CA TYR B 352 -20.94 21.12 7.53
C TYR B 352 -20.62 22.16 8.58
N ALA B 353 -19.82 23.17 8.22
CA ALA B 353 -19.41 24.17 9.18
C ALA B 353 -20.25 25.44 9.23
N GLY B 354 -21.15 25.64 8.29
CA GLY B 354 -21.89 26.88 8.23
C GLY B 354 -21.14 28.16 7.81
N PHE B 355 -19.93 28.05 7.25
CA PHE B 355 -19.16 29.21 6.76
C PHE B 355 -19.30 29.39 5.25
N GLU B 356 -19.22 30.63 4.78
CA GLU B 356 -19.21 30.96 3.36
C GLU B 356 -18.00 30.26 2.68
N LYS B 357 -18.25 29.53 1.59
CA LYS B 357 -17.25 28.84 0.78
C LYS B 357 -16.14 29.76 0.28
N GLN B 358 -14.88 29.39 0.44
CA GLN B 358 -13.77 30.18 -0.06
C GLN B 358 -13.02 29.36 -1.10
N ASP B 359 -12.28 30.03 -1.95
CA ASP B 359 -11.59 29.39 -3.10
C ASP B 359 -10.41 28.44 -2.76
N TRP B 360 -9.78 28.58 -1.59
CA TRP B 360 -8.61 27.78 -1.20
C TRP B 360 -8.97 26.32 -0.90
N GLY B 361 -10.27 26.04 -0.69
CA GLY B 361 -10.72 24.70 -0.35
C GLY B 361 -12.00 24.63 0.47
N TYR B 362 -12.02 23.74 1.47
CA TYR B 362 -13.22 23.43 2.19
C TYR B 362 -13.05 23.57 3.67
N TYR B 363 -14.13 23.99 4.34
CA TYR B 363 -14.23 23.89 5.78
C TYR B 363 -14.93 22.59 6.18
N THR B 364 -14.50 22.02 7.32
CA THR B 364 -15.31 21.00 7.98
C THR B 364 -15.41 21.35 9.46
N ARG B 365 -16.44 20.82 10.12
CA ARG B 365 -16.66 21.08 11.55
C ARG B 365 -16.57 19.80 12.36
N GLY B 366 -15.75 19.82 13.40
CA GLY B 366 -15.61 18.69 14.33
C GLY B 366 -16.79 18.60 15.31
N LYS B 367 -16.81 17.54 16.09
CA LYS B 367 -17.85 17.35 17.07
C LYS B 367 -17.90 18.37 18.17
N ASN B 368 -16.76 18.99 18.47
CA ASN B 368 -16.69 20.01 19.52
C ASN B 368 -16.41 21.34 19.00
N ASP B 369 -17.06 21.66 17.90
CA ASP B 369 -16.90 22.96 17.24
C ASP B 369 -15.49 23.31 16.76
N GLU B 370 -14.62 22.32 16.54
CA GLU B 370 -13.38 22.61 15.83
C GLU B 370 -13.79 22.99 14.42
N VAL B 371 -13.10 23.95 13.81
CA VAL B 371 -13.31 24.29 12.41
C VAL B 371 -12.03 24.05 11.64
N TYR B 372 -12.08 23.14 10.68
CA TYR B 372 -10.91 22.78 9.95
C TYR B 372 -10.92 23.45 8.58
N MET B 373 -9.79 24.02 8.20
CA MET B 373 -9.62 24.53 6.87
C MET B 373 -8.81 23.49 6.09
N VAL B 374 -9.40 22.88 5.08
CA VAL B 374 -8.68 21.98 4.22
C VAL B 374 -8.32 22.68 2.90
N VAL B 375 -7.01 22.92 2.71
CA VAL B 375 -6.49 23.75 1.64
C VAL B 375 -6.02 22.93 0.46
N PHE B 376 -6.71 23.10 -0.67
CA PHE B 376 -6.39 22.44 -1.94
C PHE B 376 -5.69 23.36 -2.98
N ASN B 377 -5.94 24.67 -2.85
CA ASN B 377 -5.49 25.67 -3.82
C ASN B 377 -4.78 26.78 -3.08
N GLN B 378 -3.48 26.85 -3.26
CA GLN B 378 -2.61 27.68 -2.45
C GLN B 378 -2.55 29.11 -3.01
N PRO B 379 -3.00 30.08 -2.24
CA PRO B 379 -2.99 31.45 -2.80
C PRO B 379 -1.61 32.08 -2.87
N TYR B 380 -1.29 32.69 -4.00
CA TYR B 380 -0.05 33.45 -4.12
C TYR B 380 -0.02 34.63 -3.18
N SER B 381 -1.20 35.14 -2.78
CA SER B 381 -1.27 36.19 -1.75
C SER B 381 -0.70 35.78 -0.41
N GLU B 382 -0.56 34.49 -0.19
CA GLU B 382 -0.09 33.89 1.05
C GLU B 382 -1.06 34.10 2.16
N ARG B 383 -2.29 34.39 1.79
CA ARG B 383 -3.34 34.69 2.74
C ARG B 383 -4.60 33.92 2.42
N LEU B 384 -5.14 33.25 3.45
CA LEU B 384 -6.30 32.42 3.30
C LEU B 384 -7.50 33.10 3.91
N ILE B 385 -8.48 33.45 3.09
CA ILE B 385 -9.57 34.35 3.51
C ILE B 385 -10.55 33.54 4.29
N VAL B 386 -10.89 34.04 5.46
CA VAL B 386 -11.89 33.44 6.30
C VAL B 386 -12.93 34.47 6.67
N LYS B 387 -14.12 34.32 6.13
CA LYS B 387 -15.24 35.13 6.48
C LYS B 387 -16.14 34.36 7.45
N THR B 388 -16.33 34.90 8.65
CA THR B 388 -17.06 34.22 9.73
C THR B 388 -18.53 34.57 9.74
N PRO B 389 -19.39 33.66 10.23
CA PRO B 389 -20.77 34.08 10.40
C PRO B 389 -20.91 35.07 11.54
N LYS B 390 -22.10 35.69 11.62
CA LYS B 390 -22.46 36.71 12.63
C LYS B 390 -22.19 36.13 14.01
N GLY B 391 -21.47 36.86 14.82
CA GLY B 391 -21.19 36.45 16.18
C GLY B 391 -19.98 35.56 16.38
N ILE B 392 -19.33 35.12 15.31
CA ILE B 392 -18.25 34.17 15.45
C ILE B 392 -16.93 34.89 15.27
N THR B 393 -15.98 34.67 16.18
CA THR B 393 -14.62 35.15 16.03
C THR B 393 -13.64 33.97 15.96
N VAL B 394 -12.44 34.26 15.51
CA VAL B 394 -11.44 33.23 15.35
C VAL B 394 -10.37 33.59 16.36
N GLU B 395 -10.08 32.71 17.30
CA GLU B 395 -9.11 33.00 18.35
C GLU B 395 -7.75 32.46 18.06
N LYS B 396 -7.66 31.40 17.27
CA LYS B 396 -6.39 30.77 17.07
C LYS B 396 -6.46 29.94 15.82
N ALA B 397 -5.31 29.81 15.17
CA ALA B 397 -5.12 28.90 14.08
C ALA B 397 -3.87 28.08 14.32
N THR B 398 -3.95 26.80 13.99
CA THR B 398 -2.86 25.85 14.20
C THR B 398 -2.71 24.91 13.01
N LEU B 399 -1.50 24.74 12.54
CA LEU B 399 -1.23 23.73 11.56
C LEU B 399 -1.41 22.32 12.20
N LEU B 400 -2.32 21.55 11.63
CA LEU B 400 -2.68 20.29 12.19
C LEU B 400 -1.52 19.32 12.35
N THR B 401 -0.66 19.19 11.36
CA THR B 401 0.42 18.20 11.47
C THR B 401 1.47 18.55 12.51
N THR B 402 1.92 19.79 12.54
CA THR B 402 3.00 20.15 13.43
C THR B 402 2.59 20.78 14.77
N GLY B 403 1.37 21.27 14.91
CA GLY B 403 1.01 22.07 16.06
C GLY B 403 1.51 23.52 16.03
N GLU B 404 2.28 23.92 15.02
CA GLU B 404 2.75 25.30 14.98
C GLU B 404 1.59 26.33 14.85
N ASP B 405 1.80 27.46 15.49
CA ASP B 405 0.82 28.52 15.51
C ASP B 405 0.88 29.30 14.18
N ILE B 406 -0.28 29.77 13.72
CA ILE B 406 -0.46 30.41 12.41
C ILE B 406 -1.10 31.78 12.63
N THR B 407 -0.50 32.80 12.04
CA THR B 407 -1.00 34.15 12.25
C THR B 407 -2.38 34.36 11.67
N VAL B 408 -3.25 34.98 12.46
CA VAL B 408 -4.57 35.38 12.03
C VAL B 408 -4.66 36.92 12.13
N VAL B 409 -5.03 37.58 11.03
CA VAL B 409 -5.11 39.00 10.96
C VAL B 409 -6.54 39.38 10.61
N GLU B 410 -7.14 40.23 11.43
CA GLU B 410 -8.47 40.72 11.15
C GLU B 410 -8.37 41.76 10.06
N THR B 411 -9.18 41.61 9.03
CA THR B 411 -9.15 42.56 7.92
C THR B 411 -10.34 43.50 8.00
N THR B 412 -11.46 42.96 8.42
CA THR B 412 -12.69 43.69 8.47
C THR B 412 -13.54 43.06 9.60
N ARG B 413 -14.69 43.64 9.91
CA ARG B 413 -15.63 42.96 10.80
C ARG B 413 -16.04 41.66 10.09
N ASN B 414 -15.92 40.56 10.80
CA ASN B 414 -16.27 39.26 10.21
C ASN B 414 -15.37 38.69 9.10
N GLU B 415 -14.14 39.18 8.99
CA GLU B 415 -13.23 38.59 8.04
C GLU B 415 -11.79 38.64 8.49
N TYR B 416 -11.08 37.58 8.17
CA TYR B 416 -9.69 37.47 8.56
C TYR B 416 -8.84 36.95 7.39
N ASN B 417 -7.55 37.19 7.47
CA ASN B 417 -6.58 36.57 6.62
C ASN B 417 -5.83 35.61 7.55
N VAL B 418 -5.93 34.32 7.28
CA VAL B 418 -5.13 33.32 7.94
C VAL B 418 -3.91 33.07 7.06
N SER B 419 -2.71 33.21 7.62
CA SER B 419 -1.52 33.04 6.83
C SER B 419 -1.33 31.59 6.42
N VAL B 420 -0.67 31.38 5.28
CA VAL B 420 -0.23 30.07 4.90
C VAL B 420 0.91 29.72 5.84
N PRO B 421 1.24 28.45 5.93
CA PRO B 421 2.40 28.04 6.74
C PRO B 421 3.69 28.59 6.18
N LYS B 422 4.66 28.82 7.08
CA LYS B 422 5.97 29.35 6.72
C LYS B 422 6.57 28.44 5.68
N LYS B 423 6.46 27.13 5.88
CA LYS B 423 6.94 26.16 4.89
C LYS B 423 5.78 25.57 4.13
N ASN B 424 5.82 25.64 2.81
CA ASN B 424 4.71 25.11 2.00
C ASN B 424 4.54 23.61 2.21
N PRO B 425 3.37 23.15 2.68
CA PRO B 425 3.28 21.70 2.97
C PRO B 425 3.39 20.80 1.76
N GLY B 426 3.24 21.34 0.55
CA GLY B 426 3.51 20.52 -0.65
C GLY B 426 2.38 19.55 -1.02
N GLU B 427 1.27 19.63 -0.30
CA GLU B 427 0.12 18.75 -0.52
C GLU B 427 -1.09 19.39 0.12
N PRO B 428 -2.30 18.91 -0.20
CA PRO B 428 -3.46 19.54 0.45
C PRO B 428 -3.31 19.40 1.95
N TYR B 429 -3.58 20.48 2.70
CA TYR B 429 -3.25 20.44 4.13
C TYR B 429 -4.35 20.97 4.99
N VAL B 430 -4.17 20.87 6.30
CA VAL B 430 -5.20 21.36 7.22
C VAL B 430 -4.69 22.33 8.27
N ILE B 431 -5.45 23.39 8.45
CA ILE B 431 -5.28 24.32 9.51
C ILE B 431 -6.52 24.22 10.37
N GLN B 432 -6.30 24.07 11.68
CA GLN B 432 -7.41 23.98 12.62
C GLN B 432 -7.60 25.35 13.29
N LEU B 433 -8.85 25.77 13.36
CA LEU B 433 -9.21 27.01 13.95
C LEU B 433 -9.92 26.75 15.26
N LYS B 434 -9.65 27.61 16.23
CA LYS B 434 -10.45 27.72 17.42
C LYS B 434 -11.30 28.94 17.23
N VAL B 435 -12.61 28.76 17.33
CA VAL B 435 -13.59 29.84 17.22
C VAL B 435 -14.38 30.06 18.50
N ARG B 436 -14.98 31.25 18.67
CA ARG B 436 -15.81 31.59 19.84
C ARG B 436 -17.11 32.24 19.33
N ALA B 437 -18.26 31.84 19.85
CA ALA B 437 -19.52 32.58 19.61
C ALA B 437 -19.69 33.67 20.71
N ALA B 438 -20.39 34.77 20.46
CA ALA B 438 -20.62 35.75 21.54
C ALA B 438 -22.04 35.57 22.15
N LYS B 439 -22.26 36.18 23.32
CA LYS B 439 -23.62 36.46 23.87
C LYS B 439 -24.61 35.31 23.74
N GLU C 1 48.73 -28.69 -10.88
CA GLU C 1 48.73 -27.23 -11.19
C GLU C 1 48.84 -27.03 -12.67
N ILE C 2 47.84 -26.41 -13.30
CA ILE C 2 47.98 -25.91 -14.66
C ILE C 2 48.63 -24.52 -14.55
N PRO C 3 49.62 -24.19 -15.42
CA PRO C 3 50.20 -22.82 -15.34
C PRO C 3 49.26 -21.80 -16.02
N LEU C 4 49.09 -20.62 -15.40
CA LEU C 4 48.16 -19.61 -15.95
C LEU C 4 48.73 -18.25 -15.76
N LYS C 5 48.61 -17.40 -16.79
CA LYS C 5 49.03 -16.02 -16.69
C LYS C 5 47.82 -15.11 -16.29
N TYR C 6 46.59 -15.57 -16.53
CA TYR C 6 45.39 -14.73 -16.32
C TYR C 6 44.37 -15.39 -15.42
N GLY C 7 44.89 -16.17 -14.48
CA GLY C 7 44.05 -16.83 -13.50
C GLY C 7 43.94 -16.00 -12.26
N ALA C 8 43.60 -16.63 -11.15
CA ALA C 8 43.28 -15.92 -9.92
C ALA C 8 44.46 -15.12 -9.36
N THR C 9 44.16 -14.07 -8.63
CA THR C 9 45.19 -13.22 -8.02
C THR C 9 45.14 -13.42 -6.51
N ASN C 10 44.06 -12.93 -5.89
CA ASN C 10 43.74 -13.09 -4.45
C ASN C 10 44.01 -14.51 -3.91
N GLU C 11 44.48 -14.62 -2.66
CA GLU C 11 44.67 -15.93 -2.02
C GLU C 11 43.34 -16.35 -1.45
N GLY C 12 42.87 -15.70 -0.38
CA GLY C 12 41.53 -15.96 0.18
C GLY C 12 40.61 -14.74 0.09
N LYS C 13 39.91 -14.45 1.16
CA LYS C 13 39.06 -13.26 1.25
C LYS C 13 39.88 -12.04 1.49
N ARG C 14 39.57 -10.97 0.76
CA ARG C 14 40.15 -9.66 1.07
C ARG C 14 39.71 -9.21 2.44
N GLN C 15 40.65 -8.61 3.21
CA GLN C 15 40.28 -8.14 4.51
C GLN C 15 40.63 -6.68 4.71
N ASP C 16 40.92 -5.96 3.63
CA ASP C 16 41.04 -4.52 3.74
C ASP C 16 39.70 -3.88 4.15
N PRO C 17 39.76 -2.69 4.73
CA PRO C 17 38.53 -2.03 5.13
C PRO C 17 37.48 -1.87 4.02
N ALA C 18 37.89 -1.69 2.77
CA ALA C 18 36.89 -1.49 1.69
C ALA C 18 36.09 -2.77 1.41
N MET C 19 36.75 -3.92 1.45
CA MET C 19 36.05 -5.19 1.29
C MET C 19 35.19 -5.46 2.49
N GLN C 20 35.68 -5.12 3.68
CA GLN C 20 34.91 -5.34 4.92
CA GLN C 20 34.92 -5.34 4.91
C GLN C 20 33.60 -4.57 4.89
N LYS C 21 33.64 -3.38 4.28
CA LYS C 21 32.46 -2.55 4.12
C LYS C 21 31.48 -3.15 3.10
N PHE C 22 32.02 -3.61 1.98
CA PHE C 22 31.23 -4.27 0.92
C PHE C 22 30.45 -5.38 1.58
N ARG C 23 31.17 -6.16 2.36
CA ARG C 23 30.65 -7.34 3.06
C ARG C 23 29.61 -6.98 4.11
N ASP C 24 29.98 -6.11 5.03
CA ASP C 24 29.09 -5.73 6.14
C ASP C 24 27.78 -5.09 5.70
N ASN C 25 27.81 -4.39 4.58
CA ASN C 25 26.60 -3.80 4.00
C ASN C 25 25.49 -4.86 3.93
N ARG C 26 25.85 -6.03 3.40
CA ARG C 26 24.97 -7.21 3.22
C ARG C 26 23.74 -7.06 2.33
N LEU C 27 22.92 -6.01 2.55
CA LEU C 27 21.71 -5.84 1.76
C LEU C 27 21.81 -4.70 0.75
N GLY C 28 21.54 -5.01 -0.52
CA GLY C 28 21.58 -4.04 -1.58
C GLY C 28 20.31 -4.00 -2.40
N ALA C 29 20.15 -2.95 -3.22
CA ALA C 29 19.12 -2.94 -4.26
C ALA C 29 19.79 -2.90 -5.62
N PHE C 30 19.11 -3.47 -6.61
CA PHE C 30 19.56 -3.44 -8.01
C PHE C 30 18.57 -2.52 -8.72
N ILE C 31 19.10 -1.68 -9.61
CA ILE C 31 18.30 -0.83 -10.48
C ILE C 31 18.64 -1.16 -11.90
N HIS C 32 17.63 -1.63 -12.64
CA HIS C 32 17.71 -1.85 -14.07
C HIS C 32 16.85 -0.80 -14.71
N TRP C 33 17.51 0.18 -15.32
CA TRP C 33 16.82 1.25 -16.03
C TRP C 33 17.54 1.56 -17.31
N GLY C 34 16.76 1.61 -18.38
CA GLY C 34 17.29 1.73 -19.73
C GLY C 34 16.10 1.94 -20.67
N LEU C 35 16.37 1.99 -21.97
CA LEU C 35 15.34 2.27 -22.99
C LEU C 35 14.23 1.21 -23.01
N TYR C 36 14.57 -0.02 -22.58
CA TYR C 36 13.60 -1.11 -22.42
C TYR C 36 12.42 -0.74 -21.56
N ALA C 37 12.57 0.24 -20.69
CA ALA C 37 11.45 0.67 -19.83
C ALA C 37 10.28 1.28 -20.62
N ILE C 38 10.57 1.82 -21.78
CA ILE C 38 9.57 2.54 -22.56
C ILE C 38 8.55 1.59 -23.18
N PRO C 39 9.00 0.64 -24.02
CA PRO C 39 8.03 -0.40 -24.39
C PRO C 39 7.49 -1.34 -23.28
N GLY C 40 8.25 -1.55 -22.20
CA GLY C 40 7.77 -2.35 -21.05
C GLY C 40 7.36 -3.79 -21.39
N GLY C 41 8.11 -4.42 -22.28
CA GLY C 41 7.83 -5.78 -22.69
C GLY C 41 6.92 -5.96 -23.90
N GLU C 42 6.39 -4.84 -24.41
CA GLU C 42 5.50 -4.88 -25.55
C GLU C 42 6.15 -4.28 -26.79
N TRP C 43 6.14 -5.01 -27.89
CA TRP C 43 6.56 -4.44 -29.16
C TRP C 43 5.47 -4.59 -30.22
N ASN C 44 5.09 -3.44 -30.80
CA ASN C 44 4.18 -3.40 -31.95
C ASN C 44 2.88 -4.14 -31.63
N GLY C 45 2.29 -3.83 -30.48
CA GLY C 45 1.08 -4.49 -30.04
C GLY C 45 1.20 -5.90 -29.48
N LYS C 46 2.40 -6.47 -29.47
CA LYS C 46 2.59 -7.81 -28.95
C LYS C 46 3.38 -7.82 -27.62
N VAL C 47 2.80 -8.41 -26.59
CA VAL C 47 3.41 -8.50 -25.27
C VAL C 47 4.25 -9.77 -25.19
N TYR C 48 5.54 -9.63 -24.88
CA TYR C 48 6.41 -10.78 -24.83
C TYR C 48 6.66 -11.16 -23.38
N GLY C 49 6.61 -12.47 -23.12
CA GLY C 49 6.74 -13.00 -21.77
C GLY C 49 8.16 -13.02 -21.24
N GLY C 50 9.15 -13.05 -22.12
CA GLY C 50 10.56 -13.00 -21.71
C GLY C 50 10.92 -11.71 -20.97
N ALA C 51 12.09 -11.71 -20.34
CA ALA C 51 12.59 -10.55 -19.61
C ALA C 51 12.50 -9.26 -20.45
N ALA C 52 11.83 -8.25 -19.91
CA ALA C 52 11.61 -7.00 -20.69
C ALA C 52 12.89 -6.32 -21.19
N GLU C 53 13.98 -6.42 -20.45
CA GLU C 53 15.22 -5.80 -20.88
C GLU C 53 15.86 -6.48 -22.08
N TRP C 54 15.35 -7.66 -22.41
CA TRP C 54 15.80 -8.40 -23.57
C TRP C 54 14.79 -8.29 -24.74
N LEU C 55 13.81 -7.40 -24.63
CA LEU C 55 12.78 -7.25 -25.68
C LEU C 55 13.36 -7.04 -27.09
N LYS C 56 14.50 -6.34 -27.20
CA LYS C 56 15.12 -6.15 -28.52
C LYS C 56 15.38 -7.50 -29.17
N SER C 57 15.77 -8.45 -28.36
CA SER C 57 15.98 -9.82 -28.83
C SER C 57 14.69 -10.53 -29.14
N TRP C 58 13.76 -10.54 -28.19
CA TRP C 58 12.52 -11.31 -28.39
C TRP C 58 11.81 -10.85 -29.64
N ALA C 59 11.74 -9.53 -29.86
CA ALA C 59 11.00 -9.00 -30.99
C ALA C 59 11.87 -8.81 -32.24
N LYS C 60 13.13 -9.24 -32.20
CA LYS C 60 14.02 -9.15 -33.35
C LYS C 60 14.14 -7.73 -33.89
N VAL C 61 14.21 -6.74 -33.00
CA VAL C 61 14.25 -5.34 -33.40
C VAL C 61 15.67 -4.97 -33.78
N PRO C 62 15.88 -4.42 -34.98
CA PRO C 62 17.24 -3.95 -35.32
C PRO C 62 17.71 -2.76 -34.46
N ALA C 63 19.03 -2.65 -34.29
CA ALA C 63 19.63 -1.65 -33.38
C ALA C 63 19.18 -0.23 -33.65
N ASP C 64 19.18 0.20 -34.91
CA ASP C 64 18.84 1.56 -35.26
C ASP C 64 17.45 1.87 -34.79
N GLU C 65 16.54 0.94 -35.00
CA GLU C 65 15.14 1.17 -34.63
C GLU C 65 14.99 1.12 -33.11
N TRP C 66 15.68 0.18 -32.47
CA TRP C 66 15.64 0.07 -31.00
C TRP C 66 16.13 1.39 -30.35
N LEU C 67 17.28 1.88 -30.81
CA LEU C 67 17.89 3.03 -30.18
C LEU C 67 17.14 4.34 -30.42
N LYS C 68 16.26 4.36 -31.43
CA LYS C 68 15.29 5.44 -31.65
C LYS C 68 14.38 5.71 -30.47
N LEU C 69 14.29 4.75 -29.55
CA LEU C 69 13.58 4.98 -28.29
C LEU C 69 14.15 6.15 -27.48
N MET C 70 15.44 6.46 -27.69
CA MET C 70 16.07 7.65 -27.12
C MET C 70 15.24 8.90 -27.32
N ASP C 71 14.51 8.97 -28.42
CA ASP C 71 13.69 10.14 -28.74
C ASP C 71 12.49 10.24 -27.85
N GLN C 72 12.11 9.15 -27.18
CA GLN C 72 11.06 9.21 -26.17
C GLN C 72 11.56 9.20 -24.75
N TRP C 73 12.87 9.20 -24.55
CA TRP C 73 13.40 9.14 -23.22
C TRP C 73 13.26 10.50 -22.55
N ASN C 74 12.28 10.60 -21.67
CA ASN C 74 12.01 11.85 -20.96
C ASN C 74 11.27 11.60 -19.64
N PRO C 75 11.98 11.06 -18.64
CA PRO C 75 11.40 10.64 -17.36
C PRO C 75 11.10 11.83 -16.46
N THR C 76 9.97 12.47 -16.71
CA THR C 76 9.66 13.73 -16.04
C THR C 76 9.39 13.57 -14.56
N LYS C 77 9.00 12.37 -14.11
CA LYS C 77 8.84 12.13 -12.66
C LYS C 77 10.16 11.70 -11.97
N PHE C 78 11.25 11.54 -12.70
CA PHE C 78 12.52 11.16 -12.06
C PHE C 78 13.00 12.13 -10.99
N ASP C 79 13.41 11.61 -9.84
CA ASP C 79 13.90 12.50 -8.80
C ASP C 79 14.88 11.72 -7.95
N ALA C 80 16.17 11.95 -8.19
CA ALA C 80 17.21 11.17 -7.56
C ALA C 80 17.09 11.12 -6.03
N LYS C 81 16.71 12.24 -5.43
CA LYS C 81 16.51 12.31 -3.98
C LYS C 81 15.39 11.40 -3.48
N LYS C 82 14.31 11.26 -4.23
CA LYS C 82 13.23 10.34 -3.81
C LYS C 82 13.71 8.90 -3.89
N TRP C 83 14.39 8.56 -4.97
CA TRP C 83 14.97 7.24 -5.15
C TRP C 83 15.85 6.88 -3.98
N ALA C 84 16.70 7.83 -3.55
CA ALA C 84 17.65 7.56 -2.46
C ALA C 84 16.94 7.37 -1.13
N LYS C 85 15.87 8.13 -0.93
CA LYS C 85 15.09 8.06 0.26
C LYS C 85 14.38 6.71 0.30
N MET C 86 13.88 6.26 -0.84
CA MET C 86 13.26 4.92 -0.92
C MET C 86 14.23 3.80 -0.52
N ALA C 87 15.44 3.82 -1.09
CA ALA C 87 16.47 2.85 -0.72
C ALA C 87 16.82 2.92 0.76
N LYS C 88 16.88 4.13 1.31
CA LYS C 88 17.19 4.33 2.75
C LYS C 88 16.10 3.70 3.60
N GLU C 89 14.84 3.97 3.25
CA GLU C 89 13.69 3.42 3.94
C GLU C 89 13.62 1.89 3.88
N MET C 90 14.03 1.32 2.74
CA MET C 90 14.09 -0.12 2.60
C MET C 90 15.15 -0.77 3.49
N GLY C 91 16.15 0.01 3.93
CA GLY C 91 17.25 -0.54 4.67
C GLY C 91 18.42 -1.03 3.85
N THR C 92 18.50 -0.66 2.58
CA THR C 92 19.62 -1.06 1.74
C THR C 92 20.83 -0.18 2.03
N LYS C 93 22.00 -0.81 2.13
CA LYS C 93 23.22 -0.11 2.37
C LYS C 93 23.97 0.22 1.10
N TYR C 94 23.53 -0.31 -0.02
CA TYR C 94 24.15 -0.03 -1.31
C TYR C 94 23.18 -0.25 -2.43
N VAL C 95 23.50 0.33 -3.58
CA VAL C 95 22.68 0.20 -4.77
C VAL C 95 23.58 -0.06 -5.98
N LYS C 96 23.19 -1.05 -6.78
CA LYS C 96 23.91 -1.41 -8.00
C LYS C 96 23.07 -0.92 -9.16
N ILE C 97 23.68 -0.10 -10.04
CA ILE C 97 22.99 0.57 -11.12
C ILE C 97 23.47 0.14 -12.46
N THR C 98 22.51 -0.14 -13.35
CA THR C 98 22.86 -0.41 -14.74
C THR C 98 23.35 0.87 -15.42
N THR C 99 24.66 1.02 -15.58
CA THR C 99 25.25 2.16 -16.28
C THR C 99 24.99 2.03 -17.77
N LYS C 100 25.06 0.81 -18.23
CA LYS C 100 24.81 0.47 -19.62
C LYS C 100 24.39 -1.03 -19.62
N HIS C 101 23.22 -1.34 -20.17
CA HIS C 101 22.83 -2.75 -20.33
C HIS C 101 23.21 -3.23 -21.72
N HIS C 102 22.69 -4.40 -22.15
CA HIS C 102 23.11 -4.99 -23.42
C HIS C 102 22.78 -4.09 -24.61
N GLU C 103 21.66 -3.39 -24.50
CA GLU C 103 21.21 -2.44 -25.49
C GLU C 103 22.24 -1.36 -25.81
N GLY C 104 23.11 -1.03 -24.85
CA GLY C 104 24.21 -0.10 -25.12
C GLY C 104 23.95 1.37 -24.82
N PHE C 105 22.73 1.69 -24.43
CA PHE C 105 22.36 3.04 -24.00
C PHE C 105 22.97 3.34 -22.65
N CYS C 106 23.74 4.42 -22.58
CA CYS C 106 24.47 4.76 -21.37
C CYS C 106 23.68 5.75 -20.50
N LEU C 107 23.62 5.53 -19.19
CA LEU C 107 22.93 6.46 -18.30
C LEU C 107 23.80 7.66 -17.89
N TRP C 108 24.99 7.75 -18.43
CA TRP C 108 25.85 8.88 -18.24
C TRP C 108 26.24 9.37 -19.63
N PRO C 109 26.61 10.65 -19.76
CA PRO C 109 26.93 11.18 -21.08
C PRO C 109 28.34 10.77 -21.55
N SER C 110 28.49 9.52 -21.97
CA SER C 110 29.80 9.08 -22.42
C SER C 110 30.28 9.88 -23.64
N LYS C 111 31.58 10.16 -23.67
CA LYS C 111 32.20 10.81 -24.84
C LYS C 111 32.47 9.76 -25.92
N TYR C 112 32.32 8.45 -25.65
CA TYR C 112 32.72 7.47 -26.64
C TYR C 112 31.63 6.85 -27.49
N THR C 113 30.40 7.33 -27.37
CA THR C 113 29.30 6.88 -28.23
C THR C 113 28.23 7.96 -28.22
N LYS C 114 27.36 7.98 -29.21
CA LYS C 114 26.22 8.87 -29.19
C LYS C 114 25.01 8.33 -28.47
N TYR C 115 25.00 7.03 -28.14
CA TYR C 115 23.84 6.45 -27.52
C TYR C 115 23.89 6.65 -26.02
N THR C 116 23.61 7.87 -25.60
CA THR C 116 23.63 8.23 -24.19
C THR C 116 22.49 9.17 -23.81
N VAL C 117 22.31 9.36 -22.51
CA VAL C 117 21.31 10.26 -21.99
C VAL C 117 21.43 11.71 -22.54
N ALA C 118 22.63 12.10 -22.96
CA ALA C 118 22.82 13.44 -23.45
C ALA C 118 22.01 13.69 -24.70
N ASN C 119 21.87 12.68 -25.54
CA ASN C 119 21.14 12.83 -26.79
C ASN C 119 19.70 12.40 -26.65
N THR C 120 19.08 12.77 -25.53
CA THR C 120 17.68 12.52 -25.34
C THR C 120 17.07 13.83 -24.97
N PRO C 121 15.75 13.93 -25.09
CA PRO C 121 15.08 15.13 -24.62
C PRO C 121 15.40 15.48 -23.16
N TYR C 122 15.62 14.47 -22.32
CA TYR C 122 15.88 14.69 -20.93
C TYR C 122 17.25 15.29 -20.71
N LYS C 123 18.23 14.92 -21.55
CA LYS C 123 19.57 15.50 -21.57
C LYS C 123 20.46 15.20 -20.35
N ARG C 124 19.87 15.10 -19.18
CA ARG C 124 20.65 15.13 -17.95
C ARG C 124 21.43 13.86 -17.65
N ASP C 125 22.53 14.05 -16.93
CA ASP C 125 23.36 12.96 -16.42
C ASP C 125 22.68 12.25 -15.23
N ILE C 126 21.81 11.30 -15.56
CA ILE C 126 21.06 10.47 -14.57
C ILE C 126 22.01 9.83 -13.58
N LEU C 127 23.06 9.21 -14.10
CA LEU C 127 23.95 8.41 -13.24
C LEU C 127 24.60 9.30 -12.23
N GLY C 128 25.06 10.47 -12.66
CA GLY C 128 25.65 11.46 -11.71
C GLY C 128 24.64 11.92 -10.69
N GLU C 129 23.40 12.17 -11.13
CA GLU C 129 22.37 12.57 -10.17
C GLU C 129 22.17 11.50 -9.11
N LEU C 130 22.10 10.25 -9.55
CA LEU C 130 21.93 9.15 -8.62
C LEU C 130 23.14 9.00 -7.69
N VAL C 131 24.34 9.04 -8.22
CA VAL C 131 25.53 8.88 -7.39
C VAL C 131 25.54 9.87 -6.23
N LYS C 132 25.25 11.15 -6.54
CA LYS C 132 25.20 12.18 -5.49
C LYS C 132 24.10 11.85 -4.50
N ALA C 133 22.89 11.53 -4.99
CA ALA C 133 21.74 11.39 -4.12
C ALA C 133 21.90 10.20 -3.17
N TYR C 134 22.40 9.09 -3.71
CA TYR C 134 22.62 7.91 -2.86
C TYR C 134 23.75 8.18 -1.87
N ASN C 135 24.87 8.71 -2.35
CA ASN C 135 25.99 9.04 -1.43
C ASN C 135 25.56 10.01 -0.31
N ASP C 136 24.78 11.04 -0.64
CA ASP C 136 24.21 11.94 0.38
C ASP C 136 23.46 11.19 1.48
N GLU C 137 22.81 10.08 1.16
CA GLU C 137 22.15 9.28 2.18
C GLU C 137 23.09 8.27 2.82
N GLY C 138 24.37 8.28 2.47
CA GLY C 138 25.31 7.34 3.07
C GLY C 138 25.18 5.93 2.52
N ILE C 139 24.74 5.83 1.28
CA ILE C 139 24.53 4.58 0.58
C ILE C 139 25.62 4.43 -0.49
N ASP C 140 26.37 3.34 -0.47
CA ASP C 140 27.37 3.09 -1.47
C ASP C 140 26.74 2.82 -2.83
N VAL C 141 27.48 3.19 -3.88
CA VAL C 141 27.04 2.94 -5.22
C VAL C 141 28.00 2.01 -5.96
N HIS C 142 27.42 1.03 -6.65
CA HIS C 142 28.11 0.00 -7.45
C HIS C 142 27.62 0.14 -8.86
N PHE C 143 28.51 -0.12 -9.80
CA PHE C 143 28.15 0.02 -11.20
C PHE C 143 28.05 -1.34 -11.91
N TYR C 144 26.84 -1.66 -12.37
CA TYR C 144 26.64 -2.73 -13.34
C TYR C 144 27.13 -2.22 -14.68
N PHE C 145 27.79 -3.09 -15.44
CA PHE C 145 28.32 -2.77 -16.77
C PHE C 145 28.25 -3.99 -17.70
N SER C 146 27.50 -3.88 -18.79
CA SER C 146 27.41 -4.97 -19.72
C SER C 146 28.51 -4.85 -20.74
N VAL C 147 29.37 -5.83 -20.79
CA VAL C 147 30.39 -5.85 -21.79
C VAL C 147 29.76 -6.00 -23.14
N MET C 148 28.95 -7.03 -23.32
CA MET C 148 28.16 -7.20 -24.56
C MET C 148 27.36 -5.94 -24.85
N ASP C 149 27.45 -5.46 -26.08
CA ASP C 149 26.90 -4.16 -26.47
C ASP C 149 26.33 -4.24 -27.86
N TRP C 150 25.00 -4.25 -27.90
CA TRP C 150 24.24 -4.45 -29.12
C TRP C 150 24.14 -3.16 -29.95
N SER C 151 24.69 -2.06 -29.44
CA SER C 151 24.64 -0.77 -30.13
C SER C 151 25.93 -0.47 -30.89
N ASN C 152 27.01 -1.14 -30.55
CA ASN C 152 28.29 -0.86 -31.16
C ASN C 152 28.61 -1.90 -32.19
N PRO C 153 28.77 -1.50 -33.46
CA PRO C 153 28.90 -2.53 -34.51
C PRO C 153 30.26 -3.20 -34.55
N ASP C 154 31.22 -2.74 -33.76
CA ASP C 154 32.49 -3.47 -33.61
C ASP C 154 32.38 -4.65 -32.62
N TYR C 155 31.25 -4.79 -31.93
CA TYR C 155 31.07 -5.95 -31.08
C TYR C 155 31.04 -7.21 -31.93
N ARG C 156 31.62 -8.29 -31.39
CA ARG C 156 31.56 -9.60 -32.00
C ARG C 156 31.20 -10.70 -30.96
N TYR C 157 30.37 -11.66 -31.42
CA TYR C 157 29.97 -12.84 -30.64
C TYR C 157 31.06 -13.88 -30.64
N ASP C 158 31.81 -13.93 -31.74
CA ASP C 158 32.96 -14.80 -31.84
C ASP C 158 33.95 -14.22 -32.86
N ILE C 159 35.16 -14.78 -32.88
CA ILE C 159 36.25 -14.33 -33.75
C ILE C 159 36.52 -15.36 -34.84
N LYS C 160 35.86 -15.20 -35.96
CA LYS C 160 35.96 -16.17 -37.09
C LYS C 160 36.83 -15.64 -38.26
N SER C 161 37.41 -14.43 -38.15
CA SER C 161 38.23 -13.79 -39.23
C SER C 161 39.17 -12.69 -38.68
N LYS C 162 40.18 -12.32 -39.47
CA LYS C 162 41.09 -11.23 -39.12
C LYS C 162 40.27 -9.94 -39.03
N GLU C 163 39.23 -9.84 -39.87
CA GLU C 163 38.26 -8.69 -39.85
C GLU C 163 37.54 -8.60 -38.51
N ASP C 164 37.08 -9.74 -37.98
CA ASP C 164 36.49 -9.81 -36.64
C ASP C 164 37.51 -9.41 -35.57
N SER C 165 38.72 -9.87 -35.70
CA SER C 165 39.74 -9.58 -34.72
CA SER C 165 39.75 -9.57 -34.72
C SER C 165 40.04 -8.07 -34.67
N ILE C 166 40.02 -7.43 -35.84
CA ILE C 166 40.30 -5.99 -35.91
C ILE C 166 39.17 -5.22 -35.23
N ALA C 167 37.95 -5.53 -35.62
CA ALA C 167 36.76 -4.88 -35.05
C ALA C 167 36.73 -5.04 -33.54
N PHE C 168 36.91 -6.26 -33.09
CA PHE C 168 36.83 -6.58 -31.65
C PHE C 168 37.93 -5.95 -30.85
N SER C 169 39.11 -5.84 -31.43
CA SER C 169 40.20 -5.17 -30.72
C SER C 169 39.84 -3.72 -30.47
N ARG C 170 39.26 -3.05 -31.46
CA ARG C 170 38.72 -1.71 -31.25
C ARG C 170 37.61 -1.65 -30.20
N PHE C 171 36.71 -2.63 -30.22
CA PHE C 171 35.64 -2.74 -29.21
C PHE C 171 36.18 -2.84 -27.79
N LEU C 172 37.23 -3.63 -27.58
CA LEU C 172 37.87 -3.71 -26.26
C LEU C 172 38.52 -2.41 -25.81
N GLU C 173 39.00 -1.62 -26.74
CA GLU C 173 39.57 -0.32 -26.38
C GLU C 173 38.46 0.61 -26.00
N PHE C 174 37.42 0.63 -26.81
CA PHE C 174 36.22 1.38 -26.53
C PHE C 174 35.69 1.06 -25.14
N THR C 175 35.74 -0.23 -24.79
CA THR C 175 35.22 -0.68 -23.50
C THR C 175 36.08 -0.18 -22.35
N ASP C 176 37.39 -0.33 -22.49
CA ASP C 176 38.33 0.25 -21.56
C ASP C 176 38.10 1.75 -21.32
N ASN C 177 37.81 2.48 -22.39
CA ASN C 177 37.64 3.91 -22.32
C ASN C 177 36.43 4.26 -21.53
N GLN C 178 35.32 3.55 -21.78
CA GLN C 178 34.08 3.79 -21.03
C GLN C 178 34.33 3.49 -19.55
N LEU C 179 35.02 2.39 -19.29
CA LEU C 179 35.29 2.01 -17.90
C LEU C 179 36.17 3.06 -17.14
N LYS C 180 37.24 3.51 -17.79
CA LYS C 180 38.09 4.59 -17.24
C LYS C 180 37.26 5.86 -17.02
N GLU C 181 36.40 6.18 -17.98
CA GLU C 181 35.52 7.33 -17.92
C GLU C 181 34.63 7.27 -16.70
N LEU C 182 34.01 6.12 -16.49
CA LEU C 182 33.14 5.92 -15.30
C LEU C 182 33.92 6.06 -14.01
N ALA C 183 35.09 5.44 -13.96
CA ALA C 183 35.92 5.44 -12.75
C ALA C 183 36.37 6.85 -12.34
N THR C 184 36.59 7.72 -13.33
CA THR C 184 37.18 9.04 -13.08
C THR C 184 36.10 10.12 -13.01
N ARG C 185 35.00 9.98 -13.73
CA ARG C 185 33.87 10.86 -13.52
C ARG C 185 33.20 10.65 -12.19
N TYR C 186 33.17 9.41 -11.70
CA TYR C 186 32.40 9.10 -10.50
C TYR C 186 33.28 8.31 -9.53
N PRO C 187 34.27 8.98 -8.92
CA PRO C 187 35.29 8.28 -8.13
C PRO C 187 34.85 7.69 -6.78
N THR C 188 33.64 7.98 -6.30
CA THR C 188 33.09 7.29 -5.11
C THR C 188 32.57 5.84 -5.38
N VAL C 189 32.55 5.43 -6.65
CA VAL C 189 32.13 4.05 -7.04
C VAL C 189 32.89 3.03 -6.18
N LYS C 190 32.18 2.03 -5.67
CA LYS C 190 32.81 1.03 -4.82
C LYS C 190 32.98 -0.34 -5.47
N ASP C 191 32.43 -0.55 -6.65
CA ASP C 191 32.36 -1.90 -7.23
C ASP C 191 31.96 -1.77 -8.65
N PHE C 192 32.51 -2.65 -9.49
CA PHE C 192 32.05 -2.83 -10.85
C PHE C 192 31.57 -4.27 -11.01
N TRP C 193 30.33 -4.42 -11.45
CA TRP C 193 29.70 -5.73 -11.58
C TRP C 193 29.45 -5.96 -13.06
N PHE C 194 30.33 -6.73 -13.67
CA PHE C 194 30.29 -7.03 -15.07
C PHE C 194 29.27 -8.09 -15.41
N ASP C 195 28.61 -7.90 -16.53
CA ASP C 195 27.64 -8.85 -17.06
C ASP C 195 27.89 -8.98 -18.55
N GLY C 196 27.27 -9.97 -19.20
CA GLY C 196 27.33 -10.10 -20.63
C GLY C 196 28.75 -10.36 -21.07
N THR C 197 29.43 -11.21 -20.32
CA THR C 197 30.80 -11.63 -20.62
C THR C 197 30.90 -13.11 -21.04
N TRP C 198 29.79 -13.69 -21.49
CA TRP C 198 29.73 -15.15 -21.73
C TRP C 198 30.04 -15.55 -23.20
N ASP C 199 30.02 -14.60 -24.13
CA ASP C 199 30.30 -14.90 -25.53
C ASP C 199 31.70 -15.41 -25.74
N ALA C 200 31.87 -16.21 -26.78
CA ALA C 200 33.16 -16.81 -27.13
C ALA C 200 34.25 -15.74 -27.38
N SER C 201 33.84 -14.62 -27.98
CA SER C 201 34.78 -13.51 -28.20
C SER C 201 35.46 -13.16 -26.87
N VAL C 202 34.70 -13.08 -25.78
CA VAL C 202 35.28 -12.73 -24.47
C VAL C 202 36.05 -13.88 -23.85
N LYS C 203 35.49 -15.08 -23.96
CA LYS C 203 36.12 -16.29 -23.44
C LYS C 203 37.52 -16.48 -24.03
N LYS C 204 37.67 -16.17 -25.32
CA LYS C 204 38.96 -16.31 -26.00
C LYS C 204 39.95 -15.21 -25.61
N ASN C 205 39.52 -14.22 -24.83
CA ASN C 205 40.33 -13.06 -24.53
C ASN C 205 40.48 -12.82 -23.05
N GLY C 206 40.87 -13.88 -22.34
CA GLY C 206 40.97 -13.83 -20.88
C GLY C 206 41.86 -12.71 -20.42
N TRP C 207 42.97 -12.57 -21.13
CA TRP C 207 43.98 -11.56 -20.81
C TRP C 207 43.27 -10.19 -20.60
N TRP C 208 42.28 -9.88 -21.46
CA TRP C 208 41.61 -8.60 -21.37
C TRP C 208 40.82 -8.47 -20.06
N THR C 209 40.20 -9.57 -19.65
CA THR C 209 39.40 -9.59 -18.39
C THR C 209 40.30 -9.29 -17.19
N ALA C 210 41.48 -9.90 -17.14
CA ALA C 210 42.46 -9.68 -16.04
C ALA C 210 42.98 -8.27 -16.08
N HIS C 211 43.15 -7.77 -17.30
CA HIS C 211 43.59 -6.41 -17.51
C HIS C 211 42.56 -5.39 -16.97
N ALA C 212 41.30 -5.63 -17.29
CA ALA C 212 40.23 -4.70 -16.85
C ALA C 212 40.19 -4.61 -15.34
N GLU C 213 40.34 -5.77 -14.70
CA GLU C 213 40.35 -5.82 -13.24
C GLU C 213 41.47 -4.95 -12.67
N GLN C 214 42.68 -5.19 -13.15
CA GLN C 214 43.88 -4.46 -12.75
C GLN C 214 43.72 -2.96 -13.00
N MET C 215 43.29 -2.64 -14.20
CA MET C 215 43.11 -1.24 -14.61
C MET C 215 42.23 -0.50 -13.62
N LEU C 216 41.07 -1.09 -13.31
CA LEU C 216 40.13 -0.41 -12.43
C LEU C 216 40.63 -0.28 -11.02
N LYS C 217 41.33 -1.30 -10.56
CA LYS C 217 41.85 -1.25 -9.18
C LYS C 217 42.95 -0.20 -8.99
N GLU C 218 43.70 0.06 -10.06
CA GLU C 218 44.65 1.18 -10.09
C GLU C 218 43.97 2.52 -10.02
N LEU C 219 42.87 2.67 -10.73
CA LEU C 219 42.12 3.93 -10.73
C LEU C 219 41.31 4.19 -9.47
N VAL C 220 40.75 3.15 -8.87
CA VAL C 220 39.82 3.31 -7.74
C VAL C 220 40.31 2.43 -6.60
N PRO C 221 40.97 3.03 -5.61
CA PRO C 221 41.49 2.28 -4.50
C PRO C 221 40.39 1.53 -3.76
N GLY C 222 40.58 0.22 -3.64
CA GLY C 222 39.68 -0.57 -2.82
C GLY C 222 38.42 -1.02 -3.51
N VAL C 223 38.33 -0.72 -4.80
CA VAL C 223 37.17 -1.12 -5.57
C VAL C 223 37.11 -2.62 -5.64
N ALA C 224 35.88 -3.13 -5.69
CA ALA C 224 35.60 -4.55 -5.78
C ALA C 224 35.16 -4.87 -7.20
N ILE C 225 35.47 -6.09 -7.62
CA ILE C 225 35.24 -6.52 -8.98
C ILE C 225 34.68 -7.94 -8.97
N ASN C 226 33.56 -8.17 -9.64
CA ASN C 226 32.91 -9.45 -9.58
C ASN C 226 33.63 -10.54 -10.38
N SER C 227 33.36 -11.79 -10.02
CA SER C 227 33.93 -12.94 -10.67
C SER C 227 33.44 -13.07 -12.13
N ARG C 228 32.23 -12.58 -12.41
CA ARG C 228 31.61 -12.75 -13.73
C ARG C 228 32.41 -12.10 -14.88
N LEU C 229 33.21 -11.10 -14.56
CA LEU C 229 34.08 -10.48 -15.54
C LEU C 229 35.05 -11.51 -16.13
N ARG C 230 35.52 -12.39 -15.27
CA ARG C 230 36.85 -13.01 -15.45
C ARG C 230 36.83 -14.34 -16.17
N ALA C 231 37.73 -14.45 -17.14
CA ALA C 231 38.08 -15.72 -17.80
C ALA C 231 39.59 -15.91 -17.72
N ASP C 232 40.03 -17.17 -17.64
CA ASP C 232 41.47 -17.41 -17.62
C ASP C 232 41.97 -17.68 -19.03
N ASP C 233 43.26 -17.97 -19.10
CA ASP C 233 43.94 -18.37 -20.34
C ASP C 233 43.13 -19.39 -21.19
N LYS C 234 42.44 -20.32 -20.55
CA LYS C 234 41.74 -21.39 -21.25
C LYS C 234 40.29 -21.09 -21.54
N GLY C 235 39.78 -19.93 -21.10
CA GLY C 235 38.39 -19.62 -21.28
C GLY C 235 37.49 -20.14 -20.16
N LYS C 236 38.06 -20.70 -19.08
CA LYS C 236 37.27 -21.11 -17.91
C LYS C 236 36.86 -19.79 -17.16
N ARG C 237 35.57 -19.65 -16.87
CA ARG C 237 34.98 -18.42 -16.30
C ARG C 237 34.68 -18.51 -14.79
N HIS C 238 34.71 -17.38 -14.08
CA HIS C 238 34.45 -17.29 -12.62
C HIS C 238 35.57 -17.90 -11.73
N PHE C 239 35.75 -19.21 -11.84
CA PHE C 239 36.86 -19.89 -11.20
C PHE C 239 37.77 -20.36 -12.32
N ASP C 240 39.07 -20.24 -12.06
CA ASP C 240 40.05 -20.56 -13.09
C ASP C 240 40.24 -22.07 -13.23
N SER C 241 41.14 -22.46 -14.13
CA SER C 241 41.42 -23.87 -14.43
C SER C 241 41.95 -24.66 -13.23
N ASN C 242 42.56 -23.98 -12.25
CA ASN C 242 42.94 -24.61 -10.98
C ASN C 242 41.91 -24.46 -9.90
N GLY C 243 40.67 -24.15 -10.30
CA GLY C 243 39.59 -23.99 -9.35
C GLY C 243 39.71 -22.80 -8.39
N ARG C 244 40.56 -21.81 -8.67
CA ARG C 244 40.64 -20.62 -7.82
C ARG C 244 39.69 -19.52 -8.30
N LEU C 245 39.06 -18.86 -7.34
CA LEU C 245 38.11 -17.77 -7.62
C LEU C 245 38.83 -16.56 -8.20
N MET C 246 38.38 -16.12 -9.38
CA MET C 246 38.85 -14.84 -9.96
C MET C 246 37.95 -13.69 -9.54
N GLY C 247 38.51 -12.50 -9.53
CA GLY C 247 37.82 -11.36 -8.96
C GLY C 247 37.78 -11.44 -7.43
N ASP C 248 37.04 -10.51 -6.82
CA ASP C 248 37.02 -10.35 -5.37
C ASP C 248 35.88 -11.09 -4.68
N TYR C 249 34.87 -11.48 -5.45
CA TYR C 249 33.70 -12.15 -4.91
C TYR C 249 32.97 -12.94 -6.01
N GLU C 250 32.36 -14.03 -5.60
CA GLU C 250 31.64 -14.91 -6.51
C GLU C 250 30.26 -14.32 -6.78
N SER C 251 29.83 -14.39 -8.03
CA SER C 251 28.66 -13.65 -8.52
C SER C 251 27.77 -14.47 -9.44
N GLY C 252 27.72 -15.77 -9.26
CA GLY C 252 26.89 -16.62 -10.08
C GLY C 252 25.47 -16.91 -9.57
N TYR C 253 25.17 -16.61 -8.31
CA TYR C 253 23.86 -16.97 -7.78
C TYR C 253 22.87 -15.88 -8.13
N GLU C 254 22.25 -16.08 -9.28
CA GLU C 254 21.33 -15.12 -9.88
C GLU C 254 19.97 -15.82 -9.93
N ARG C 255 19.00 -15.30 -9.20
CA ARG C 255 17.70 -15.93 -9.04
C ARG C 255 17.73 -17.37 -8.48
N ARG C 256 18.79 -17.71 -7.74
CA ARG C 256 18.87 -18.96 -6.97
C ARG C 256 19.98 -18.83 -5.92
N LEU C 257 20.03 -19.79 -4.98
CA LEU C 257 20.90 -19.67 -3.79
C LEU C 257 21.50 -21.02 -3.44
N PRO C 258 22.64 -21.02 -2.77
CA PRO C 258 23.27 -22.29 -2.43
C PRO C 258 22.48 -23.03 -1.38
N ASP C 259 22.53 -24.36 -1.46
CA ASP C 259 21.80 -25.19 -0.53
C ASP C 259 22.43 -25.05 0.86
N PRO C 260 21.62 -24.79 1.91
CA PRO C 260 22.13 -24.60 3.28
C PRO C 260 22.83 -25.79 3.91
N VAL C 261 22.62 -26.98 3.36
CA VAL C 261 23.29 -28.19 3.84
C VAL C 261 24.43 -28.62 2.93
N LYS C 262 24.22 -28.56 1.62
CA LYS C 262 25.16 -29.18 0.66
C LYS C 262 26.22 -28.26 0.09
N ASP C 263 25.97 -26.95 0.16
CA ASP C 263 26.85 -25.99 -0.48
C ASP C 263 27.58 -25.12 0.50
N LEU C 264 28.02 -25.70 1.60
CA LEU C 264 28.79 -24.95 2.58
C LEU C 264 30.15 -24.45 2.05
N LYS C 265 30.61 -24.95 0.93
CA LYS C 265 31.84 -24.48 0.37
C LYS C 265 31.84 -22.96 0.15
N VAL C 266 30.65 -22.34 0.03
CA VAL C 266 30.57 -20.91 -0.30
C VAL C 266 31.00 -20.00 0.84
N THR C 267 31.12 -20.56 2.04
CA THR C 267 31.51 -19.76 3.16
C THR C 267 32.99 -19.47 3.13
N GLN C 268 33.71 -20.07 2.21
CA GLN C 268 35.16 -19.84 2.06
C GLN C 268 35.51 -18.60 1.26
N TRP C 269 34.58 -18.06 0.49
CA TRP C 269 34.85 -16.84 -0.25
C TRP C 269 33.71 -15.88 -0.08
N ASP C 270 34.01 -14.62 -0.36
CA ASP C 270 32.96 -13.62 -0.45
C ASP C 270 32.10 -13.90 -1.67
N TRP C 271 30.82 -13.60 -1.56
CA TRP C 271 29.89 -13.78 -2.66
C TRP C 271 28.66 -12.90 -2.52
N GLU C 272 28.00 -12.65 -3.66
CA GLU C 272 26.80 -11.81 -3.67
C GLU C 272 25.79 -12.40 -4.62
N ALA C 273 24.62 -12.59 -4.09
CA ALA C 273 23.49 -13.04 -4.87
C ALA C 273 22.62 -11.87 -5.32
N CYS C 274 21.92 -12.03 -6.44
CA CYS C 274 20.91 -11.07 -6.87
CA CYS C 274 20.94 -11.05 -6.90
C CYS C 274 19.63 -11.79 -7.24
N MET C 275 18.52 -11.08 -7.20
CA MET C 275 17.21 -11.72 -7.37
C MET C 275 16.20 -10.72 -7.93
N THR C 276 15.16 -11.25 -8.53
CA THR C 276 14.04 -10.48 -9.10
C THR C 276 12.80 -10.70 -8.26
N ILE C 277 11.85 -9.78 -8.33
CA ILE C 277 10.62 -9.93 -7.60
C ILE C 277 9.66 -10.90 -8.31
N PRO C 278 9.39 -10.69 -9.60
CA PRO C 278 8.77 -11.73 -10.37
C PRO C 278 9.79 -12.81 -10.68
N GLU C 279 9.35 -13.81 -11.43
CA GLU C 279 10.20 -14.92 -11.68
C GLU C 279 11.43 -14.55 -12.48
N ASN C 280 11.22 -13.80 -13.56
CA ASN C 280 12.37 -13.31 -14.36
C ASN C 280 12.08 -12.04 -15.16
N GLN C 281 12.07 -10.91 -14.44
CA GLN C 281 12.00 -9.58 -15.04
C GLN C 281 12.93 -8.65 -14.28
N TRP C 282 13.89 -8.06 -14.97
CA TRP C 282 14.81 -7.11 -14.33
C TRP C 282 14.46 -5.67 -14.72
N GLY C 283 14.41 -5.42 -16.01
CA GLY C 283 13.79 -4.22 -16.53
C GLY C 283 12.27 -4.18 -16.33
N TYR C 284 11.71 -2.99 -16.39
CA TYR C 284 10.27 -2.79 -16.25
C TYR C 284 9.49 -3.55 -17.27
N HIS C 285 8.58 -4.41 -16.79
CA HIS C 285 7.60 -5.07 -17.62
C HIS C 285 6.23 -4.65 -17.19
N LYS C 286 5.40 -4.25 -18.15
CA LYS C 286 4.09 -3.68 -17.83
C LYS C 286 3.06 -4.66 -17.24
N ASP C 287 3.26 -5.94 -17.43
CA ASP C 287 2.31 -6.96 -16.92
C ASP C 287 2.95 -8.04 -16.03
N TRP C 288 2.89 -7.81 -14.73
CA TRP C 288 3.43 -8.76 -13.73
C TRP C 288 2.51 -9.94 -13.39
N SER C 289 1.31 -9.96 -13.99
CA SER C 289 0.43 -11.11 -13.82
C SER C 289 0.88 -12.30 -14.64
N LEU C 290 1.93 -12.17 -15.46
CA LEU C 290 2.35 -13.29 -16.32
C LEU C 290 3.20 -14.37 -15.62
N SER C 291 3.77 -14.09 -14.43
CA SER C 291 4.57 -15.07 -13.71
C SER C 291 4.36 -14.84 -12.25
N TYR C 292 4.87 -15.76 -11.41
CA TYR C 292 4.73 -15.63 -9.99
C TYR C 292 5.51 -14.42 -9.45
N VAL C 293 4.86 -13.68 -8.56
CA VAL C 293 5.45 -12.53 -7.88
C VAL C 293 5.66 -12.81 -6.42
N LYS C 294 6.89 -12.63 -5.95
CA LYS C 294 7.23 -13.01 -4.59
C LYS C 294 6.60 -12.05 -3.61
N THR C 295 6.23 -12.58 -2.43
CA THR C 295 5.77 -11.76 -1.35
C THR C 295 6.95 -11.25 -0.54
N PRO C 296 6.72 -10.24 0.31
CA PRO C 296 7.83 -9.70 1.11
C PRO C 296 8.56 -10.72 1.99
N ILE C 297 7.80 -11.59 2.62
CA ILE C 297 8.42 -12.58 3.46
C ILE C 297 9.27 -13.55 2.61
N GLU C 298 8.82 -13.90 1.39
CA GLU C 298 9.62 -14.74 0.53
C GLU C 298 10.94 -14.08 0.21
N VAL C 299 10.91 -12.75 0.05
CA VAL C 299 12.13 -12.01 -0.28
C VAL C 299 13.07 -11.93 0.96
N ILE C 300 12.48 -11.60 2.09
CA ILE C 300 13.18 -11.58 3.37
C ILE C 300 13.86 -12.92 3.69
N ASP C 301 13.16 -14.01 3.40
CA ASP C 301 13.73 -15.32 3.56
C ASP C 301 15.03 -15.44 2.78
N ARG C 302 14.99 -15.05 1.52
CA ARG C 302 16.16 -15.15 0.67
C ARG C 302 17.31 -14.25 1.11
N ILE C 303 16.98 -13.05 1.57
CA ILE C 303 17.99 -12.15 2.13
C ILE C 303 18.72 -12.82 3.29
N VAL C 304 17.95 -13.34 4.24
CA VAL C 304 18.56 -13.95 5.41
C VAL C 304 19.34 -15.22 5.08
N HIS C 305 18.77 -16.03 4.18
CA HIS C 305 19.45 -17.22 3.65
C HIS C 305 20.85 -16.86 3.21
N ALA C 306 20.97 -15.83 2.38
CA ALA C 306 22.26 -15.43 1.86
C ALA C 306 23.26 -15.11 2.97
N VAL C 307 22.83 -14.24 3.89
CA VAL C 307 23.70 -13.77 4.98
C VAL C 307 24.10 -14.98 5.85
N SER C 308 23.18 -15.94 6.05
CA SER C 308 23.45 -17.10 6.87
C SER C 308 24.53 -17.98 6.29
N MET C 309 24.79 -17.83 5.00
CA MET C 309 25.85 -18.56 4.33
C MET C 309 26.99 -17.65 3.90
N GLY C 310 27.10 -16.47 4.51
CA GLY C 310 28.24 -15.58 4.31
C GLY C 310 28.20 -14.78 3.02
N GLY C 311 27.01 -14.51 2.50
CA GLY C 311 26.94 -13.71 1.29
C GLY C 311 26.01 -12.51 1.38
N ASN C 312 26.10 -11.63 0.38
CA ASN C 312 25.21 -10.48 0.25
C ASN C 312 24.02 -10.81 -0.62
N MET C 313 22.94 -10.01 -0.51
CA MET C 313 21.78 -10.16 -1.36
C MET C 313 21.34 -8.82 -1.89
N VAL C 314 21.08 -8.78 -3.21
CA VAL C 314 20.69 -7.58 -3.91
C VAL C 314 19.33 -7.82 -4.56
N VAL C 315 18.34 -7.04 -4.13
CA VAL C 315 16.96 -7.15 -4.61
C VAL C 315 16.76 -6.16 -5.73
N ASN C 316 16.29 -6.63 -6.86
CA ASN C 316 16.11 -5.78 -8.04
C ASN C 316 14.78 -4.99 -8.11
N PHE C 317 14.90 -3.78 -8.67
CA PHE C 317 13.82 -2.89 -9.07
C PHE C 317 14.02 -2.46 -10.53
N GLY C 318 12.91 -2.38 -11.28
CA GLY C 318 12.89 -1.97 -12.68
C GLY C 318 11.99 -0.73 -12.88
N PRO C 319 12.55 0.46 -12.63
CA PRO C 319 11.76 1.68 -12.63
C PRO C 319 10.98 1.88 -13.92
N GLN C 320 9.85 2.57 -13.80
CA GLN C 320 9.02 2.95 -14.95
C GLN C 320 9.74 3.95 -15.88
N ALA C 321 9.24 4.03 -17.10
CA ALA C 321 9.76 4.96 -18.10
C ALA C 321 9.68 6.41 -17.57
N ASP C 322 8.67 6.71 -16.79
CA ASP C 322 8.50 8.09 -16.27
C ASP C 322 9.46 8.44 -15.12
N GLY C 323 10.24 7.47 -14.62
CA GLY C 323 11.21 7.74 -13.55
C GLY C 323 10.65 7.50 -12.15
N ASP C 324 9.46 6.96 -12.08
CA ASP C 324 8.86 6.57 -10.79
C ASP C 324 8.85 5.03 -10.68
N PHE C 325 8.54 4.54 -9.49
CA PHE C 325 8.44 3.09 -9.26
C PHE C 325 6.99 2.65 -9.18
N ARG C 326 6.69 1.51 -9.79
CA ARG C 326 5.39 0.88 -9.70
C ARG C 326 4.97 0.57 -8.27
N PRO C 327 3.67 0.42 -8.03
CA PRO C 327 3.17 0.28 -6.66
C PRO C 327 3.71 -0.95 -5.95
N GLU C 328 3.82 -2.06 -6.66
CA GLU C 328 4.30 -3.31 -6.09
C GLU C 328 5.72 -3.13 -5.50
N GLU C 329 6.55 -2.37 -6.19
CA GLU C 329 7.91 -2.16 -5.75
C GLU C 329 7.95 -1.25 -4.55
N LYS C 330 7.11 -0.21 -4.52
CA LYS C 330 7.06 0.65 -3.33
C LYS C 330 6.61 -0.13 -2.12
N ALA C 331 5.60 -0.95 -2.28
CA ALA C 331 5.12 -1.77 -1.18
C ALA C 331 6.23 -2.73 -0.68
N MET C 332 6.95 -3.32 -1.62
CA MET C 332 8.03 -4.26 -1.29
C MET C 332 9.10 -3.57 -0.46
N ALA C 333 9.56 -2.44 -0.94
CA ALA C 333 10.59 -1.72 -0.24
C ALA C 333 10.17 -1.28 1.14
N THR C 334 8.95 -0.80 1.24
CA THR C 334 8.40 -0.44 2.55
C THR C 334 8.31 -1.62 3.52
N ALA C 335 7.78 -2.75 3.05
CA ALA C 335 7.67 -3.95 3.90
C ALA C 335 9.03 -4.44 4.34
N ILE C 336 9.98 -4.53 3.43
CA ILE C 336 11.33 -5.00 3.79
C ILE C 336 11.92 -4.06 4.82
N GLY C 337 11.77 -2.76 4.57
CA GLY C 337 12.24 -1.76 5.51
C GLY C 337 11.67 -1.88 6.94
N LYS C 338 10.37 -2.12 7.07
CA LYS C 338 9.80 -2.31 8.40
C LYS C 338 10.45 -3.48 9.12
N TRP C 339 10.61 -4.58 8.41
CA TRP C 339 11.22 -5.77 9.01
C TRP C 339 12.67 -5.55 9.37
N MET C 340 13.44 -4.96 8.45
CA MET C 340 14.87 -4.71 8.72
C MET C 340 15.06 -3.75 9.88
N ASN C 341 14.12 -2.83 10.03
CA ASN C 341 14.25 -1.86 11.09
C ASN C 341 14.10 -2.54 12.45
N ARG C 342 13.28 -3.55 12.50
CA ARG C 342 13.07 -4.30 13.71
C ARG C 342 14.15 -5.40 13.92
N TYR C 343 14.56 -6.09 12.85
CA TYR C 343 15.41 -7.29 13.01
C TYR C 343 16.81 -7.23 12.36
N GLY C 344 17.16 -6.10 11.77
CA GLY C 344 18.39 -5.95 11.03
C GLY C 344 19.68 -6.16 11.78
N LYS C 345 19.64 -6.15 13.09
CA LYS C 345 20.87 -6.52 13.86
C LYS C 345 21.33 -7.95 13.53
N ALA C 346 20.42 -8.79 13.07
CA ALA C 346 20.75 -10.14 12.63
C ALA C 346 21.21 -10.27 11.17
N VAL C 347 21.22 -9.15 10.44
CA VAL C 347 21.56 -9.13 9.02
C VAL C 347 22.80 -8.32 8.77
N TYR C 348 22.75 -7.02 9.11
CA TYR C 348 23.87 -6.14 8.85
C TYR C 348 25.12 -6.60 9.60
N ALA C 349 26.24 -6.63 8.91
CA ALA C 349 27.51 -7.02 9.49
C ALA C 349 27.48 -8.39 10.12
N CYS C 350 26.60 -9.27 9.65
CA CYS C 350 26.55 -10.64 10.15
C CYS C 350 27.13 -11.61 9.12
N ASP C 351 27.33 -12.87 9.55
CA ASP C 351 28.01 -13.85 8.74
C ASP C 351 27.58 -15.28 9.12
N TYR C 352 28.12 -16.26 8.39
CA TYR C 352 27.95 -17.68 8.70
C TYR C 352 28.26 -18.02 10.17
N ALA C 353 27.37 -18.77 10.80
CA ALA C 353 27.54 -19.08 12.21
C ALA C 353 28.20 -20.43 12.50
N GLY C 354 28.41 -21.30 11.51
CA GLY C 354 29.01 -22.62 11.76
C GLY C 354 28.14 -23.64 12.45
N PHE C 355 26.84 -23.41 12.57
CA PHE C 355 25.92 -24.38 13.18
C PHE C 355 25.22 -25.22 12.12
N GLU C 356 24.87 -26.45 12.46
CA GLU C 356 24.05 -27.25 11.59
C GLU C 356 22.67 -26.64 11.39
N LYS C 357 22.24 -26.64 10.15
CA LYS C 357 20.96 -26.09 9.73
C LYS C 357 19.77 -26.79 10.39
N GLN C 358 18.81 -26.02 10.87
CA GLN C 358 17.58 -26.55 11.39
C GLN C 358 16.36 -26.02 10.58
N ASP C 359 15.23 -26.67 10.72
CA ASP C 359 14.06 -26.42 9.90
C ASP C 359 13.31 -25.14 10.19
N TRP C 360 13.50 -24.57 11.36
CA TRP C 360 12.76 -23.36 11.78
C TRP C 360 13.26 -22.08 11.09
N GLY C 361 14.45 -22.14 10.49
CA GLY C 361 15.02 -20.99 9.84
C GLY C 361 16.52 -20.99 9.76
N TYR C 362 17.10 -19.83 9.98
CA TYR C 362 18.54 -19.64 9.76
C TYR C 362 19.22 -19.07 10.97
N TYR C 363 20.46 -19.47 11.17
CA TYR C 363 21.36 -18.78 12.08
C TYR C 363 22.19 -17.69 11.35
N THR C 364 22.47 -16.57 12.03
CA THR C 364 23.55 -15.68 11.60
C THR C 364 24.43 -15.35 12.80
N ARG C 365 25.65 -14.96 12.52
CA ARG C 365 26.63 -14.65 13.57
C ARG C 365 27.05 -13.19 13.52
N GLY C 366 26.96 -12.52 14.66
CA GLY C 366 27.33 -11.11 14.79
C GLY C 366 28.81 -10.91 14.98
N LYS C 367 29.22 -9.65 14.99
CA LYS C 367 30.62 -9.31 15.11
C LYS C 367 31.22 -9.64 16.47
N ASN C 368 30.40 -9.67 17.50
CA ASN C 368 30.85 -10.07 18.82
C ASN C 368 30.36 -11.43 19.26
N ASP C 369 30.38 -12.39 18.35
CA ASP C 369 29.92 -13.73 18.63
C ASP C 369 28.47 -13.88 19.09
N GLU C 370 27.61 -12.92 18.82
CA GLU C 370 26.21 -13.14 18.99
C GLU C 370 25.79 -14.19 17.99
N VAL C 371 24.86 -15.06 18.36
CA VAL C 371 24.29 -16.00 17.42
C VAL C 371 22.81 -15.75 17.35
N TYR C 372 22.34 -15.41 16.17
CA TYR C 372 20.96 -15.09 16.00
C TYR C 372 20.20 -16.23 15.39
N MET C 373 19.04 -16.55 15.95
CA MET C 373 18.15 -17.48 15.34
C MET C 373 17.07 -16.65 14.65
N VAL C 374 16.97 -16.77 13.34
CA VAL C 374 15.90 -16.13 12.60
C VAL C 374 14.88 -17.17 12.19
N VAL C 375 13.68 -17.04 12.76
CA VAL C 375 12.65 -18.06 12.68
C VAL C 375 11.60 -17.73 11.65
N PHE C 376 11.50 -18.58 10.64
CA PHE C 376 10.55 -18.43 9.54
C PHE C 376 9.41 -19.46 9.59
N ASN C 377 9.68 -20.58 10.26
CA ASN C 377 8.74 -21.73 10.31
C ASN C 377 8.53 -22.15 11.76
N GLN C 378 7.36 -21.87 12.29
CA GLN C 378 7.05 -21.98 13.72
C GLN C 378 6.65 -23.42 14.07
N PRO C 379 7.46 -24.09 14.88
CA PRO C 379 7.11 -25.47 15.20
C PRO C 379 5.91 -25.59 16.13
N TYR C 380 4.97 -26.47 15.79
CA TYR C 380 3.86 -26.81 16.70
C TYR C 380 4.36 -27.40 18.01
N SER C 381 5.54 -28.00 18.01
CA SER C 381 6.17 -28.49 19.23
C SER C 381 6.48 -27.40 20.25
N GLU C 382 6.50 -26.17 19.79
CA GLU C 382 6.84 -25.00 20.59
C GLU C 382 8.24 -25.01 21.04
N ARG C 383 9.05 -25.79 20.34
CA ARG C 383 10.45 -25.94 20.69
C ARG C 383 11.33 -25.82 19.46
N LEU C 384 12.36 -25.04 19.57
CA LEU C 384 13.26 -24.75 18.48
C LEU C 384 14.57 -25.46 18.72
N ILE C 385 14.88 -26.42 17.88
CA ILE C 385 16.01 -27.27 18.12
C ILE C 385 17.26 -26.57 17.76
N VAL C 386 18.22 -26.63 18.67
CA VAL C 386 19.51 -26.06 18.47
C VAL C 386 20.59 -27.07 18.78
N LYS C 387 21.31 -27.50 17.75
CA LYS C 387 22.44 -28.40 17.88
C LYS C 387 23.73 -27.62 17.75
N THR C 388 24.55 -27.62 18.80
CA THR C 388 25.77 -26.79 18.85
C THR C 388 26.99 -27.51 18.35
N PRO C 389 27.97 -26.78 17.81
CA PRO C 389 29.19 -27.47 17.44
C PRO C 389 29.93 -27.87 18.69
N LYS C 390 30.93 -28.70 18.47
CA LYS C 390 31.81 -29.24 19.51
C LYS C 390 32.36 -28.08 20.28
N GLY C 391 32.26 -28.11 21.61
CA GLY C 391 32.87 -27.08 22.44
C GLY C 391 32.03 -25.85 22.67
N ILE C 392 30.83 -25.77 22.07
CA ILE C 392 29.99 -24.62 22.24
C ILE C 392 28.78 -24.92 23.11
N THR C 393 28.52 -24.07 24.08
CA THR C 393 27.32 -24.19 24.92
C THR C 393 26.49 -22.94 24.76
N VAL C 394 25.22 -23.04 25.13
CA VAL C 394 24.34 -21.92 25.00
C VAL C 394 24.05 -21.48 26.42
N GLU C 395 24.39 -20.24 26.78
CA GLU C 395 24.17 -19.72 28.14
C GLU C 395 22.87 -18.96 28.30
N LYS C 396 22.34 -18.38 27.24
CA LYS C 396 21.15 -17.56 27.37
C LYS C 396 20.50 -17.43 26.02
N ALA C 397 19.18 -17.27 26.04
CA ALA C 397 18.43 -16.89 24.89
C ALA C 397 17.53 -15.70 25.22
N THR C 398 17.43 -14.77 24.27
CA THR C 398 16.68 -13.54 24.44
C THR C 398 15.87 -13.18 23.19
N LEU C 399 14.62 -12.82 23.36
CA LEU C 399 13.85 -12.30 22.23
C LEU C 399 14.37 -10.89 21.88
N LEU C 400 14.79 -10.72 20.64
CA LEU C 400 15.52 -9.52 20.24
C LEU C 400 14.68 -8.28 20.43
N THR C 401 13.43 -8.30 20.01
CA THR C 401 12.63 -7.09 20.09
C THR C 401 12.37 -6.65 21.53
N THR C 402 11.98 -7.56 22.41
CA THR C 402 11.54 -7.17 23.77
C THR C 402 12.60 -7.29 24.85
N GLY C 403 13.68 -8.02 24.61
CA GLY C 403 14.64 -8.32 25.67
C GLY C 403 14.20 -9.46 26.59
N GLU C 404 13.00 -10.00 26.42
CA GLU C 404 12.52 -11.05 27.35
C GLU C 404 13.37 -12.32 27.27
N ASP C 405 13.57 -12.95 28.41
CA ASP C 405 14.37 -14.14 28.51
C ASP C 405 13.57 -15.33 27.98
N ILE C 406 14.26 -16.25 27.33
CA ILE C 406 13.63 -17.41 26.66
C ILE C 406 14.25 -18.68 27.25
N THR C 407 13.41 -19.62 27.65
CA THR C 407 13.91 -20.86 28.25
C THR C 407 14.72 -21.73 27.30
N VAL C 408 15.86 -22.19 27.76
CA VAL C 408 16.70 -23.10 27.03
C VAL C 408 16.82 -24.37 27.84
N VAL C 409 16.50 -25.51 27.25
CA VAL C 409 16.52 -26.80 27.92
C VAL C 409 17.48 -27.74 27.19
N GLU C 410 18.41 -28.32 27.91
CA GLU C 410 19.36 -29.23 27.31
C GLU C 410 18.64 -30.56 27.10
N THR C 411 18.73 -31.13 25.90
CA THR C 411 18.02 -32.39 25.60
C THR C 411 19.01 -33.54 25.48
N THR C 412 20.19 -33.24 25.00
CA THR C 412 21.21 -34.24 24.80
C THR C 412 22.57 -33.50 24.85
N ARG C 413 23.69 -34.24 24.77
CA ARG C 413 25.01 -33.62 24.61
C ARG C 413 24.95 -32.82 23.29
N ASN C 414 25.30 -31.55 23.35
CA ASN C 414 25.32 -30.72 22.15
C ASN C 414 23.95 -30.40 21.54
N GLU C 415 22.86 -30.53 22.28
CA GLU C 415 21.58 -30.15 21.75
C GLU C 415 20.62 -29.56 22.78
N TYR C 416 19.87 -28.56 22.36
CA TYR C 416 18.92 -27.88 23.21
C TYR C 416 17.58 -27.71 22.54
N ASN C 417 16.54 -27.51 23.34
CA ASN C 417 15.29 -27.00 22.87
C ASN C 417 15.20 -25.55 23.36
N VAL C 418 15.14 -24.59 22.44
CA VAL C 418 14.89 -23.20 22.78
C VAL C 418 13.40 -22.96 22.63
N SER C 419 12.74 -22.48 23.68
CA SER C 419 11.28 -22.29 23.57
C SER C 419 10.93 -21.18 22.61
N VAL C 420 9.75 -21.27 22.04
CA VAL C 420 9.19 -20.18 21.30
C VAL C 420 8.78 -19.13 22.33
N PRO C 421 8.60 -17.88 21.89
CA PRO C 421 8.10 -16.84 22.78
C PRO C 421 6.70 -17.14 23.29
N LYS C 422 6.38 -16.64 24.49
CA LYS C 422 5.08 -16.81 25.15
C LYS C 422 4.01 -16.31 24.22
N LYS C 423 4.22 -15.14 23.62
CA LYS C 423 3.29 -14.59 22.61
C LYS C 423 3.86 -14.82 21.20
N ASN C 424 3.09 -15.43 20.31
CA ASN C 424 3.57 -15.65 18.95
C ASN C 424 3.82 -14.34 18.22
N PRO C 425 5.04 -14.12 17.72
CA PRO C 425 5.29 -12.80 17.15
C PRO C 425 4.51 -12.47 15.88
N GLY C 426 3.94 -13.48 15.23
CA GLY C 426 3.11 -13.25 14.08
C GLY C 426 3.87 -12.88 12.80
N GLU C 427 5.19 -12.96 12.84
CA GLU C 427 6.03 -12.68 11.67
C GLU C 427 7.39 -13.35 11.91
N PRO C 428 8.22 -13.47 10.86
CA PRO C 428 9.55 -14.06 11.12
C PRO C 428 10.24 -13.26 12.17
N TYR C 429 10.89 -13.91 13.11
CA TYR C 429 11.43 -13.17 14.27
C TYR C 429 12.83 -13.62 14.65
N VAL C 430 13.46 -12.90 15.59
CA VAL C 430 14.78 -13.25 16.04
C VAL C 430 14.90 -13.51 17.52
N ILE C 431 15.58 -14.59 17.85
CA ILE C 431 16.02 -14.88 19.17
C ILE C 431 17.52 -14.81 19.13
N GLN C 432 18.09 -14.10 20.11
CA GLN C 432 19.52 -13.95 20.21
C GLN C 432 20.07 -14.87 21.29
N LEU C 433 21.14 -15.58 20.95
CA LEU C 433 21.77 -16.50 21.84
C LEU C 433 23.08 -15.95 22.30
N LYS C 434 23.39 -16.19 23.57
CA LYS C 434 24.74 -16.00 24.10
C LYS C 434 25.34 -17.36 24.21
N VAL C 435 26.47 -17.56 23.56
CA VAL C 435 27.15 -18.83 23.57
C VAL C 435 28.53 -18.70 24.21
N ARG C 436 29.11 -19.82 24.64
CA ARG C 436 30.47 -19.84 25.20
C ARG C 436 31.25 -20.98 24.50
N ALA C 437 32.43 -20.67 23.97
CA ALA C 437 33.34 -21.68 23.43
C ALA C 437 34.35 -22.07 24.50
N ALA C 438 35.22 -23.04 24.22
CA ALA C 438 36.10 -23.60 25.27
C ALA C 438 37.49 -22.97 25.42
N GLU D 1 56.49 31.38 -34.73
CA GLU D 1 55.62 30.51 -33.86
C GLU D 1 56.54 29.59 -33.03
N ILE D 2 56.48 29.70 -31.70
CA ILE D 2 57.15 28.76 -30.77
C ILE D 2 56.24 27.53 -30.66
N PRO D 3 56.79 26.29 -30.68
CA PRO D 3 55.91 25.14 -30.52
C PRO D 3 55.50 24.95 -29.05
N LEU D 4 54.22 24.64 -28.79
CA LEU D 4 53.71 24.51 -27.42
C LEU D 4 52.73 23.40 -27.33
N LYS D 5 52.80 22.61 -26.28
CA LYS D 5 51.78 21.57 -26.02
C LYS D 5 50.68 22.11 -25.12
N TYR D 6 50.96 23.14 -24.33
CA TYR D 6 50.02 23.60 -23.30
C TYR D 6 49.67 25.07 -23.45
N GLY D 7 49.70 25.53 -24.70
CA GLY D 7 49.34 26.90 -25.03
C GLY D 7 47.88 26.98 -25.37
N ALA D 8 47.52 28.00 -26.14
CA ALA D 8 46.13 28.32 -26.41
C ALA D 8 45.46 27.22 -27.20
N THR D 9 44.16 27.11 -27.01
CA THR D 9 43.35 26.13 -27.72
C THR D 9 42.48 26.88 -28.73
N ASN D 10 41.51 27.64 -28.20
CA ASN D 10 40.60 28.53 -28.98
C ASN D 10 41.29 29.34 -30.08
N GLU D 11 40.60 29.54 -31.20
CA GLU D 11 41.14 30.41 -32.26
C GLU D 11 40.83 31.84 -31.87
N GLY D 12 39.57 32.24 -31.99
CA GLY D 12 39.13 33.58 -31.57
C GLY D 12 38.14 33.48 -30.42
N LYS D 13 37.02 34.17 -30.55
CA LYS D 13 35.94 34.07 -29.60
C LYS D 13 35.08 32.82 -29.84
N ARG D 14 34.76 32.07 -28.77
CA ARG D 14 33.78 31.02 -28.85
C ARG D 14 32.44 31.64 -29.21
N GLN D 15 31.68 30.96 -30.05
CA GLN D 15 30.37 31.45 -30.40
C GLN D 15 29.27 30.45 -30.14
N ASP D 16 29.54 29.41 -29.36
CA ASP D 16 28.50 28.47 -28.99
C ASP D 16 27.51 29.17 -28.10
N PRO D 17 26.29 28.64 -28.04
CA PRO D 17 25.27 29.30 -27.24
C PRO D 17 25.67 29.54 -25.80
N ALA D 18 26.48 28.67 -25.21
CA ALA D 18 26.87 28.84 -23.80
C ALA D 18 27.77 30.06 -23.62
N MET D 19 28.73 30.24 -24.51
CA MET D 19 29.59 31.44 -24.46
C MET D 19 28.82 32.70 -24.79
N GLN D 20 27.91 32.62 -25.74
CA GLN D 20 27.05 33.73 -26.08
C GLN D 20 26.21 34.20 -24.90
N LYS D 21 25.76 33.25 -24.10
CA LYS D 21 25.01 33.55 -22.89
C LYS D 21 25.94 34.24 -21.83
N PHE D 22 27.13 33.67 -21.65
CA PHE D 22 28.12 34.20 -20.68
C PHE D 22 28.36 35.69 -20.99
N ARG D 23 28.59 35.93 -22.27
CA ARG D 23 28.78 37.27 -22.82
C ARG D 23 27.55 38.19 -22.64
N ASP D 24 26.38 37.77 -23.14
CA ASP D 24 25.19 38.60 -23.16
C ASP D 24 24.74 38.98 -21.79
N ASN D 25 24.98 38.10 -20.83
CA ASN D 25 24.69 38.41 -19.43
C ASN D 25 25.25 39.79 -19.03
N ARG D 26 26.51 40.01 -19.37
CA ARG D 26 27.25 41.26 -19.09
C ARG D 26 27.49 41.65 -17.64
N LEU D 27 26.44 41.73 -16.85
CA LEU D 27 26.54 42.20 -15.51
C LEU D 27 26.42 41.04 -14.49
N GLY D 28 27.43 40.94 -13.63
CA GLY D 28 27.44 39.93 -12.59
C GLY D 28 27.68 40.51 -11.20
N ALA D 29 27.41 39.72 -10.17
CA ALA D 29 27.87 40.01 -8.81
C ALA D 29 28.90 39.00 -8.36
N PHE D 30 29.80 39.40 -7.46
CA PHE D 30 30.81 38.54 -6.88
C PHE D 30 30.42 38.43 -5.42
N ILE D 31 30.51 37.22 -4.88
CA ILE D 31 30.31 36.96 -3.49
C ILE D 31 31.60 36.41 -2.95
N HIS D 32 32.18 37.14 -1.98
CA HIS D 32 33.33 36.66 -1.21
C HIS D 32 32.83 36.37 0.19
N TRP D 33 32.68 35.09 0.50
CA TRP D 33 32.23 34.68 1.85
C TRP D 33 33.03 33.50 2.29
N GLY D 34 33.53 33.63 3.51
CA GLY D 34 34.48 32.67 4.09
C GLY D 34 34.67 33.02 5.56
N LEU D 35 35.58 32.30 6.21
CA LEU D 35 35.84 32.50 7.65
C LEU D 35 36.33 33.91 8.00
N TYR D 36 36.96 34.58 7.04
CA TYR D 36 37.40 35.98 7.18
C TYR D 36 36.28 36.92 7.54
N ALA D 37 35.05 36.57 7.23
CA ALA D 37 33.91 37.42 7.59
C ALA D 37 33.69 37.57 9.10
N ILE D 38 34.18 36.59 9.85
CA ILE D 38 33.98 36.59 11.31
C ILE D 38 34.81 37.68 11.95
N PRO D 39 36.13 37.65 11.82
CA PRO D 39 36.91 38.74 12.42
C PRO D 39 36.67 40.12 11.75
N GLY D 40 36.26 40.11 10.49
CA GLY D 40 35.99 41.36 9.76
C GLY D 40 37.15 42.34 9.69
N GLY D 41 38.36 41.84 9.47
CA GLY D 41 39.55 42.70 9.40
C GLY D 41 40.29 43.00 10.72
N GLU D 42 39.74 42.50 11.84
CA GLU D 42 40.36 42.72 13.14
C GLU D 42 40.89 41.44 13.74
N TRP D 43 42.14 41.49 14.16
CA TRP D 43 42.74 40.37 14.87
C TRP D 43 43.40 40.84 16.17
N ASN D 44 43.01 40.22 17.28
CA ASN D 44 43.63 40.49 18.58
C ASN D 44 43.55 41.94 18.96
N GLY D 45 42.38 42.55 18.80
CA GLY D 45 42.21 43.96 19.09
C GLY D 45 42.84 44.91 18.08
N LYS D 46 43.50 44.42 17.05
CA LYS D 46 44.11 45.29 16.04
C LYS D 46 43.37 45.22 14.68
N VAL D 47 42.94 46.38 14.18
CA VAL D 47 42.23 46.49 12.90
C VAL D 47 43.26 46.63 11.81
N TYR D 48 43.25 45.75 10.83
CA TYR D 48 44.19 45.85 9.74
C TYR D 48 43.51 46.45 8.50
N GLY D 49 44.23 47.37 7.85
CA GLY D 49 43.73 48.12 6.69
C GLY D 49 43.74 47.33 5.41
N GLY D 50 44.59 46.31 5.29
CA GLY D 50 44.59 45.45 4.12
C GLY D 50 43.24 44.71 3.90
N ALA D 51 43.10 44.12 2.72
CA ALA D 51 41.91 43.33 2.36
C ALA D 51 41.54 42.30 3.45
N ALA D 52 40.34 42.39 3.97
CA ALA D 52 39.94 41.52 5.09
C ALA D 52 40.12 40.00 4.83
N GLU D 53 39.93 39.56 3.59
CA GLU D 53 40.06 38.14 3.27
C GLU D 53 41.50 37.66 3.29
N TRP D 54 42.43 38.61 3.43
CA TRP D 54 43.85 38.32 3.59
C TRP D 54 44.29 38.52 5.03
N LEU D 55 43.35 38.70 5.98
CA LEU D 55 43.70 38.93 7.38
C LEU D 55 44.63 37.88 7.99
N LYS D 56 44.50 36.63 7.58
CA LYS D 56 45.42 35.61 8.05
C LYS D 56 46.85 36.04 7.79
N SER D 57 47.07 36.61 6.63
CA SER D 57 48.39 37.02 6.23
C SER D 57 48.82 38.26 6.97
N TRP D 58 47.96 39.27 7.02
CA TRP D 58 48.32 40.52 7.67
C TRP D 58 48.68 40.31 9.13
N ALA D 59 47.90 39.52 9.82
CA ALA D 59 48.14 39.28 11.23
C ALA D 59 49.07 38.08 11.53
N LYS D 60 49.66 37.47 10.51
CA LYS D 60 50.55 36.32 10.71
C LYS D 60 49.90 35.21 11.56
N VAL D 61 48.62 34.90 11.31
CA VAL D 61 47.91 33.88 12.07
C VAL D 61 48.25 32.51 11.49
N PRO D 62 48.75 31.58 12.33
CA PRO D 62 48.94 30.20 11.84
C PRO D 62 47.63 29.48 11.43
N ALA D 63 47.77 28.56 10.48
CA ALA D 63 46.63 27.89 9.91
C ALA D 63 45.68 27.26 10.93
N ASP D 64 46.22 26.51 11.88
CA ASP D 64 45.37 25.83 12.87
C ASP D 64 44.53 26.83 13.60
N GLU D 65 45.15 27.92 13.99
CA GLU D 65 44.44 28.92 14.77
C GLU D 65 43.41 29.65 13.90
N TRP D 66 43.78 29.92 12.65
CA TRP D 66 42.85 30.57 11.71
C TRP D 66 41.60 29.70 11.47
N LEU D 67 41.83 28.43 11.17
CA LEU D 67 40.74 27.52 10.83
C LEU D 67 39.82 27.15 11.99
N LYS D 68 40.27 27.39 13.24
CA LYS D 68 39.41 27.33 14.44
C LYS D 68 38.23 28.27 14.37
N LEU D 69 38.26 29.22 13.47
CA LEU D 69 37.07 30.08 13.22
C LEU D 69 35.83 29.31 12.75
N MET D 70 36.07 28.16 12.14
CA MET D 70 35.00 27.21 11.83
C MET D 70 34.06 27.00 12.98
N ASP D 71 34.57 27.04 14.21
CA ASP D 71 33.74 26.78 15.39
C ASP D 71 32.77 27.89 15.65
N GLN D 72 33.00 29.09 15.08
CA GLN D 72 32.04 30.18 15.19
C GLN D 72 31.22 30.34 13.96
N TRP D 73 31.42 29.50 12.96
CA TRP D 73 30.68 29.65 11.71
C TRP D 73 29.24 29.18 11.91
N ASN D 74 28.34 30.14 12.08
CA ASN D 74 26.93 29.83 12.24
C ASN D 74 26.02 30.99 11.79
N PRO D 75 25.88 31.17 10.48
CA PRO D 75 25.19 32.34 9.90
C PRO D 75 23.69 32.19 9.96
N THR D 76 23.12 32.49 11.10
CA THR D 76 21.73 32.20 11.34
C THR D 76 20.80 33.06 10.50
N LYS D 77 21.24 34.25 10.06
CA LYS D 77 20.43 35.07 9.15
C LYS D 77 20.58 34.70 7.66
N PHE D 78 21.41 33.72 7.34
CA PHE D 78 21.55 33.29 5.95
C PHE D 78 20.27 32.78 5.32
N ASP D 79 19.96 33.22 4.11
CA ASP D 79 18.76 32.76 3.47
C ASP D 79 19.00 32.86 1.98
N ALA D 80 19.30 31.73 1.34
CA ALA D 80 19.68 31.71 -0.05
C ALA D 80 18.68 32.42 -0.94
N LYS D 81 17.40 32.28 -0.62
CA LYS D 81 16.33 32.92 -1.41
C LYS D 81 16.36 34.45 -1.34
N LYS D 82 16.63 35.00 -0.19
CA LYS D 82 16.78 36.46 -0.07
C LYS D 82 17.97 36.93 -0.91
N TRP D 83 19.10 36.24 -0.77
CA TRP D 83 20.30 36.55 -1.56
C TRP D 83 19.96 36.60 -3.04
N ALA D 84 19.24 35.60 -3.53
CA ALA D 84 18.93 35.51 -4.96
C ALA D 84 17.99 36.63 -5.42
N LYS D 85 17.07 37.01 -4.53
CA LYS D 85 16.14 38.09 -4.81
C LYS D 85 16.91 39.41 -4.86
N MET D 86 17.86 39.60 -3.94
CA MET D 86 18.73 40.80 -3.99
C MET D 86 19.48 40.93 -5.34
N ALA D 87 20.12 39.84 -5.78
CA ALA D 87 20.79 39.82 -7.08
C ALA D 87 19.83 40.12 -8.24
N LYS D 88 18.63 39.57 -8.16
CA LYS D 88 17.61 39.79 -9.18
C LYS D 88 17.24 41.27 -9.24
N GLU D 89 16.99 41.86 -8.08
CA GLU D 89 16.64 43.30 -7.95
C GLU D 89 17.77 44.22 -8.41
N MET D 90 19.02 43.81 -8.22
CA MET D 90 20.16 44.59 -8.75
C MET D 90 20.27 44.57 -10.28
N GLY D 91 19.66 43.58 -10.92
CA GLY D 91 19.77 43.41 -12.35
C GLY D 91 20.94 42.52 -12.78
N THR D 92 21.54 41.77 -11.86
CA THR D 92 22.63 40.91 -12.23
C THR D 92 22.13 39.63 -12.88
N LYS D 93 22.76 39.22 -13.96
CA LYS D 93 22.37 38.01 -14.70
C LYS D 93 23.14 36.76 -14.25
N TYR D 94 24.15 36.97 -13.43
CA TYR D 94 24.96 35.88 -12.90
C TYR D 94 25.63 36.26 -11.64
N VAL D 95 26.07 35.25 -10.89
CA VAL D 95 26.80 35.44 -9.66
C VAL D 95 28.02 34.48 -9.58
N LYS D 96 29.16 35.02 -9.16
CA LYS D 96 30.38 34.27 -9.04
C LYS D 96 30.64 34.10 -7.54
N ILE D 97 30.81 32.85 -7.09
CA ILE D 97 30.88 32.56 -5.65
C ILE D 97 32.20 31.92 -5.25
N THR D 98 32.79 32.44 -4.17
CA THR D 98 34.01 31.87 -3.63
C THR D 98 33.71 30.49 -3.00
N THR D 99 34.00 29.42 -3.74
CA THR D 99 33.79 28.06 -3.25
C THR D 99 34.82 27.77 -2.17
N LYS D 100 36.01 28.30 -2.39
CA LYS D 100 37.13 28.15 -1.48
C LYS D 100 38.05 29.32 -1.78
N HIS D 101 38.38 30.15 -0.77
CA HIS D 101 39.39 31.20 -0.94
C HIS D 101 40.76 30.69 -0.49
N HIS D 102 41.75 31.58 -0.37
CA HIS D 102 43.12 31.17 -0.07
C HIS D 102 43.22 30.44 1.27
N GLU D 103 42.39 30.87 2.23
CA GLU D 103 42.28 30.24 3.53
C GLU D 103 41.96 28.72 3.46
N GLY D 104 41.29 28.26 2.39
CA GLY D 104 41.07 26.82 2.18
C GLY D 104 39.74 26.26 2.74
N PHE D 105 38.97 27.08 3.43
CA PHE D 105 37.66 26.70 3.94
C PHE D 105 36.66 26.60 2.81
N CYS D 106 36.05 25.43 2.65
CA CYS D 106 35.17 25.14 1.53
C CYS D 106 33.70 25.42 1.88
N LEU D 107 32.97 26.06 0.99
CA LEU D 107 31.55 26.35 1.23
C LEU D 107 30.62 25.20 0.81
N TRP D 108 31.21 24.10 0.37
CA TRP D 108 30.48 22.86 0.11
C TRP D 108 31.18 21.75 0.91
N PRO D 109 30.46 20.65 1.20
CA PRO D 109 31.03 19.64 2.08
C PRO D 109 31.99 18.71 1.32
N SER D 110 33.19 19.18 1.04
CA SER D 110 34.13 18.38 0.29
C SER D 110 34.53 17.12 1.04
N LYS D 111 34.72 16.04 0.31
CA LYS D 111 35.17 14.79 0.88
C LYS D 111 36.68 14.79 1.04
N TYR D 112 37.37 15.80 0.52
CA TYR D 112 38.83 15.75 0.47
C TYR D 112 39.55 16.56 1.48
N THR D 113 38.83 17.16 2.41
CA THR D 113 39.45 17.92 3.51
C THR D 113 38.42 18.04 4.58
N LYS D 114 38.88 18.24 5.80
CA LYS D 114 37.95 18.48 6.91
C LYS D 114 37.54 19.95 7.03
N TYR D 115 38.23 20.86 6.33
CA TYR D 115 37.95 22.28 6.51
C TYR D 115 36.81 22.69 5.58
N THR D 116 35.59 22.31 5.94
CA THR D 116 34.41 22.59 5.16
C THR D 116 33.24 22.95 6.03
N VAL D 117 32.18 23.40 5.39
CA VAL D 117 30.95 23.79 6.09
C VAL D 117 30.37 22.68 6.91
N ALA D 118 30.67 21.43 6.54
CA ALA D 118 30.06 20.29 7.22
C ALA D 118 30.56 20.17 8.64
N ASN D 119 31.80 20.53 8.89
CA ASN D 119 32.32 20.52 10.25
C ASN D 119 32.14 21.87 10.99
N THR D 120 31.03 22.57 10.75
CA THR D 120 30.76 23.78 11.45
C THR D 120 29.45 23.57 12.11
N PRO D 121 29.13 24.38 13.11
CA PRO D 121 27.82 24.26 13.75
C PRO D 121 26.68 24.36 12.76
N TYR D 122 26.86 25.19 11.72
CA TYR D 122 25.82 25.40 10.72
C TYR D 122 25.57 24.15 9.91
N LYS D 123 26.64 23.38 9.64
CA LYS D 123 26.57 22.06 9.01
C LYS D 123 26.16 22.08 7.51
N ARG D 124 25.32 23.03 7.10
CA ARG D 124 24.65 22.94 5.80
C ARG D 124 25.50 23.31 4.58
N ASP D 125 25.13 22.71 3.44
CA ASP D 125 25.79 22.95 2.14
C ASP D 125 25.39 24.30 1.51
N ILE D 126 26.06 25.34 1.99
CA ILE D 126 25.79 26.72 1.59
C ILE D 126 25.82 26.84 0.08
N LEU D 127 26.86 26.28 -0.52
CA LEU D 127 27.02 26.43 -1.94
C LEU D 127 25.86 25.82 -2.71
N GLY D 128 25.43 24.62 -2.32
CA GLY D 128 24.27 24.01 -2.96
C GLY D 128 23.03 24.84 -2.76
N GLU D 129 22.84 25.38 -1.56
CA GLU D 129 21.67 26.22 -1.32
C GLU D 129 21.68 27.40 -2.29
N LEU D 130 22.84 28.03 -2.43
CA LEU D 130 22.95 29.19 -3.33
C LEU D 130 22.69 28.84 -4.78
N VAL D 131 23.30 27.75 -5.25
CA VAL D 131 23.14 27.31 -6.63
C VAL D 131 21.65 27.13 -6.99
N LYS D 132 20.89 26.47 -6.10
CA LYS D 132 19.43 26.27 -6.34
C LYS D 132 18.73 27.64 -6.34
N ALA D 133 19.01 28.48 -5.33
CA ALA D 133 18.28 29.73 -5.18
C ALA D 133 18.52 30.67 -6.35
N TYR D 134 19.78 30.78 -6.77
CA TYR D 134 20.10 31.61 -7.91
C TYR D 134 19.46 31.02 -9.17
N ASN D 135 19.67 29.73 -9.44
CA ASN D 135 19.09 29.12 -10.64
C ASN D 135 17.55 29.27 -10.70
N ASP D 136 16.87 29.08 -9.57
CA ASP D 136 15.45 29.37 -9.48
C ASP D 136 15.07 30.76 -9.92
N GLU D 137 15.92 31.75 -9.70
CA GLU D 137 15.63 33.10 -10.21
C GLU D 137 16.10 33.28 -11.66
N GLY D 138 16.61 32.24 -12.31
CA GLY D 138 17.10 32.38 -13.69
C GLY D 138 18.45 33.09 -13.79
N ILE D 139 19.25 32.98 -12.72
CA ILE D 139 20.56 33.62 -12.63
C ILE D 139 21.63 32.52 -12.74
N ASP D 140 22.55 32.65 -13.69
CA ASP D 140 23.65 31.66 -13.83
C ASP D 140 24.59 31.74 -12.61
N VAL D 141 25.24 30.62 -12.30
CA VAL D 141 26.23 30.58 -11.25
C VAL D 141 27.60 30.16 -11.75
N HIS D 142 28.61 30.87 -11.28
CA HIS D 142 30.02 30.68 -11.61
C HIS D 142 30.80 30.42 -10.33
N PHE D 143 31.85 29.64 -10.44
CA PHE D 143 32.59 29.22 -9.27
C PHE D 143 33.95 29.83 -9.27
N TYR D 144 34.18 30.68 -8.28
CA TYR D 144 35.55 31.09 -7.91
C TYR D 144 36.22 29.97 -7.15
N PHE D 145 37.48 29.70 -7.48
CA PHE D 145 38.28 28.65 -6.86
C PHE D 145 39.74 29.09 -6.69
N SER D 146 40.22 29.14 -5.46
CA SER D 146 41.62 29.50 -5.23
C SER D 146 42.51 28.28 -5.27
N VAL D 147 43.45 28.26 -6.22
CA VAL D 147 44.38 27.16 -6.30
C VAL D 147 45.28 27.17 -5.08
N MET D 148 45.91 28.30 -4.80
CA MET D 148 46.66 28.51 -3.58
C MET D 148 45.76 28.19 -2.38
N ASP D 149 46.27 27.36 -1.46
CA ASP D 149 45.48 26.85 -0.33
C ASP D 149 46.35 26.80 0.92
N TRP D 150 46.06 27.71 1.85
CA TRP D 150 46.84 27.92 3.06
C TRP D 150 46.44 26.93 4.16
N SER D 151 45.43 26.09 3.89
CA SER D 151 45.01 25.06 4.83
C SER D 151 45.68 23.71 4.58
N ASN D 152 46.26 23.52 3.42
CA ASN D 152 46.88 22.24 3.06
C ASN D 152 48.41 22.33 3.07
N PRO D 153 49.11 21.55 3.93
CA PRO D 153 50.57 21.71 4.04
C PRO D 153 51.37 21.10 2.88
N ASP D 154 50.76 20.37 1.97
CA ASP D 154 51.43 19.98 0.73
C ASP D 154 51.53 21.13 -0.29
N TYR D 155 50.88 22.26 -0.02
CA TYR D 155 51.03 23.39 -0.93
C TYR D 155 52.49 23.85 -0.92
N ARG D 156 52.98 24.29 -2.09
CA ARG D 156 54.29 24.93 -2.22
C ARG D 156 54.26 26.21 -3.08
N TYR D 157 55.05 27.19 -2.64
CA TYR D 157 55.22 28.45 -3.34
C TYR D 157 56.17 28.31 -4.50
N ASP D 158 57.12 27.40 -4.35
CA ASP D 158 58.05 27.08 -5.41
C ASP D 158 58.55 25.67 -5.22
N ILE D 159 59.23 25.16 -6.23
CA ILE D 159 59.79 23.81 -6.23
C ILE D 159 61.32 23.89 -6.17
N LYS D 160 61.87 23.90 -4.95
CA LYS D 160 63.31 24.01 -4.72
C LYS D 160 63.97 22.63 -4.36
N SER D 161 63.20 21.53 -4.31
CA SER D 161 63.71 20.18 -3.94
C SER D 161 62.84 19.05 -4.47
N LYS D 162 63.35 17.82 -4.45
CA LYS D 162 62.54 16.63 -4.79
C LYS D 162 61.42 16.50 -3.74
N GLU D 163 61.72 16.93 -2.51
CA GLU D 163 60.74 16.96 -1.40
C GLU D 163 59.52 17.83 -1.76
N ASP D 164 59.80 19.04 -2.22
CA ASP D 164 58.78 19.97 -2.68
C ASP D 164 58.01 19.41 -3.87
N SER D 165 58.71 18.77 -4.78
CA SER D 165 58.06 18.17 -5.93
C SER D 165 57.06 17.07 -5.54
N ILE D 166 57.44 16.27 -4.55
CA ILE D 166 56.63 15.14 -4.12
C ILE D 166 55.34 15.69 -3.48
N ALA D 167 55.53 16.62 -2.54
CA ALA D 167 54.42 17.28 -1.83
C ALA D 167 53.42 17.94 -2.79
N PHE D 168 53.97 18.76 -3.68
CA PHE D 168 53.15 19.51 -4.63
C PHE D 168 52.40 18.62 -5.60
N SER D 169 53.01 17.49 -5.94
CA SER D 169 52.35 16.53 -6.78
C SER D 169 51.04 16.02 -6.12
N ARG D 170 51.12 15.73 -4.83
CA ARG D 170 49.97 15.35 -4.02
C ARG D 170 48.90 16.46 -3.95
N PHE D 171 49.38 17.68 -3.75
CA PHE D 171 48.54 18.86 -3.78
C PHE D 171 47.74 19.04 -5.09
N LEU D 172 48.37 18.85 -6.25
CA LEU D 172 47.67 18.90 -7.53
C LEU D 172 46.60 17.82 -7.70
N GLU D 173 46.79 16.67 -7.08
CA GLU D 173 45.77 15.60 -7.17
C GLU D 173 44.58 15.98 -6.33
N PHE D 174 44.88 16.42 -5.11
CA PHE D 174 43.88 16.96 -4.19
C PHE D 174 43.03 18.06 -4.84
N THR D 175 43.69 18.90 -5.61
CA THR D 175 43.02 19.99 -6.29
C THR D 175 42.11 19.43 -7.36
N ASP D 176 42.63 18.55 -8.21
CA ASP D 176 41.79 17.91 -9.24
C ASP D 176 40.54 17.28 -8.67
N ASN D 177 40.71 16.65 -7.50
CA ASN D 177 39.61 15.95 -6.85
C ASN D 177 38.51 16.89 -6.41
N GLN D 178 38.91 18.02 -5.80
CA GLN D 178 37.95 19.05 -5.39
C GLN D 178 37.21 19.59 -6.61
N LEU D 179 37.95 19.83 -7.67
CA LEU D 179 37.35 20.37 -8.88
C LEU D 179 36.31 19.42 -9.54
N LYS D 180 36.68 18.14 -9.69
CA LYS D 180 35.77 17.09 -10.20
C LYS D 180 34.54 17.00 -9.33
N GLU D 181 34.76 17.06 -8.02
CA GLU D 181 33.69 17.05 -7.05
C GLU D 181 32.72 18.18 -7.29
N LEU D 182 33.24 19.39 -7.44
CA LEU D 182 32.39 20.54 -7.67
C LEU D 182 31.58 20.37 -8.95
N ALA D 183 32.25 19.91 -9.98
CA ALA D 183 31.64 19.82 -11.31
C ALA D 183 30.50 18.81 -11.41
N THR D 184 30.62 17.75 -10.60
CA THR D 184 29.64 16.66 -10.63
C THR D 184 28.59 16.85 -9.54
N ARG D 185 28.94 17.46 -8.42
CA ARG D 185 27.89 17.82 -7.44
C ARG D 185 26.98 18.91 -7.91
N TYR D 186 27.50 19.84 -8.69
CA TYR D 186 26.70 21.03 -9.04
C TYR D 186 26.78 21.27 -10.52
N PRO D 187 26.12 20.40 -11.31
CA PRO D 187 26.31 20.38 -12.76
C PRO D 187 25.69 21.56 -13.52
N THR D 188 24.89 22.42 -12.89
CA THR D 188 24.46 23.67 -13.56
C THR D 188 25.53 24.79 -13.62
N VAL D 189 26.70 24.56 -12.98
CA VAL D 189 27.80 25.53 -12.98
C VAL D 189 28.14 25.92 -14.41
N LYS D 190 28.34 27.22 -14.64
CA LYS D 190 28.63 27.73 -16.01
C LYS D 190 30.04 28.18 -16.25
N ASP D 191 30.84 28.29 -15.18
CA ASP D 191 32.17 28.85 -15.30
C ASP D 191 32.96 28.47 -14.07
N PHE D 192 34.27 28.29 -14.25
CA PHE D 192 35.24 28.24 -13.15
C PHE D 192 36.23 29.38 -13.30
N TRP D 193 36.38 30.16 -12.24
CA TRP D 193 37.22 31.37 -12.26
C TRP D 193 38.34 31.14 -11.23
N PHE D 194 39.49 30.77 -11.74
CA PHE D 194 40.63 30.43 -10.92
C PHE D 194 41.34 31.66 -10.44
N ASP D 195 41.81 31.60 -9.19
CA ASP D 195 42.60 32.64 -8.59
C ASP D 195 43.76 31.98 -7.86
N GLY D 196 44.72 32.78 -7.42
CA GLY D 196 45.83 32.28 -6.66
C GLY D 196 46.68 31.28 -7.44
N THR D 197 46.93 31.57 -8.70
CA THR D 197 47.71 30.69 -9.61
C THR D 197 49.03 31.30 -10.00
N TRP D 198 49.45 32.28 -9.22
CA TRP D 198 50.56 33.11 -9.64
C TRP D 198 51.91 32.61 -9.13
N ASP D 199 51.90 31.70 -8.15
CA ASP D 199 53.16 31.21 -7.59
C ASP D 199 53.99 30.42 -8.62
N ALA D 200 55.29 30.42 -8.41
CA ALA D 200 56.25 29.74 -9.30
C ALA D 200 55.96 28.25 -9.41
N SER D 201 55.46 27.68 -8.33
CA SER D 201 55.07 26.27 -8.35
C SER D 201 54.09 26.02 -9.48
N VAL D 202 53.11 26.91 -9.64
CA VAL D 202 52.09 26.71 -10.67
C VAL D 202 52.66 27.04 -12.04
N LYS D 203 53.40 28.12 -12.10
CA LYS D 203 54.01 28.57 -13.34
C LYS D 203 54.88 27.45 -13.95
N LYS D 204 55.57 26.68 -13.11
CA LYS D 204 56.42 25.62 -13.58
C LYS D 204 55.63 24.42 -14.01
N ASN D 205 54.33 24.42 -13.82
CA ASN D 205 53.50 23.26 -14.10
C ASN D 205 52.33 23.55 -15.02
N GLY D 206 52.64 24.16 -16.15
CA GLY D 206 51.65 24.57 -17.13
C GLY D 206 50.75 23.45 -17.60
N TRP D 207 51.38 22.29 -17.84
CA TRP D 207 50.63 21.08 -18.25
C TRP D 207 49.40 20.90 -17.33
N TRP D 208 49.57 21.14 -16.03
CA TRP D 208 48.46 20.92 -15.10
C TRP D 208 47.29 21.88 -15.40
N THR D 209 47.63 23.13 -15.71
CA THR D 209 46.63 24.16 -15.94
C THR D 209 45.81 23.81 -17.17
N ALA D 210 46.46 23.35 -18.23
CA ALA D 210 45.76 22.91 -19.46
C ALA D 210 44.93 21.67 -19.19
N HIS D 211 45.46 20.79 -18.34
CA HIS D 211 44.77 19.56 -17.97
C HIS D 211 43.47 19.87 -17.18
N ALA D 212 43.56 20.83 -16.27
CA ALA D 212 42.40 21.25 -15.47
C ALA D 212 41.29 21.81 -16.36
N GLU D 213 41.69 22.57 -17.36
CA GLU D 213 40.74 23.15 -18.30
C GLU D 213 40.02 22.06 -19.05
N GLN D 214 40.79 21.15 -19.65
CA GLN D 214 40.25 20.00 -20.40
C GLN D 214 39.36 19.13 -19.54
N MET D 215 39.86 18.78 -18.37
CA MET D 215 39.13 17.93 -17.42
C MET D 215 37.75 18.52 -17.14
N LEU D 216 37.68 19.81 -16.83
CA LEU D 216 36.40 20.41 -16.50
C LEU D 216 35.46 20.51 -17.68
N LYS D 217 36.01 20.74 -18.87
CA LYS D 217 35.15 20.88 -20.05
C LYS D 217 34.52 19.56 -20.44
N GLU D 218 35.23 18.46 -20.18
CA GLU D 218 34.68 17.11 -20.36
C GLU D 218 33.55 16.84 -19.41
N LEU D 219 33.67 17.32 -18.18
CA LEU D 219 32.63 17.12 -17.19
C LEU D 219 31.43 18.02 -17.33
N VAL D 220 31.64 19.25 -17.80
CA VAL D 220 30.55 20.25 -17.84
C VAL D 220 30.48 20.86 -19.24
N PRO D 221 29.55 20.39 -20.06
CA PRO D 221 29.41 20.89 -21.41
C PRO D 221 29.17 22.39 -21.47
N GLY D 222 30.03 23.10 -22.18
CA GLY D 222 29.84 24.55 -22.37
C GLY D 222 30.36 25.43 -21.28
N VAL D 223 31.02 24.82 -20.31
CA VAL D 223 31.58 25.56 -19.21
C VAL D 223 32.67 26.49 -19.74
N ALA D 224 32.78 27.64 -19.07
CA ALA D 224 33.79 28.61 -19.39
C ALA D 224 34.88 28.54 -18.36
N ILE D 225 36.09 28.86 -18.77
CA ILE D 225 37.25 28.79 -17.91
C ILE D 225 38.10 30.06 -18.09
N ASN D 226 38.45 30.75 -16.99
CA ASN D 226 39.19 32.03 -17.10
C ASN D 226 40.66 31.86 -17.49
N SER D 227 41.23 32.94 -18.05
CA SER D 227 42.62 32.95 -18.50
C SER D 227 43.59 32.85 -17.32
N ARG D 228 43.14 33.31 -16.15
CA ARG D 228 43.99 33.34 -14.95
C ARG D 228 44.50 31.94 -14.50
N LEU D 229 43.77 30.90 -14.87
CA LEU D 229 44.20 29.53 -14.59
C LEU D 229 45.51 29.19 -15.26
N ARG D 230 45.65 29.71 -16.48
CA ARG D 230 46.51 29.10 -17.46
C ARG D 230 47.91 29.62 -17.52
N ALA D 231 48.84 28.66 -17.59
CA ALA D 231 50.27 28.88 -17.95
C ALA D 231 50.65 27.93 -19.08
N ASP D 232 51.58 28.35 -19.94
CA ASP D 232 52.04 27.47 -21.00
C ASP D 232 53.29 26.69 -20.57
N ASP D 233 53.79 25.89 -21.50
CA ASP D 233 55.05 25.15 -21.39
C ASP D 233 56.18 25.98 -20.76
N LYS D 234 56.25 27.26 -21.07
CA LYS D 234 57.35 28.12 -20.61
C LYS D 234 57.06 28.87 -19.32
N GLY D 235 55.85 28.76 -18.78
CA GLY D 235 55.44 29.56 -17.63
C GLY D 235 54.85 30.95 -17.95
N LYS D 236 54.63 31.28 -19.23
CA LYS D 236 53.89 32.53 -19.59
C LYS D 236 52.43 32.35 -19.16
N ARG D 237 51.88 33.31 -18.40
CA ARG D 237 50.50 33.25 -17.88
C ARG D 237 49.46 34.09 -18.68
N HIS D 238 48.19 33.70 -18.67
CA HIS D 238 47.09 34.37 -19.39
C HIS D 238 47.15 34.25 -20.93
N PHE D 239 48.19 34.83 -21.52
CA PHE D 239 48.46 34.70 -22.93
C PHE D 239 49.74 33.88 -23.05
N ASP D 240 49.75 32.97 -24.01
CA ASP D 240 50.88 32.05 -24.16
C ASP D 240 52.09 32.71 -24.86
N SER D 241 53.14 31.93 -25.05
CA SER D 241 54.41 32.44 -25.65
C SER D 241 54.24 32.98 -27.07
N ASN D 242 53.23 32.54 -27.79
CA ASN D 242 52.88 33.13 -29.09
C ASN D 242 51.82 34.24 -28.99
N GLY D 243 51.63 34.78 -27.80
CA GLY D 243 50.67 35.84 -27.58
C GLY D 243 49.20 35.45 -27.74
N ARG D 244 48.87 34.17 -27.76
CA ARG D 244 47.50 33.76 -27.89
C ARG D 244 46.83 33.63 -26.49
N LEU D 245 45.58 34.06 -26.42
CA LEU D 245 44.82 33.99 -25.17
C LEU D 245 44.48 32.54 -24.77
N MET D 246 44.83 32.17 -23.53
CA MET D 246 44.47 30.85 -22.99
C MET D 246 43.19 30.94 -22.21
N GLY D 247 42.48 29.83 -22.12
CA GLY D 247 41.16 29.86 -21.55
C GLY D 247 40.17 30.55 -22.49
N ASP D 248 38.97 30.76 -22.00
CA ASP D 248 37.88 31.21 -22.84
C ASP D 248 37.68 32.73 -22.82
N TYR D 249 38.29 33.40 -21.84
CA TYR D 249 38.15 34.83 -21.67
C TYR D 249 39.27 35.39 -20.81
N GLU D 250 39.61 36.64 -21.08
CA GLU D 250 40.68 37.34 -20.35
C GLU D 250 40.13 37.87 -19.01
N SER D 251 40.93 37.71 -17.96
CA SER D 251 40.47 37.92 -16.60
C SER D 251 41.45 38.70 -15.75
N GLY D 252 42.24 39.56 -16.34
CA GLY D 252 43.19 40.35 -15.56
C GLY D 252 42.70 41.67 -15.01
N TYR D 253 41.58 42.20 -15.49
CA TYR D 253 41.22 43.57 -15.12
C TYR D 253 40.48 43.52 -13.82
N GLU D 254 41.24 43.60 -12.74
CA GLU D 254 40.74 43.49 -11.38
C GLU D 254 40.98 44.86 -10.70
N ARG D 255 39.90 45.55 -10.35
CA ARG D 255 39.94 46.90 -9.81
C ARG D 255 40.61 47.93 -10.76
N ARG D 256 40.62 47.65 -12.07
CA ARG D 256 41.05 48.62 -13.08
C ARG D 256 40.49 48.15 -14.42
N LEU D 257 40.55 49.04 -15.42
CA LEU D 257 39.87 48.81 -16.68
C LEU D 257 40.71 49.32 -17.83
N PRO D 258 40.52 48.74 -19.01
CA PRO D 258 41.35 49.17 -20.14
C PRO D 258 41.03 50.58 -20.58
N ASP D 259 42.03 51.29 -21.09
CA ASP D 259 41.86 52.66 -21.53
C ASP D 259 41.00 52.68 -22.79
N PRO D 260 39.92 53.50 -22.80
CA PRO D 260 39.01 53.53 -23.95
C PRO D 260 39.60 53.97 -25.29
N VAL D 261 40.79 54.58 -25.25
CA VAL D 261 41.47 55.01 -26.47
C VAL D 261 42.66 54.12 -26.81
N LYS D 262 43.42 53.72 -25.81
CA LYS D 262 44.66 53.03 -26.05
C LYS D 262 44.58 51.51 -26.04
N ASP D 263 43.54 50.96 -25.43
CA ASP D 263 43.47 49.53 -25.20
C ASP D 263 42.38 48.88 -25.96
N LEU D 264 42.17 49.35 -27.20
CA LEU D 264 41.17 48.76 -28.06
C LEU D 264 41.43 47.29 -28.41
N LYS D 265 42.64 46.83 -28.21
CA LYS D 265 42.96 45.44 -28.52
C LYS D 265 42.04 44.47 -27.78
N VAL D 266 41.44 44.90 -26.67
CA VAL D 266 40.62 43.99 -25.87
C VAL D 266 39.32 43.60 -26.57
N THR D 267 38.96 44.32 -27.62
CA THR D 267 37.69 44.05 -28.24
C THR D 267 37.79 42.79 -29.09
N GLN D 268 39.00 42.27 -29.25
CA GLN D 268 39.25 41.05 -30.01
C GLN D 268 39.00 39.75 -29.26
N TRP D 269 38.87 39.79 -27.96
CA TRP D 269 38.55 38.60 -27.22
C TRP D 269 37.48 38.91 -26.19
N ASP D 270 36.86 37.86 -25.71
CA ASP D 270 35.97 37.96 -24.56
C ASP D 270 36.78 38.24 -23.31
N TRP D 271 36.20 39.02 -22.40
CA TRP D 271 36.88 39.39 -21.17
C TRP D 271 35.92 39.80 -20.12
N GLU D 272 36.35 39.66 -18.88
CA GLU D 272 35.53 40.04 -17.75
C GLU D 272 36.36 40.77 -16.74
N ALA D 273 35.84 41.89 -16.28
CA ALA D 273 36.44 42.66 -15.21
C ALA D 273 35.69 42.43 -13.90
N CYS D 274 36.39 42.60 -12.78
CA CYS D 274 35.76 42.60 -11.47
C CYS D 274 36.21 43.83 -10.66
N MET D 275 35.42 44.23 -9.67
CA MET D 275 35.70 45.43 -8.92
C MET D 275 35.16 45.33 -7.52
N THR D 276 35.71 46.15 -6.64
CA THR D 276 35.24 46.24 -5.26
C THR D 276 34.54 47.58 -5.07
N ILE D 277 33.72 47.69 -4.03
CA ILE D 277 33.04 48.95 -3.74
C ILE D 277 33.98 49.93 -3.01
N PRO D 278 34.63 49.50 -1.93
CA PRO D 278 35.77 50.24 -1.44
C PRO D 278 36.97 50.04 -2.30
N GLU D 279 38.08 50.64 -1.91
CA GLU D 279 39.24 50.59 -2.73
C GLU D 279 39.78 49.19 -2.91
N ASN D 280 39.92 48.46 -1.80
CA ASN D 280 40.37 47.08 -1.85
C ASN D 280 39.91 46.24 -0.66
N GLN D 281 38.63 45.85 -0.68
CA GLN D 281 38.06 44.92 0.29
C GLN D 281 37.08 43.98 -0.46
N TRP D 282 37.36 42.68 -0.44
CA TRP D 282 36.52 41.70 -1.12
C TRP D 282 35.68 40.95 -0.09
N GLY D 283 36.36 40.36 0.89
CA GLY D 283 35.66 39.88 2.08
C GLY D 283 35.16 41.03 2.96
N TYR D 284 34.22 40.71 3.84
CA TYR D 284 33.68 41.64 4.80
C TYR D 284 34.74 42.28 5.72
N HIS D 285 34.78 43.61 5.72
CA HIS D 285 35.61 44.37 6.63
C HIS D 285 34.71 45.29 7.42
N LYS D 286 34.91 45.31 8.73
CA LYS D 286 33.98 46.00 9.63
C LYS D 286 34.02 47.53 9.53
N ASP D 287 35.11 48.07 9.04
CA ASP D 287 35.28 49.53 8.93
C ASP D 287 35.59 50.07 7.51
N TRP D 288 34.54 50.46 6.79
CA TRP D 288 34.67 51.00 5.45
C TRP D 288 35.09 52.49 5.39
N SER D 289 35.21 53.12 6.56
CA SER D 289 35.72 54.49 6.60
C SER D 289 37.23 54.56 6.35
N LEU D 290 37.92 53.43 6.22
CA LEU D 290 39.38 53.49 6.06
C LEU D 290 39.89 53.78 4.64
N SER D 291 39.03 53.66 3.62
CA SER D 291 39.42 53.92 2.24
C SER D 291 38.23 54.46 1.54
N TYR D 292 38.45 54.94 0.32
CA TYR D 292 37.36 55.53 -0.47
C TYR D 292 36.33 54.48 -0.88
N VAL D 293 35.07 54.82 -0.70
CA VAL D 293 33.93 54.00 -1.08
C VAL D 293 33.19 54.59 -2.28
N LYS D 294 33.03 53.80 -3.35
CA LYS D 294 32.50 54.32 -4.58
C LYS D 294 31.01 54.56 -4.46
N THR D 295 30.53 55.55 -5.18
CA THR D 295 29.12 55.86 -5.22
C THR D 295 28.51 55.04 -6.33
N PRO D 296 27.16 54.95 -6.34
CA PRO D 296 26.51 54.16 -7.37
C PRO D 296 26.85 54.57 -8.81
N ILE D 297 26.89 55.87 -9.05
CA ILE D 297 27.22 56.35 -10.37
C ILE D 297 28.65 55.99 -10.77
N GLU D 298 29.58 56.04 -9.84
CA GLU D 298 30.93 55.61 -10.13
C GLU D 298 31.01 54.14 -10.52
N VAL D 299 30.16 53.31 -9.91
CA VAL D 299 30.09 51.89 -10.22
C VAL D 299 29.43 51.67 -11.56
N ILE D 300 28.30 52.35 -11.77
CA ILE D 300 27.60 52.30 -13.05
C ILE D 300 28.49 52.73 -14.24
N ASP D 301 29.27 53.76 -14.04
CA ASP D 301 30.25 54.19 -15.03
C ASP D 301 31.19 53.04 -15.42
N ARG D 302 31.73 52.34 -14.44
CA ARG D 302 32.63 51.25 -14.71
C ARG D 302 31.93 50.09 -15.41
N ILE D 303 30.71 49.81 -15.00
CA ILE D 303 29.93 48.78 -15.68
C ILE D 303 29.80 49.08 -17.18
N VAL D 304 29.37 50.29 -17.50
CA VAL D 304 29.14 50.67 -18.90
C VAL D 304 30.46 50.76 -19.66
N HIS D 305 31.51 51.27 -19.01
CA HIS D 305 32.86 51.30 -19.57
C HIS D 305 33.23 49.89 -20.06
N ALA D 306 33.08 48.87 -19.19
CA ALA D 306 33.39 47.51 -19.60
C ALA D 306 32.65 47.03 -20.83
N VAL D 307 31.32 47.18 -20.80
CA VAL D 307 30.48 46.74 -21.92
C VAL D 307 30.84 47.49 -23.21
N SER D 308 31.13 48.80 -23.09
CA SER D 308 31.49 49.61 -24.26
C SER D 308 32.73 49.09 -24.93
N MET D 309 33.56 48.37 -24.18
CA MET D 309 34.78 47.78 -24.75
C MET D 309 34.69 46.28 -24.91
N GLY D 310 33.45 45.77 -24.94
CA GLY D 310 33.23 44.35 -25.23
C GLY D 310 33.51 43.40 -24.08
N GLY D 311 33.37 43.87 -22.85
CA GLY D 311 33.59 42.99 -21.69
C GLY D 311 32.46 42.96 -20.69
N ASN D 312 32.51 41.98 -19.79
CA ASN D 312 31.60 41.91 -18.67
C ASN D 312 32.16 42.64 -17.44
N MET D 313 31.27 43.00 -16.51
CA MET D 313 31.67 43.54 -15.24
C MET D 313 30.97 42.83 -14.07
N VAL D 314 31.76 42.48 -13.06
CA VAL D 314 31.27 41.81 -11.86
C VAL D 314 31.58 42.66 -10.66
N VAL D 315 30.50 43.08 -9.98
CA VAL D 315 30.59 43.91 -8.79
C VAL D 315 30.55 43.04 -7.53
N ASN D 316 31.52 43.23 -6.65
CA ASN D 316 31.67 42.38 -5.48
C ASN D 316 30.91 42.81 -4.22
N PHE D 317 30.47 41.78 -3.50
CA PHE D 317 29.82 41.91 -2.20
C PHE D 317 30.53 40.96 -1.21
N GLY D 318 30.73 41.44 0.01
CA GLY D 318 31.35 40.67 1.10
C GLY D 318 30.34 40.55 2.25
N PRO D 319 29.49 39.50 2.20
CA PRO D 319 28.46 39.30 3.23
C PRO D 319 28.98 39.21 4.66
N GLN D 320 28.12 39.62 5.59
CA GLN D 320 28.44 39.56 7.02
C GLN D 320 28.51 38.12 7.52
N ALA D 321 29.16 37.96 8.67
CA ALA D 321 29.31 36.66 9.30
C ALA D 321 27.95 36.05 9.56
N ASP D 322 26.97 36.88 9.89
CA ASP D 322 25.63 36.37 10.19
C ASP D 322 24.82 35.93 8.95
N GLY D 323 25.34 36.16 7.74
CA GLY D 323 24.65 35.72 6.52
C GLY D 323 23.75 36.78 5.91
N ASP D 324 23.83 37.99 6.43
CA ASP D 324 23.11 39.14 5.87
C ASP D 324 24.13 40.12 5.21
N PHE D 325 23.60 41.09 4.45
CA PHE D 325 24.43 42.11 3.82
C PHE D 325 24.35 43.44 4.54
N ARG D 326 25.50 44.09 4.70
CA ARG D 326 25.59 45.39 5.32
C ARG D 326 24.73 46.43 4.57
N PRO D 327 24.36 47.53 5.24
CA PRO D 327 23.45 48.52 4.63
C PRO D 327 23.99 49.15 3.33
N GLU D 328 25.27 49.45 3.31
CA GLU D 328 25.90 50.04 2.15
C GLU D 328 25.72 49.16 0.92
N GLU D 329 25.79 47.83 1.10
CA GLU D 329 25.69 46.93 -0.02
C GLU D 329 24.26 46.82 -0.51
N LYS D 330 23.32 46.81 0.40
CA LYS D 330 21.93 46.80 0.00
C LYS D 330 21.58 48.07 -0.78
N ALA D 331 22.06 49.21 -0.32
CA ALA D 331 21.77 50.47 -1.02
C ALA D 331 22.38 50.47 -2.44
N MET D 332 23.61 49.97 -2.55
CA MET D 332 24.28 49.87 -3.81
C MET D 332 23.51 49.01 -4.78
N ALA D 333 23.13 47.82 -4.35
CA ALA D 333 22.42 46.93 -5.24
C ALA D 333 21.11 47.55 -5.71
N THR D 334 20.40 48.16 -4.79
CA THR D 334 19.11 48.78 -5.12
C THR D 334 19.30 49.94 -6.12
N ALA D 335 20.31 50.79 -5.88
CA ALA D 335 20.59 51.91 -6.79
C ALA D 335 20.96 51.42 -8.20
N ILE D 336 21.86 50.43 -8.28
CA ILE D 336 22.24 49.89 -9.57
C ILE D 336 20.99 49.33 -10.25
N GLY D 337 20.20 48.57 -9.49
CA GLY D 337 18.94 48.00 -9.99
C GLY D 337 17.96 49.02 -10.58
N LYS D 338 17.77 50.14 -9.91
CA LYS D 338 16.85 51.18 -10.43
C LYS D 338 17.38 51.72 -11.78
N TRP D 339 18.69 51.94 -11.87
CA TRP D 339 19.26 52.46 -13.11
C TRP D 339 19.19 51.43 -14.22
N MET D 340 19.58 50.17 -13.93
CA MET D 340 19.54 49.11 -14.97
C MET D 340 18.12 48.86 -15.46
N ASN D 341 17.17 49.00 -14.57
CA ASN D 341 15.78 48.77 -14.97
C ASN D 341 15.35 49.81 -15.99
N ARG D 342 15.87 51.02 -15.86
CA ARG D 342 15.56 52.08 -16.80
C ARG D 342 16.44 52.03 -18.08
N TYR D 343 17.74 51.74 -17.94
CA TYR D 343 18.66 51.93 -19.03
C TYR D 343 19.36 50.65 -19.53
N GLY D 344 19.02 49.52 -18.95
CA GLY D 344 19.71 48.26 -19.25
C GLY D 344 19.63 47.75 -20.66
N LYS D 345 18.72 48.27 -21.47
CA LYS D 345 18.76 47.91 -22.92
C LYS D 345 20.12 48.28 -23.56
N ALA D 346 20.82 49.25 -23.00
CA ALA D 346 22.14 49.64 -23.50
C ALA D 346 23.30 48.82 -22.92
N VAL D 347 22.99 47.90 -22.01
CA VAL D 347 24.01 47.12 -21.31
C VAL D 347 23.88 45.64 -21.67
N TYR D 348 22.72 45.06 -21.37
CA TYR D 348 22.53 43.63 -21.58
C TYR D 348 22.65 43.30 -23.04
N ALA D 349 23.39 42.24 -23.34
CA ALA D 349 23.54 41.78 -24.72
C ALA D 349 24.07 42.84 -25.64
N CYS D 350 24.80 43.81 -25.10
CA CYS D 350 25.42 44.82 -25.96
C CYS D 350 26.94 44.54 -26.12
N ASP D 351 27.60 45.31 -26.99
CA ASP D 351 29.02 45.14 -27.25
C ASP D 351 29.69 46.47 -27.72
N TYR D 352 31.00 46.39 -27.99
CA TYR D 352 31.76 47.45 -28.62
C TYR D 352 31.08 47.99 -29.91
N ALA D 353 31.02 49.31 -30.05
CA ALA D 353 30.33 49.91 -31.19
C ALA D 353 31.25 50.32 -32.34
N GLY D 354 32.58 50.28 -32.17
CA GLY D 354 33.48 50.72 -33.25
C GLY D 354 33.52 52.23 -33.54
N PHE D 355 33.00 53.07 -32.66
CA PHE D 355 33.09 54.55 -32.77
C PHE D 355 34.21 55.12 -31.91
N GLU D 356 34.82 56.20 -32.37
CA GLU D 356 35.81 56.93 -31.58
CA GLU D 356 35.83 56.96 -31.60
C GLU D 356 35.20 57.49 -30.32
N LYS D 357 35.89 57.29 -29.21
CA LYS D 357 35.51 57.71 -27.86
C LYS D 357 35.29 59.23 -27.72
N GLN D 358 34.21 59.63 -27.12
CA GLN D 358 33.92 61.03 -26.89
C GLN D 358 33.84 61.28 -25.36
N ASP D 359 33.99 62.54 -24.96
CA ASP D 359 34.09 62.92 -23.56
C ASP D 359 32.79 62.85 -22.76
N TRP D 360 31.64 62.81 -23.40
CA TRP D 360 30.36 62.76 -22.71
C TRP D 360 30.03 61.40 -22.09
N GLY D 361 30.72 60.35 -22.53
CA GLY D 361 30.45 59.02 -22.04
C GLY D 361 30.82 57.90 -23.02
N TYR D 362 29.96 56.90 -23.09
CA TYR D 362 30.31 55.69 -23.82
C TYR D 362 29.26 55.33 -24.83
N TYR D 363 29.69 54.75 -25.94
CA TYR D 363 28.79 54.06 -26.84
C TYR D 363 28.69 52.54 -26.53
N THR D 364 27.51 51.96 -26.73
CA THR D 364 27.39 50.52 -26.82
C THR D 364 26.55 50.17 -28.03
N ARG D 365 26.72 48.94 -28.51
CA ARG D 365 26.03 48.49 -29.67
C ARG D 365 25.11 47.34 -29.32
N GLY D 366 23.84 47.45 -29.75
CA GLY D 366 22.85 46.39 -29.59
C GLY D 366 22.93 45.28 -30.62
N LYS D 367 22.08 44.28 -30.42
CA LYS D 367 22.06 43.11 -31.31
C LYS D 367 21.55 43.40 -32.72
N ASN D 368 20.73 44.42 -32.87
CA ASN D 368 20.25 44.81 -34.17
C ASN D 368 20.81 46.15 -34.59
N ASP D 369 22.10 46.36 -34.35
CA ASP D 369 22.77 47.58 -34.78
C ASP D 369 22.22 48.87 -34.21
N GLU D 370 21.53 48.79 -33.09
CA GLU D 370 21.26 49.99 -32.33
C GLU D 370 22.58 50.51 -31.77
N VAL D 371 22.76 51.85 -31.74
CA VAL D 371 23.94 52.46 -31.14
C VAL D 371 23.52 53.38 -30.01
N TYR D 372 23.92 53.04 -28.79
CA TYR D 372 23.45 53.73 -27.65
C TYR D 372 24.52 54.69 -27.18
N MET D 373 24.12 55.91 -26.86
CA MET D 373 25.02 56.87 -26.28
C MET D 373 24.65 56.92 -24.80
N VAL D 374 25.60 56.55 -23.95
CA VAL D 374 25.36 56.61 -22.50
C VAL D 374 26.14 57.77 -21.93
N VAL D 375 25.39 58.76 -21.48
CA VAL D 375 25.94 60.05 -21.15
C VAL D 375 26.17 60.21 -19.69
N PHE D 376 27.44 60.40 -19.32
CA PHE D 376 27.83 60.60 -17.93
C PHE D 376 28.27 62.04 -17.57
N ASN D 377 28.70 62.78 -18.60
CA ASN D 377 29.27 64.11 -18.44
C ASN D 377 28.56 65.05 -19.41
N GLN D 378 27.76 65.94 -18.84
CA GLN D 378 26.81 66.74 -19.60
C GLN D 378 27.51 68.03 -20.11
N PRO D 379 27.61 68.19 -21.43
CA PRO D 379 28.32 69.38 -21.94
C PRO D 379 27.53 70.66 -21.80
N TYR D 380 28.17 71.71 -21.31
CA TYR D 380 27.53 73.05 -21.27
C TYR D 380 27.18 73.56 -22.66
N SER D 381 27.88 73.08 -23.68
CA SER D 381 27.55 73.39 -25.06
C SER D 381 26.17 72.92 -25.48
N GLU D 382 25.61 71.98 -24.73
CA GLU D 382 24.34 71.36 -25.02
C GLU D 382 24.37 70.53 -26.27
N ARG D 383 25.57 70.13 -26.66
CA ARG D 383 25.76 69.38 -27.90
C ARG D 383 26.71 68.22 -27.65
N LEU D 384 26.29 67.05 -28.11
CA LEU D 384 27.01 65.82 -27.86
C LEU D 384 27.65 65.40 -29.15
N ILE D 385 28.97 65.42 -29.19
CA ILE D 385 29.69 65.22 -30.42
C ILE D 385 29.68 63.75 -30.76
N VAL D 386 29.34 63.45 -32.01
CA VAL D 386 29.36 62.09 -32.52
C VAL D 386 30.11 62.07 -33.82
N LYS D 387 31.28 61.45 -33.77
CA LYS D 387 32.08 61.23 -34.94
C LYS D 387 31.90 59.78 -35.42
N THR D 388 31.39 59.60 -36.65
CA THR D 388 31.03 58.30 -37.18
C THR D 388 32.18 57.69 -37.89
N PRO D 389 32.24 56.36 -37.94
CA PRO D 389 33.23 55.78 -38.86
C PRO D 389 32.85 56.02 -40.31
N LYS D 390 33.80 55.69 -41.18
CA LYS D 390 33.66 55.79 -42.61
C LYS D 390 32.48 54.98 -43.10
N GLY D 391 31.62 55.62 -43.88
CA GLY D 391 30.43 54.99 -44.41
C GLY D 391 29.19 55.01 -43.55
N ILE D 392 29.29 55.51 -42.32
CA ILE D 392 28.17 55.43 -41.43
C ILE D 392 27.54 56.79 -41.28
N THR D 393 26.22 56.85 -41.38
CA THR D 393 25.47 58.06 -41.10
C THR D 393 24.53 57.83 -39.95
N VAL D 394 24.07 58.92 -39.35
CA VAL D 394 23.14 58.88 -38.25
C VAL D 394 21.80 59.40 -38.76
N GLU D 395 20.75 58.58 -38.75
CA GLU D 395 19.45 58.95 -39.32
C GLU D 395 18.52 59.48 -38.29
N LYS D 396 18.68 59.08 -37.05
CA LYS D 396 17.74 59.49 -36.03
C LYS D 396 18.40 59.35 -34.67
N ALA D 397 17.98 60.20 -33.75
CA ALA D 397 18.30 60.05 -32.33
C ALA D 397 17.05 60.15 -31.49
N THR D 398 16.97 59.28 -30.48
CA THR D 398 15.80 59.15 -29.61
C THR D 398 16.22 59.02 -28.17
N LEU D 399 15.57 59.76 -27.28
CA LEU D 399 15.76 59.56 -25.86
C LEU D 399 15.11 58.24 -25.43
N LEU D 400 15.92 57.37 -24.84
CA LEU D 400 15.48 55.99 -24.59
C LEU D 400 14.28 55.93 -23.69
N THR D 401 14.27 56.68 -22.61
CA THR D 401 13.19 56.59 -21.66
C THR D 401 11.86 57.06 -22.25
N THR D 402 11.86 58.21 -22.91
CA THR D 402 10.59 58.79 -23.35
C THR D 402 10.20 58.51 -24.78
N GLY D 403 11.11 58.10 -25.64
CA GLY D 403 10.83 58.01 -27.08
C GLY D 403 10.91 59.36 -27.80
N GLU D 404 11.13 60.46 -27.10
CA GLU D 404 11.15 61.75 -27.77
C GLU D 404 12.31 61.86 -28.76
N ASP D 405 12.07 62.56 -29.84
CA ASP D 405 13.05 62.75 -30.91
C ASP D 405 14.06 63.82 -30.48
N ILE D 406 15.31 63.60 -30.86
CA ILE D 406 16.45 64.46 -30.47
C ILE D 406 17.11 64.99 -31.75
N THR D 407 17.29 66.29 -31.81
CA THR D 407 17.88 66.88 -33.00
C THR D 407 19.31 66.40 -33.27
N VAL D 408 19.60 66.06 -34.52
CA VAL D 408 20.92 65.72 -34.97
C VAL D 408 21.34 66.73 -36.05
N VAL D 409 22.48 67.39 -35.88
CA VAL D 409 22.94 68.37 -36.83
C VAL D 409 24.32 67.94 -37.37
N GLU D 410 24.47 67.91 -38.68
CA GLU D 410 25.73 67.54 -39.28
C GLU D 410 26.65 68.74 -39.18
N THR D 411 27.88 68.54 -38.70
CA THR D 411 28.80 69.63 -38.55
C THR D 411 29.90 69.58 -39.56
N THR D 412 30.33 68.39 -39.90
CA THR D 412 31.42 68.20 -40.82
C THR D 412 31.18 66.79 -41.48
N ARG D 413 32.02 66.41 -42.44
CA ARG D 413 32.00 65.03 -43.00
C ARG D 413 32.26 64.11 -41.80
N ASN D 414 31.40 63.14 -41.60
CA ASN D 414 31.58 62.21 -40.49
C ASN D 414 31.48 62.75 -39.07
N GLU D 415 30.83 63.90 -38.88
CA GLU D 415 30.58 64.35 -37.52
C GLU D 415 29.26 65.09 -37.33
N TYR D 416 28.62 64.86 -36.19
CA TYR D 416 27.36 65.46 -35.86
C TYR D 416 27.36 66.03 -34.48
N ASN D 417 26.46 66.97 -34.22
CA ASN D 417 26.14 67.39 -32.88
C ASN D 417 24.77 66.80 -32.59
N VAL D 418 24.68 65.92 -31.59
CA VAL D 418 23.38 65.41 -31.10
C VAL D 418 22.99 66.26 -29.92
N SER D 419 21.80 66.85 -29.93
CA SER D 419 21.41 67.76 -28.87
C SER D 419 21.17 67.02 -27.61
N VAL D 420 21.39 67.68 -26.49
CA VAL D 420 20.97 67.13 -25.21
C VAL D 420 19.44 67.22 -25.18
N PRO D 421 18.79 66.43 -24.33
CA PRO D 421 17.35 66.52 -24.16
C PRO D 421 16.92 67.88 -23.68
N LYS D 422 15.69 68.28 -24.05
CA LYS D 422 15.12 69.61 -23.68
C LYS D 422 15.12 69.72 -22.17
N LYS D 423 14.74 68.66 -21.46
CA LYS D 423 14.82 68.61 -19.98
C LYS D 423 16.03 67.78 -19.55
N ASN D 424 16.89 68.33 -18.71
CA ASN D 424 18.04 67.60 -18.24
C ASN D 424 17.63 66.37 -17.44
N PRO D 425 18.03 65.16 -17.87
CA PRO D 425 17.55 64.00 -17.13
C PRO D 425 18.01 63.88 -15.67
N GLY D 426 19.05 64.60 -15.27
CA GLY D 426 19.47 64.60 -13.88
C GLY D 426 20.22 63.36 -13.43
N GLU D 427 20.56 62.48 -14.37
CA GLU D 427 21.31 61.27 -14.08
C GLU D 427 21.93 60.78 -15.37
N PRO D 428 22.90 59.86 -15.29
CA PRO D 428 23.41 59.34 -16.55
C PRO D 428 22.32 58.77 -17.38
N TYR D 429 22.30 59.07 -18.67
CA TYR D 429 21.12 58.73 -19.49
C TYR D 429 21.50 58.18 -20.85
N VAL D 430 20.51 57.70 -21.57
CA VAL D 430 20.79 57.10 -22.87
C VAL D 430 20.02 57.74 -24.00
N ILE D 431 20.73 58.01 -25.07
CA ILE D 431 20.15 58.35 -26.35
C ILE D 431 20.47 57.24 -27.34
N GLN D 432 19.44 56.77 -28.04
CA GLN D 432 19.59 55.71 -28.98
C GLN D 432 19.64 56.27 -30.38
N LEU D 433 20.59 55.80 -31.14
CA LEU D 433 20.79 56.24 -32.49
C LEU D 433 20.37 55.16 -33.46
N LYS D 434 19.79 55.58 -34.58
CA LYS D 434 19.63 54.75 -35.73
C LYS D 434 20.68 55.17 -36.70
N VAL D 435 21.48 54.23 -37.14
CA VAL D 435 22.56 54.47 -38.09
C VAL D 435 22.38 53.64 -39.36
N ARG D 436 23.02 54.08 -40.45
CA ARG D 436 22.96 53.39 -41.75
C ARG D 436 24.36 53.33 -42.36
N ALA D 437 24.68 52.23 -43.03
CA ALA D 437 25.88 52.14 -43.83
C ALA D 437 25.50 52.24 -45.30
S SO4 E . -34.56 -34.13 46.56
O1 SO4 E . -33.98 -32.81 46.88
O2 SO4 E . -33.59 -34.96 45.80
O3 SO4 E . -34.82 -34.77 47.86
O4 SO4 E . -35.84 -33.95 45.79
S SO4 F . -43.25 -16.53 40.31
O1 SO4 F . -42.86 -15.10 40.40
O2 SO4 F . -42.29 -17.28 39.45
O3 SO4 F . -43.27 -17.10 41.68
O4 SO4 F . -44.62 -16.62 39.74
N1 IMD G . -24.93 -32.34 20.27
C2 IMD G . -25.26 -31.32 19.41
N3 IMD G . -24.29 -30.37 19.43
C4 IMD G . -23.37 -30.82 20.32
C5 IMD G . -23.75 -32.04 20.86
CAG H76 H . -41.66 -32.08 31.74
CAF H76 H . -40.97 -31.80 31.04
CAD H76 H . -39.99 -31.33 29.97
NAE H76 H . -40.19 -32.12 28.74
CAA H76 H . -38.86 -32.68 28.41
CAH H76 H . -38.58 -32.85 26.89
CAB H76 H . -37.91 -31.68 29.04
OAI H76 H . -37.99 -30.42 28.36
CAC H76 H . -38.52 -31.62 30.39
OAJ H76 H . -37.87 -30.63 31.20
S SO4 I . -32.18 -12.75 -22.54
O1 SO4 I . -33.17 -12.32 -21.51
O2 SO4 I . -32.04 -11.67 -23.56
O3 SO4 I . -30.88 -12.98 -21.86
O4 SO4 I . -32.57 -14.01 -23.22
N1 IMD J . -11.37 -3.64 0.24
C2 IMD J . -10.27 -3.52 -0.55
N3 IMD J . -10.24 -2.28 -1.15
C4 IMD J . -11.33 -1.59 -0.73
C5 IMD J . -12.05 -2.45 0.13
CAG H76 K . -26.46 2.28 -13.55
CAF H76 K . -25.96 1.73 -12.64
CAD H76 K . -25.31 1.06 -11.61
NAE H76 K . -25.23 2.07 -10.52
CAA H76 K . -23.82 2.11 -10.11
CAH H76 K . -23.68 2.22 -8.58
CAB H76 K . -23.25 0.81 -10.60
OAI H76 K . -23.76 -0.28 -9.80
CAC H76 K . -23.85 0.82 -11.97
OAJ H76 K . -23.65 -0.40 -12.60
S SO4 L . 21.09 -5.15 -35.49
O1 SO4 L . 20.70 -4.67 -34.13
O2 SO4 L . 20.64 -4.16 -36.50
O3 SO4 L . 22.57 -5.30 -35.54
O4 SO4 L . 20.40 -6.44 -35.72
N1 IMD M . 16.53 3.20 -5.18
C2 IMD M . 16.98 1.95 -4.90
N3 IMD M . 15.94 1.13 -4.56
C4 IMD M . 14.80 1.85 -4.63
C5 IMD M . 15.17 3.13 -5.02
CAG H76 N . 21.08 -12.43 -18.88
CAF H76 N . 21.11 -11.51 -18.24
CAD H76 N . 21.19 -10.34 -17.46
NAE H76 N . 21.83 -10.66 -16.14
CAA H76 N . 20.98 -10.07 -15.07
CAH H76 N . 21.78 -9.51 -13.87
CAB H76 N . 20.08 -9.02 -15.80
OAI H76 N . 20.81 -7.82 -16.09
CAC H76 N . 19.77 -9.82 -17.06
OAJ H76 N . 19.10 -9.05 -18.13
S SO4 O . 47.70 48.33 7.91
O1 SO4 O . 47.38 49.52 8.77
O2 SO4 O . 48.94 48.57 7.15
O3 SO4 O . 47.90 47.08 8.69
O4 SO4 O . 46.59 48.09 6.96
S SO4 P . 47.19 37.34 -11.54
O1 SO4 P . 47.86 38.63 -11.21
O2 SO4 P . 47.07 37.23 -13.02
O3 SO4 P . 48.01 36.21 -11.04
O4 SO4 P . 45.87 37.25 -10.90
N1 IMD Q . 24.72 39.56 -4.77
C2 IMD Q . 24.43 38.23 -4.95
N3 IMD Q . 23.44 37.88 -4.08
C4 IMD Q . 23.12 38.99 -3.38
C5 IMD Q . 23.92 40.05 -3.80
CAG H76 R . 44.87 38.84 -4.70
CAF H76 R . 43.73 38.49 -4.69
CAD H76 R . 42.27 38.04 -4.70
NAE H76 R . 41.63 38.38 -5.99
CAA H76 R . 40.29 38.95 -5.75
CAH H76 R . 39.23 38.46 -6.77
CAB H76 R . 40.01 38.50 -4.35
OAI H76 R . 39.67 37.14 -4.38
CAC H76 R . 41.41 38.84 -3.77
OAJ H76 R . 41.59 38.46 -2.41
#